data_7BAF
# 
_entry.id   7BAF 
# 
_audit_conform.dict_name       mmcif_pdbx.dic 
_audit_conform.dict_version    5.399 
_audit_conform.dict_location   http://mmcif.pdb.org/dictionaries/ascii/mmcif_pdbx.dic 
# 
loop_
_database_2.database_id 
_database_2.database_code 
_database_2.pdbx_database_accession 
_database_2.pdbx_DOI 
PDB   7BAF         pdb_00007baf 10.2210/pdb7baf/pdb 
WWPDB D_1292113049 ?            ?                   
# 
loop_
_pdbx_audit_revision_history.ordinal 
_pdbx_audit_revision_history.data_content_type 
_pdbx_audit_revision_history.major_revision 
_pdbx_audit_revision_history.minor_revision 
_pdbx_audit_revision_history.revision_date 
1 'Structure model' 1 0 2021-03-17 
2 'Structure model' 1 1 2021-03-24 
3 'Structure model' 1 2 2024-01-31 
4 'Structure model' 1 3 2024-11-20 
# 
_pdbx_audit_revision_details.ordinal             1 
_pdbx_audit_revision_details.revision_ordinal    1 
_pdbx_audit_revision_details.data_content_type   'Structure model' 
_pdbx_audit_revision_details.provider            repository 
_pdbx_audit_revision_details.type                'Initial release' 
_pdbx_audit_revision_details.description         ? 
_pdbx_audit_revision_details.details             ? 
# 
loop_
_pdbx_audit_revision_group.ordinal 
_pdbx_audit_revision_group.revision_ordinal 
_pdbx_audit_revision_group.data_content_type 
_pdbx_audit_revision_group.group 
1 2 'Structure model' 'Database references'    
2 3 'Structure model' 'Data collection'        
3 3 'Structure model' 'Database references'    
4 3 'Structure model' 'Refinement description' 
5 4 'Structure model' 'Structure summary'      
# 
loop_
_pdbx_audit_revision_category.ordinal 
_pdbx_audit_revision_category.revision_ordinal 
_pdbx_audit_revision_category.data_content_type 
_pdbx_audit_revision_category.category 
1 2 'Structure model' citation                      
2 3 'Structure model' chem_comp_atom                
3 3 'Structure model' chem_comp_bond                
4 3 'Structure model' database_2                    
5 3 'Structure model' pdbx_initial_refinement_model 
6 4 'Structure model' pdbx_entry_details            
7 4 'Structure model' pdbx_modification_feature     
# 
loop_
_pdbx_audit_revision_item.ordinal 
_pdbx_audit_revision_item.revision_ordinal 
_pdbx_audit_revision_item.data_content_type 
_pdbx_audit_revision_item.item 
1 2 'Structure model' '_citation.journal_volume'                     
2 2 'Structure model' '_citation.title'                              
3 3 'Structure model' '_database_2.pdbx_DOI'                         
4 3 'Structure model' '_database_2.pdbx_database_accession'          
5 4 'Structure model' '_pdbx_entry_details.has_protein_modification' 
# 
_pdbx_database_status.status_code                     REL 
_pdbx_database_status.status_code_sf                  REL 
_pdbx_database_status.status_code_mr                  ? 
_pdbx_database_status.entry_id                        7BAF 
_pdbx_database_status.recvd_initial_deposition_date   2020-12-15 
_pdbx_database_status.SG_entry                        N 
_pdbx_database_status.deposit_site                    PDBE 
_pdbx_database_status.process_site                    PDBE 
_pdbx_database_status.status_code_cs                  ? 
_pdbx_database_status.status_code_nmr_data            ? 
_pdbx_database_status.methods_development_category    ? 
_pdbx_database_status.pdb_format_compatible           Y 
# 
_pdbx_database_related.db_name        PDB 
_pdbx_database_related.details        'NMR structure of the same protein' 
_pdbx_database_related.db_id          2NC2 
_pdbx_database_related.content_type   unspecified 
# 
loop_
_audit_author.name 
_audit_author.pdbx_ordinal 
_audit_author.identifier_ORCID 
'Guagnini, F.'  1 0000-0003-3871-9064 
'Huber, A.'     2 ?                   
'Alex, J.M.'    3 ?                   
'Marx, F.'      4 0000-0002-8408-1842 
'Crowley, P.B.' 5 0000-0002-5365-0096 
# 
_citation.abstract                  ? 
_citation.abstract_id_CAS           ? 
_citation.book_id_ISBN              ? 
_citation.book_publisher            ? 
_citation.book_publisher_city       ? 
_citation.book_title                ? 
_citation.coordinate_linkage        ? 
_citation.country                   US 
_citation.database_id_Medline       ? 
_citation.details                   ? 
_citation.id                        primary 
_citation.journal_abbrev            J.Struct.Biol. 
_citation.journal_id_ASTM           JSBIEM 
_citation.journal_id_CSD            0803 
_citation.journal_id_ISSN           1095-8657 
_citation.journal_full              ? 
_citation.journal_issue             ? 
_citation.journal_volume            213 
_citation.language                  ? 
_citation.page_first                107711 
_citation.page_last                 107711 
_citation.title                     'Porous assembly of an antifungal protein mediated by zinc and sulfonato-calix[8]arene.' 
_citation.year                      2021 
_citation.database_id_CSD           ? 
_citation.pdbx_database_id_DOI      10.1016/j.jsb.2021.107711 
_citation.pdbx_database_id_PubMed   33631304 
_citation.unpublished_flag          ? 
# 
loop_
_citation_author.citation_id 
_citation_author.name 
_citation_author.ordinal 
_citation_author.identifier_ORCID 
primary 'Guagnini, F.'  1 ? 
primary 'Huber, A.'     2 ? 
primary 'Alex, J.M.'    3 ? 
primary 'Marx, F.'      4 ? 
primary 'Crowley, P.B.' 5 ? 
# 
loop_
_entity.id 
_entity.type 
_entity.src_method 
_entity.pdbx_description 
_entity.formula_weight 
_entity.pdbx_number_of_molecules 
_entity.pdbx_ec 
_entity.pdbx_mutation 
_entity.pdbx_fragment 
_entity.details 
1 polymer     man 'Antifungal protein' 6516.394 1  ? ? ? ? 
2 non-polymer syn 'ACETATE ION'        59.044   5  ? ? ? ? 
3 non-polymer syn 'ZINC ION'           65.409   3  ? ? ? ? 
4 water       nat water                18.015   48 ? ? ? ? 
# 
_entity_poly.entity_id                      1 
_entity_poly.type                           'polypeptide(L)' 
_entity_poly.nstd_linkage                   no 
_entity_poly.nstd_monomer                   no 
_entity_poly.pdbx_seq_one_letter_code       LSKFGGECSLKHNTCTYLKGGKNHVVNCGSAANKKCKSDRHHCEYDEHHKRVDCQTPV 
_entity_poly.pdbx_seq_one_letter_code_can   LSKFGGECSLKHNTCTYLKGGKNHVVNCGSAANKKCKSDRHHCEYDEHHKRVDCQTPV 
_entity_poly.pdbx_strand_id                 A 
_entity_poly.pdbx_target_identifier         ? 
# 
loop_
_pdbx_entity_nonpoly.entity_id 
_pdbx_entity_nonpoly.name 
_pdbx_entity_nonpoly.comp_id 
2 'ACETATE ION' ACT 
3 'ZINC ION'    ZN  
4 water         HOH 
# 
loop_
_entity_poly_seq.entity_id 
_entity_poly_seq.num 
_entity_poly_seq.mon_id 
_entity_poly_seq.hetero 
1 1  LEU n 
1 2  SER n 
1 3  LYS n 
1 4  PHE n 
1 5  GLY n 
1 6  GLY n 
1 7  GLU n 
1 8  CYS n 
1 9  SER n 
1 10 LEU n 
1 11 LYS n 
1 12 HIS n 
1 13 ASN n 
1 14 THR n 
1 15 CYS n 
1 16 THR n 
1 17 TYR n 
1 18 LEU n 
1 19 LYS n 
1 20 GLY n 
1 21 GLY n 
1 22 LYS n 
1 23 ASN n 
1 24 HIS n 
1 25 VAL n 
1 26 VAL n 
1 27 ASN n 
1 28 CYS n 
1 29 GLY n 
1 30 SER n 
1 31 ALA n 
1 32 ALA n 
1 33 ASN n 
1 34 LYS n 
1 35 LYS n 
1 36 CYS n 
1 37 LYS n 
1 38 SER n 
1 39 ASP n 
1 40 ARG n 
1 41 HIS n 
1 42 HIS n 
1 43 CYS n 
1 44 GLU n 
1 45 TYR n 
1 46 ASP n 
1 47 GLU n 
1 48 HIS n 
1 49 HIS n 
1 50 LYS n 
1 51 ARG n 
1 52 VAL n 
1 53 ASP n 
1 54 CYS n 
1 55 GLN n 
1 56 THR n 
1 57 PRO n 
1 58 VAL n 
# 
_entity_src_gen.entity_id                          1 
_entity_src_gen.pdbx_src_id                        1 
_entity_src_gen.pdbx_alt_source_flag               sample 
_entity_src_gen.pdbx_seq_type                      'Biological sequence' 
_entity_src_gen.pdbx_beg_seq_num                   1 
_entity_src_gen.pdbx_end_seq_num                   58 
_entity_src_gen.gene_src_common_name               ? 
_entity_src_gen.gene_src_genus                     ? 
_entity_src_gen.pdbx_gene_src_gene                 'afp, Pc12g08290' 
_entity_src_gen.gene_src_species                   ? 
_entity_src_gen.gene_src_strain                    'ATCC 28089 / DSM 1075 / NRRL 1951 / Wisconsin 54-1255' 
_entity_src_gen.gene_src_tissue                    ? 
_entity_src_gen.gene_src_tissue_fraction           ? 
_entity_src_gen.gene_src_details                   ? 
_entity_src_gen.pdbx_gene_src_fragment             ? 
_entity_src_gen.pdbx_gene_src_scientific_name      
'Penicillium rubens (strain ATCC 28089 / DSM 1075 / NRRL 1951 / Wisconsin 54-1255)' 
_entity_src_gen.pdbx_gene_src_ncbi_taxonomy_id     500485 
_entity_src_gen.pdbx_gene_src_variant              ? 
_entity_src_gen.pdbx_gene_src_cell_line            ? 
_entity_src_gen.pdbx_gene_src_atcc                 ? 
_entity_src_gen.pdbx_gene_src_organ                ? 
_entity_src_gen.pdbx_gene_src_organelle            ? 
_entity_src_gen.pdbx_gene_src_cell                 ? 
_entity_src_gen.pdbx_gene_src_cellular_location    ? 
_entity_src_gen.host_org_common_name               ? 
_entity_src_gen.pdbx_host_org_scientific_name      'Penicillium rubens Wisconsin 54-1255' 
_entity_src_gen.pdbx_host_org_ncbi_taxonomy_id     500485 
_entity_src_gen.host_org_genus                     ? 
_entity_src_gen.pdbx_host_org_gene                 ? 
_entity_src_gen.pdbx_host_org_organ                ? 
_entity_src_gen.host_org_species                   ? 
_entity_src_gen.pdbx_host_org_tissue               ? 
_entity_src_gen.pdbx_host_org_tissue_fraction      ? 
_entity_src_gen.pdbx_host_org_strain               ? 
_entity_src_gen.pdbx_host_org_variant              ? 
_entity_src_gen.pdbx_host_org_cell_line            ? 
_entity_src_gen.pdbx_host_org_atcc                 ? 
_entity_src_gen.pdbx_host_org_culture_collection   ? 
_entity_src_gen.pdbx_host_org_cell                 ? 
_entity_src_gen.pdbx_host_org_organelle            ? 
_entity_src_gen.pdbx_host_org_cellular_location    ? 
_entity_src_gen.pdbx_host_org_vector_type          ? 
_entity_src_gen.pdbx_host_org_vector               ? 
_entity_src_gen.host_org_details                   ? 
_entity_src_gen.expression_system_id               ? 
_entity_src_gen.plasmid_name                       ? 
_entity_src_gen.plasmid_details                    ? 
_entity_src_gen.pdbx_description                   ? 
# 
loop_
_chem_comp.id 
_chem_comp.type 
_chem_comp.mon_nstd_flag 
_chem_comp.name 
_chem_comp.pdbx_synonyms 
_chem_comp.formula 
_chem_comp.formula_weight 
ACT non-polymer         . 'ACETATE ION'   ? 'C2 H3 O2 -1'    59.044  
ALA 'L-peptide linking' y ALANINE         ? 'C3 H7 N O2'     89.093  
ARG 'L-peptide linking' y ARGININE        ? 'C6 H15 N4 O2 1' 175.209 
ASN 'L-peptide linking' y ASPARAGINE      ? 'C4 H8 N2 O3'    132.118 
ASP 'L-peptide linking' y 'ASPARTIC ACID' ? 'C4 H7 N O4'     133.103 
CYS 'L-peptide linking' y CYSTEINE        ? 'C3 H7 N O2 S'   121.158 
GLN 'L-peptide linking' y GLUTAMINE       ? 'C5 H10 N2 O3'   146.144 
GLU 'L-peptide linking' y 'GLUTAMIC ACID' ? 'C5 H9 N O4'     147.129 
GLY 'peptide linking'   y GLYCINE         ? 'C2 H5 N O2'     75.067  
HIS 'L-peptide linking' y HISTIDINE       ? 'C6 H10 N3 O2 1' 156.162 
HOH non-polymer         . WATER           ? 'H2 O'           18.015  
LEU 'L-peptide linking' y LEUCINE         ? 'C6 H13 N O2'    131.173 
LYS 'L-peptide linking' y LYSINE          ? 'C6 H15 N2 O2 1' 147.195 
PHE 'L-peptide linking' y PHENYLALANINE   ? 'C9 H11 N O2'    165.189 
PRO 'L-peptide linking' y PROLINE         ? 'C5 H9 N O2'     115.130 
SER 'L-peptide linking' y SERINE          ? 'C3 H7 N O3'     105.093 
THR 'L-peptide linking' y THREONINE       ? 'C4 H9 N O3'     119.119 
TYR 'L-peptide linking' y TYROSINE        ? 'C9 H11 N O3'    181.189 
VAL 'L-peptide linking' y VALINE          ? 'C5 H11 N O2'    117.146 
ZN  non-polymer         . 'ZINC ION'      ? 'Zn 2'           65.409  
# 
loop_
_pdbx_poly_seq_scheme.asym_id 
_pdbx_poly_seq_scheme.entity_id 
_pdbx_poly_seq_scheme.seq_id 
_pdbx_poly_seq_scheme.mon_id 
_pdbx_poly_seq_scheme.ndb_seq_num 
_pdbx_poly_seq_scheme.pdb_seq_num 
_pdbx_poly_seq_scheme.auth_seq_num 
_pdbx_poly_seq_scheme.pdb_mon_id 
_pdbx_poly_seq_scheme.auth_mon_id 
_pdbx_poly_seq_scheme.pdb_strand_id 
_pdbx_poly_seq_scheme.pdb_ins_code 
_pdbx_poly_seq_scheme.hetero 
A 1 1  LEU 1  -2 ?  ?   ?   A . n 
A 1 2  SER 2  -1 -1 SER SER A . n 
A 1 3  LYS 3  1  1  LYS LYS A . n 
A 1 4  PHE 4  2  2  PHE PHE A . n 
A 1 5  GLY 5  3  3  GLY GLY A . n 
A 1 6  GLY 6  4  4  GLY GLY A . n 
A 1 7  GLU 7  5  5  GLU GLU A . n 
A 1 8  CYS 8  6  6  CYS CYS A . n 
A 1 9  SER 9  7  7  SER SER A . n 
A 1 10 LEU 10 8  8  LEU LEU A . n 
A 1 11 LYS 11 9  9  LYS LYS A . n 
A 1 12 HIS 12 10 10 HIS HIS A . n 
A 1 13 ASN 13 11 11 ASN ASN A . n 
A 1 14 THR 14 12 12 THR THR A . n 
A 1 15 CYS 15 13 13 CYS CYS A . n 
A 1 16 THR 16 14 14 THR THR A . n 
A 1 17 TYR 17 15 15 TYR TYR A . n 
A 1 18 LEU 18 16 16 LEU LEU A . n 
A 1 19 LYS 19 17 17 LYS LYS A . n 
A 1 20 GLY 20 18 18 GLY GLY A . n 
A 1 21 GLY 21 19 19 GLY GLY A . n 
A 1 22 LYS 22 20 20 LYS LYS A . n 
A 1 23 ASN 23 21 21 ASN ASN A . n 
A 1 24 HIS 24 22 22 HIS HIS A . n 
A 1 25 VAL 25 23 23 VAL VAL A . n 
A 1 26 VAL 26 24 24 VAL VAL A . n 
A 1 27 ASN 27 25 25 ASN ASN A . n 
A 1 28 CYS 28 26 26 CYS CYS A . n 
A 1 29 GLY 29 27 27 GLY GLY A . n 
A 1 30 SER 30 28 28 SER SER A . n 
A 1 31 ALA 31 29 29 ALA ALA A . n 
A 1 32 ALA 32 30 30 ALA ALA A . n 
A 1 33 ASN 33 31 31 ASN ASN A . n 
A 1 34 LYS 34 32 32 LYS LYS A . n 
A 1 35 LYS 35 33 33 LYS LYS A . n 
A 1 36 CYS 36 34 34 CYS CYS A . n 
A 1 37 LYS 37 35 35 LYS LYS A . n 
A 1 38 SER 38 36 36 SER SER A . n 
A 1 39 ASP 39 37 37 ASP ASP A . n 
A 1 40 ARG 40 38 38 ARG ARG A . n 
A 1 41 HIS 41 39 39 HIS HIS A . n 
A 1 42 HIS 42 40 40 HIS HIS A . n 
A 1 43 CYS 43 41 41 CYS CYS A . n 
A 1 44 GLU 44 42 42 GLU GLU A . n 
A 1 45 TYR 45 43 43 TYR TYR A . n 
A 1 46 ASP 46 44 44 ASP ASP A . n 
A 1 47 GLU 47 45 45 GLU GLU A . n 
A 1 48 HIS 48 46 46 HIS HIS A . n 
A 1 49 HIS 49 47 47 HIS HIS A . n 
A 1 50 LYS 50 48 48 LYS LYS A . n 
A 1 51 ARG 51 49 49 ARG ARG A . n 
A 1 52 VAL 52 50 50 VAL VAL A . n 
A 1 53 ASP 53 51 51 ASP ASP A . n 
A 1 54 CYS 54 52 52 CYS CYS A . n 
A 1 55 GLN 55 53 53 GLN GLN A . n 
A 1 56 THR 56 54 54 THR THR A . n 
A 1 57 PRO 57 55 55 PRO PRO A . n 
A 1 58 VAL 58 56 56 VAL VAL A . n 
# 
_pdbx_entity_instance_feature.ordinal        1 
_pdbx_entity_instance_feature.comp_id        ZN 
_pdbx_entity_instance_feature.asym_id        ? 
_pdbx_entity_instance_feature.seq_num        ? 
_pdbx_entity_instance_feature.auth_comp_id   ZN 
_pdbx_entity_instance_feature.auth_asym_id   ? 
_pdbx_entity_instance_feature.auth_seq_num   ? 
_pdbx_entity_instance_feature.feature_type   'SUBJECT OF INVESTIGATION' 
_pdbx_entity_instance_feature.details        ? 
# 
loop_
_pdbx_nonpoly_scheme.asym_id 
_pdbx_nonpoly_scheme.entity_id 
_pdbx_nonpoly_scheme.mon_id 
_pdbx_nonpoly_scheme.ndb_seq_num 
_pdbx_nonpoly_scheme.pdb_seq_num 
_pdbx_nonpoly_scheme.auth_seq_num 
_pdbx_nonpoly_scheme.pdb_mon_id 
_pdbx_nonpoly_scheme.auth_mon_id 
_pdbx_nonpoly_scheme.pdb_strand_id 
_pdbx_nonpoly_scheme.pdb_ins_code 
B 2 ACT 1  101 101 ACT ACT A . 
C 2 ACT 1  102 201 ACT ACT A . 
D 2 ACT 1  103 301 ACT ACT A . 
E 2 ACT 1  104 401 ACT ACT A . 
F 2 ACT 1  105 501 ACT ACT A . 
G 3 ZN  1  106 1   ZN  ZN  A . 
H 3 ZN  1  107 2   ZN  ZN  A . 
I 3 ZN  1  108 3   ZN  ZN  A . 
J 4 HOH 1  201 49  HOH HOH A . 
J 4 HOH 2  202 27  HOH HOH A . 
J 4 HOH 3  203 19  HOH HOH A . 
J 4 HOH 4  204 30  HOH HOH A . 
J 4 HOH 5  205 22  HOH HOH A . 
J 4 HOH 6  206 34  HOH HOH A . 
J 4 HOH 7  207 7   HOH HOH A . 
J 4 HOH 8  208 8   HOH HOH A . 
J 4 HOH 9  209 38  HOH HOH A . 
J 4 HOH 10 210 1   HOH HOH A . 
J 4 HOH 11 211 21  HOH HOH A . 
J 4 HOH 12 212 25  HOH HOH A . 
J 4 HOH 13 213 4   HOH HOH A . 
J 4 HOH 14 214 39  HOH HOH A . 
J 4 HOH 15 215 36  HOH HOH A . 
J 4 HOH 16 216 46  HOH HOH A . 
J 4 HOH 17 217 31  HOH HOH A . 
J 4 HOH 18 218 14  HOH HOH A . 
J 4 HOH 19 219 2   HOH HOH A . 
J 4 HOH 20 220 37  HOH HOH A . 
J 4 HOH 21 221 10  HOH HOH A . 
J 4 HOH 22 222 3   HOH HOH A . 
J 4 HOH 23 223 29  HOH HOH A . 
J 4 HOH 24 224 6   HOH HOH A . 
J 4 HOH 25 225 51  HOH HOH A . 
J 4 HOH 26 226 12  HOH HOH A . 
J 4 HOH 27 227 50  HOH HOH A . 
J 4 HOH 28 228 28  HOH HOH A . 
J 4 HOH 29 229 5   HOH HOH A . 
J 4 HOH 30 230 42  HOH HOH A . 
J 4 HOH 31 231 13  HOH HOH A . 
J 4 HOH 32 232 20  HOH HOH A . 
J 4 HOH 33 233 35  HOH HOH A . 
J 4 HOH 34 234 24  HOH HOH A . 
J 4 HOH 35 235 18  HOH HOH A . 
J 4 HOH 36 236 9   HOH HOH A . 
J 4 HOH 37 237 52  HOH HOH A . 
J 4 HOH 38 238 41  HOH HOH A . 
J 4 HOH 39 239 53  HOH HOH A . 
J 4 HOH 40 240 23  HOH HOH A . 
J 4 HOH 41 241 15  HOH HOH A . 
J 4 HOH 42 242 26  HOH HOH A . 
J 4 HOH 43 243 11  HOH HOH A . 
J 4 HOH 44 244 45  HOH HOH A . 
J 4 HOH 45 245 16  HOH HOH A . 
J 4 HOH 46 246 33  HOH HOH A . 
J 4 HOH 47 247 40  HOH HOH A . 
J 4 HOH 48 248 17  HOH HOH A . 
# 
loop_
_software.citation_id 
_software.classification 
_software.compiler_name 
_software.compiler_version 
_software.contact_author 
_software.contact_author_email 
_software.date 
_software.description 
_software.dependencies 
_software.hardware 
_software.language 
_software.location 
_software.mods 
_software.name 
_software.os 
_software.os_version 
_software.type 
_software.version 
_software.pdbx_ordinal 
? refinement        ? ? ? ? ? ? ? ? ? ? ? BUSTER      ? ? ? '2.10.3 (18-SEP-2020)' 1 
? 'data scaling'    ? ? ? ? ? ? ? ? ? ? ? Aimless     ? ? ? 0.7.4                  2 
? 'data extraction' ? ? ? ? ? ? ? ? ? ? ? PDB_EXTRACT ? ? ? 3.27                   3 
? 'data reduction'  ? ? ? ? ? ? ? ? ? ? ? pointless   ? ? ? .                      4 
? phasing           ? ? ? ? ? ? ? ? ? ? ? PHASER      ? ? ? .                      5 
# 
_cell.angle_alpha                  90.000 
_cell.angle_alpha_esd              ? 
_cell.angle_beta                   90.000 
_cell.angle_beta_esd               ? 
_cell.angle_gamma                  120.000 
_cell.angle_gamma_esd              ? 
_cell.entry_id                     7BAF 
_cell.details                      ? 
_cell.formula_units_Z              ? 
_cell.length_a                     32.942 
_cell.length_a_esd                 ? 
_cell.length_b                     32.942 
_cell.length_b_esd                 ? 
_cell.length_c                     42.825 
_cell.length_c_esd                 ? 
_cell.volume                       ? 
_cell.volume_esd                   ? 
_cell.Z_PDB                        3 
_cell.reciprocal_angle_alpha       ? 
_cell.reciprocal_angle_beta        ? 
_cell.reciprocal_angle_gamma       ? 
_cell.reciprocal_angle_alpha_esd   ? 
_cell.reciprocal_angle_beta_esd    ? 
_cell.reciprocal_angle_gamma_esd   ? 
_cell.reciprocal_length_a          ? 
_cell.reciprocal_length_b          ? 
_cell.reciprocal_length_c          ? 
_cell.reciprocal_length_a_esd      ? 
_cell.reciprocal_length_b_esd      ? 
_cell.reciprocal_length_c_esd      ? 
_cell.pdbx_unique_axis             ? 
# 
_symmetry.entry_id                         7BAF 
_symmetry.cell_setting                     ? 
_symmetry.Int_Tables_number                144 
_symmetry.space_group_name_Hall            ? 
_symmetry.space_group_name_H-M             'P 31' 
_symmetry.pdbx_full_space_group_name_H-M   ? 
# 
_exptl.absorpt_coefficient_mu     ? 
_exptl.absorpt_correction_T_max   ? 
_exptl.absorpt_correction_T_min   ? 
_exptl.absorpt_correction_type    ? 
_exptl.absorpt_process_details    ? 
_exptl.entry_id                   7BAF 
_exptl.crystals_number            1 
_exptl.details                    ? 
_exptl.method                     'X-RAY DIFFRACTION' 
_exptl.method_details             ? 
# 
_exptl_crystal.colour                      ? 
_exptl_crystal.density_diffrn              ? 
_exptl_crystal.density_Matthews            2.06 
_exptl_crystal.density_method              ? 
_exptl_crystal.density_percent_sol         40 
_exptl_crystal.description                 ? 
_exptl_crystal.F_000                       ? 
_exptl_crystal.id                          1 
_exptl_crystal.preparation                 ? 
_exptl_crystal.size_max                    ? 
_exptl_crystal.size_mid                    ? 
_exptl_crystal.size_min                    ? 
_exptl_crystal.size_rad                    ? 
_exptl_crystal.colour_lustre               ? 
_exptl_crystal.colour_modifier             ? 
_exptl_crystal.colour_primary              ? 
_exptl_crystal.density_meas                ? 
_exptl_crystal.density_meas_esd            ? 
_exptl_crystal.density_meas_gt             ? 
_exptl_crystal.density_meas_lt             ? 
_exptl_crystal.density_meas_temp           ? 
_exptl_crystal.density_meas_temp_esd       ? 
_exptl_crystal.density_meas_temp_gt        ? 
_exptl_crystal.density_meas_temp_lt        ? 
_exptl_crystal.pdbx_crystal_image_url      ? 
_exptl_crystal.pdbx_crystal_image_format   ? 
_exptl_crystal.pdbx_mosaicity              ? 
_exptl_crystal.pdbx_mosaicity_esd          ? 
# 
_exptl_crystal_grow.apparatus       ? 
_exptl_crystal_grow.atmosphere      ? 
_exptl_crystal_grow.crystal_id      1 
_exptl_crystal_grow.details         ? 
_exptl_crystal_grow.method          'VAPOR DIFFUSION, SITTING DROP' 
_exptl_crystal_grow.method_ref      ? 
_exptl_crystal_grow.pH              5.5 
_exptl_crystal_grow.pressure        ? 
_exptl_crystal_grow.pressure_esd    ? 
_exptl_crystal_grow.seeding         ? 
_exptl_crystal_grow.seeding_ref     ? 
_exptl_crystal_grow.temp            293.15 
_exptl_crystal_grow.temp_details    ? 
_exptl_crystal_grow.temp_esd        ? 
_exptl_crystal_grow.time            ? 
_exptl_crystal_grow.pdbx_details    
;0.1 M BIS-TRIS pH 5.5, 25 % PEG 3350, 
0.2 M NH4CH3COO
;
_exptl_crystal_grow.pdbx_pH_range   ? 
# 
_diffrn.ambient_environment              ? 
_diffrn.ambient_temp                     100 
_diffrn.ambient_temp_details             ? 
_diffrn.ambient_temp_esd                 ? 
_diffrn.crystal_id                       1 
_diffrn.crystal_support                  ? 
_diffrn.crystal_treatment                ? 
_diffrn.details                          ? 
_diffrn.id                               1 
_diffrn.ambient_pressure                 ? 
_diffrn.ambient_pressure_esd             ? 
_diffrn.ambient_pressure_gt              ? 
_diffrn.ambient_pressure_lt              ? 
_diffrn.ambient_temp_gt                  ? 
_diffrn.ambient_temp_lt                  ? 
_diffrn.pdbx_serial_crystal_experiment   N 
# 
_diffrn_detector.details                      ? 
_diffrn_detector.detector                     PIXEL 
_diffrn_detector.diffrn_id                    1 
_diffrn_detector.type                         'DECTRIS EIGER2 X 9M' 
_diffrn_detector.area_resol_mean              ? 
_diffrn_detector.dtime                        ? 
_diffrn_detector.pdbx_frames_total            ? 
_diffrn_detector.pdbx_collection_time_total   ? 
_diffrn_detector.pdbx_collection_date         2019-09-21 
_diffrn_detector.pdbx_frequency               ? 
# 
_diffrn_radiation.collimation                      ? 
_diffrn_radiation.diffrn_id                        1 
_diffrn_radiation.filter_edge                      ? 
_diffrn_radiation.inhomogeneity                    ? 
_diffrn_radiation.monochromator                    ? 
_diffrn_radiation.polarisn_norm                    ? 
_diffrn_radiation.polarisn_ratio                   ? 
_diffrn_radiation.probe                            ? 
_diffrn_radiation.type                             ? 
_diffrn_radiation.xray_symbol                      ? 
_diffrn_radiation.wavelength_id                    1 
_diffrn_radiation.pdbx_monochromatic_or_laue_m_l   M 
_diffrn_radiation.pdbx_wavelength_list             ? 
_diffrn_radiation.pdbx_wavelength                  ? 
_diffrn_radiation.pdbx_diffrn_protocol             'SINGLE WAVELENGTH' 
_diffrn_radiation.pdbx_analyzer                    ? 
_diffrn_radiation.pdbx_scattering_type             x-ray 
# 
_diffrn_radiation_wavelength.id           1 
_diffrn_radiation_wavelength.wavelength   0.98013 
_diffrn_radiation_wavelength.wt           1.0 
# 
_diffrn_source.current                     ? 
_diffrn_source.details                     ? 
_diffrn_source.diffrn_id                   1 
_diffrn_source.power                       ? 
_diffrn_source.size                        ? 
_diffrn_source.source                      SYNCHROTRON 
_diffrn_source.target                      ? 
_diffrn_source.type                        'SOLEIL BEAMLINE PROXIMA 2' 
_diffrn_source.voltage                     ? 
_diffrn_source.take-off_angle              ? 
_diffrn_source.pdbx_wavelength_list        0.98013 
_diffrn_source.pdbx_wavelength             ? 
_diffrn_source.pdbx_synchrotron_beamline   'PROXIMA 2' 
_diffrn_source.pdbx_synchrotron_site       SOLEIL 
# 
_reflns.B_iso_Wilson_estimate            7.960 
_reflns.entry_id                         7BAF 
_reflns.data_reduction_details           ? 
_reflns.data_reduction_method            ? 
_reflns.d_resolution_high                1.120 
_reflns.d_resolution_low                 28.530 
_reflns.details                          ? 
_reflns.limit_h_max                      ? 
_reflns.limit_h_min                      ? 
_reflns.limit_k_max                      ? 
_reflns.limit_k_min                      ? 
_reflns.limit_l_max                      ? 
_reflns.limit_l_min                      ? 
_reflns.number_all                       ? 
_reflns.number_obs                       19859 
_reflns.observed_criterion               ? 
_reflns.observed_criterion_F_max         ? 
_reflns.observed_criterion_F_min         ? 
_reflns.observed_criterion_I_max         ? 
_reflns.observed_criterion_I_min         ? 
_reflns.observed_criterion_sigma_F       ? 
_reflns.observed_criterion_sigma_I       ? 
_reflns.percent_possible_obs             99.900 
_reflns.R_free_details                   ? 
_reflns.Rmerge_F_all                     ? 
_reflns.Rmerge_F_obs                     ? 
_reflns.Friedel_coverage                 ? 
_reflns.number_gt                        ? 
_reflns.threshold_expression             ? 
_reflns.pdbx_redundancy                  9.400 
_reflns.pdbx_Rmerge_I_obs                0.163 
_reflns.pdbx_Rmerge_I_all                ? 
_reflns.pdbx_Rsym_value                  ? 
_reflns.pdbx_netI_over_av_sigmaI         ? 
_reflns.pdbx_netI_over_sigmaI            10.400 
_reflns.pdbx_res_netI_over_av_sigmaI_2   ? 
_reflns.pdbx_res_netI_over_sigmaI_2      ? 
_reflns.pdbx_chi_squared                 ? 
_reflns.pdbx_scaling_rejects             1456 
_reflns.pdbx_d_res_high_opt              ? 
_reflns.pdbx_d_res_low_opt               ? 
_reflns.pdbx_d_res_opt_method            ? 
_reflns.phase_calculation_details        ? 
_reflns.pdbx_Rrim_I_all                  0.172 
_reflns.pdbx_Rpim_I_all                  0.055 
_reflns.pdbx_d_opt                       ? 
_reflns.pdbx_number_measured_all         186816 
_reflns.pdbx_diffrn_id                   1 
_reflns.pdbx_ordinal                     1 
_reflns.pdbx_CC_half                     0.995 
_reflns.pdbx_CC_star                     ? 
_reflns.pdbx_R_split                     ? 
# 
loop_
_reflns_shell.d_res_high 
_reflns_shell.d_res_low 
_reflns_shell.meanI_over_sigI_all 
_reflns_shell.meanI_over_sigI_obs 
_reflns_shell.number_measured_all 
_reflns_shell.number_measured_obs 
_reflns_shell.number_possible 
_reflns_shell.number_unique_all 
_reflns_shell.number_unique_obs 
_reflns_shell.percent_possible_all 
_reflns_shell.percent_possible_obs 
_reflns_shell.Rmerge_F_all 
_reflns_shell.Rmerge_F_obs 
_reflns_shell.Rmerge_I_all 
_reflns_shell.Rmerge_I_obs 
_reflns_shell.meanI_over_sigI_gt 
_reflns_shell.meanI_over_uI_all 
_reflns_shell.meanI_over_uI_gt 
_reflns_shell.number_measured_gt 
_reflns_shell.number_unique_gt 
_reflns_shell.percent_possible_gt 
_reflns_shell.Rmerge_F_gt 
_reflns_shell.Rmerge_I_gt 
_reflns_shell.pdbx_redundancy 
_reflns_shell.pdbx_Rsym_value 
_reflns_shell.pdbx_chi_squared 
_reflns_shell.pdbx_netI_over_sigmaI_all 
_reflns_shell.pdbx_netI_over_sigmaI_obs 
_reflns_shell.pdbx_Rrim_I_all 
_reflns_shell.pdbx_Rpim_I_all 
_reflns_shell.pdbx_rejects 
_reflns_shell.pdbx_ordinal 
_reflns_shell.pdbx_diffrn_id 
_reflns_shell.pdbx_CC_half 
_reflns_shell.pdbx_CC_star 
_reflns_shell.pdbx_R_split 
1.120 1.180  ? ? 21226 ? ? ? 2894 99.500 ? ? ? ? 1.014 ? ? ? ? ? ? ? ? 7.300 ? ? ? 2.600  1.095 0.405 ? 1 1 0.691 ? ? 
3.550 28.530 ? ? 6205  ? ? ? 631  99.900 ? ? ? ? 0.116 ? ? ? ? ? ? ? ? 9.800 ? ? ? 23.000 0.122 0.038 ? 2 1 0.991 ? ? 
# 
_refine.aniso_B[1][1]                            -1.3681 
_refine.aniso_B[1][2]                            0.0000 
_refine.aniso_B[1][3]                            0.0000 
_refine.aniso_B[2][2]                            -1.3681 
_refine.aniso_B[2][3]                            0.0000 
_refine.aniso_B[3][3]                            2.7363 
_refine.B_iso_max                                37.100 
_refine.B_iso_mean                               13.0400 
_refine.B_iso_min                                5.210 
_refine.correlation_coeff_Fo_to_Fc               0.9370 
_refine.correlation_coeff_Fo_to_Fc_free          0.9530 
_refine.details                                  
;HYDROGENS WERE FULLY REFINED WITH ZERO OCCUPANCY AT NUCLEAR POSITION.  REFINEMENT NOTES. NUMBER OF REFINEMENT NOTES :   1 NOTE   1 : IDEAL-DIST CONTACT TERM CONTACT SETUP. ALL ATOMS HAVE CCP4 ATOM TYPE FROM LIBRARY
;
_refine.diff_density_max                         ? 
_refine.diff_density_max_esd                     ? 
_refine.diff_density_min                         ? 
_refine.diff_density_min_esd                     ? 
_refine.diff_density_rms                         ? 
_refine.diff_density_rms_esd                     ? 
_refine.entry_id                                 7BAF 
_refine.pdbx_refine_id                           'X-RAY DIFFRACTION' 
_refine.ls_abs_structure_details                 ? 
_refine.ls_abs_structure_Flack                   ? 
_refine.ls_abs_structure_Flack_esd               ? 
_refine.ls_abs_structure_Rogers                  ? 
_refine.ls_abs_structure_Rogers_esd              ? 
_refine.ls_d_res_high                            1.1230 
_refine.ls_d_res_low                             28.5300 
_refine.ls_extinction_coef                       ? 
_refine.ls_extinction_coef_esd                   ? 
_refine.ls_extinction_expression                 ? 
_refine.ls_extinction_method                     ? 
_refine.ls_goodness_of_fit_all                   ? 
_refine.ls_goodness_of_fit_all_esd               ? 
_refine.ls_goodness_of_fit_obs                   ? 
_refine.ls_goodness_of_fit_obs_esd               ? 
_refine.ls_hydrogen_treatment                    ? 
_refine.ls_matrix_type                           ? 
_refine.ls_number_constraints                    ? 
_refine.ls_number_parameters                     ? 
_refine.ls_number_reflns_all                     ? 
_refine.ls_number_reflns_obs                     19755 
_refine.ls_number_reflns_R_free                  952 
_refine.ls_number_reflns_R_work                  ? 
_refine.ls_number_restraints                     ? 
_refine.ls_percent_reflns_obs                    99.5000 
_refine.ls_percent_reflns_R_free                 4.8200 
_refine.ls_R_factor_all                          ? 
_refine.ls_R_factor_obs                          0.1818 
_refine.ls_R_factor_R_free                       0.1852 
_refine.ls_R_factor_R_free_error                 ? 
_refine.ls_R_factor_R_free_error_details         ? 
_refine.ls_R_factor_R_work                       0.1816 
_refine.ls_R_Fsqd_factor_obs                     ? 
_refine.ls_R_I_factor_obs                        ? 
_refine.ls_redundancy_reflns_all                 ? 
_refine.ls_redundancy_reflns_obs                 ? 
_refine.ls_restrained_S_all                      ? 
_refine.ls_restrained_S_obs                      ? 
_refine.ls_shift_over_esd_max                    ? 
_refine.ls_shift_over_esd_mean                   ? 
_refine.ls_structure_factor_coef                 ? 
_refine.ls_weighting_details                     ? 
_refine.ls_weighting_scheme                      ? 
_refine.ls_wR_factor_all                         ? 
_refine.ls_wR_factor_obs                         ? 
_refine.ls_wR_factor_R_free                      ? 
_refine.ls_wR_factor_R_work                      ? 
_refine.occupancy_max                            ? 
_refine.occupancy_min                            ? 
_refine.solvent_model_details                    ? 
_refine.solvent_model_param_bsol                 ? 
_refine.solvent_model_param_ksol                 ? 
_refine.pdbx_R_complete                          ? 
_refine.ls_R_factor_gt                           ? 
_refine.ls_goodness_of_fit_gt                    ? 
_refine.ls_goodness_of_fit_ref                   ? 
_refine.ls_shift_over_su_max                     ? 
_refine.ls_shift_over_su_max_lt                  ? 
_refine.ls_shift_over_su_mean                    ? 
_refine.ls_shift_over_su_mean_lt                 ? 
_refine.pdbx_ls_sigma_I                          ? 
_refine.pdbx_ls_sigma_F                          0.000 
_refine.pdbx_ls_sigma_Fsqd                       ? 
_refine.pdbx_data_cutoff_high_absF               ? 
_refine.pdbx_data_cutoff_high_rms_absF           ? 
_refine.pdbx_data_cutoff_low_absF                ? 
_refine.pdbx_isotropic_thermal_model             ? 
_refine.pdbx_ls_cross_valid_method               THROUGHOUT 
_refine.pdbx_method_to_determine_struct          'MOLECULAR REPLACEMENT' 
_refine.pdbx_starting_model                      6HAJ 
_refine.pdbx_stereochemistry_target_values       ? 
_refine.pdbx_R_Free_selection_details            RANDOM 
_refine.pdbx_stereochem_target_val_spec_case     ? 
_refine.pdbx_overall_ESU_R                       ? 
_refine.pdbx_overall_ESU_R_Free                  ? 
_refine.pdbx_solvent_vdw_probe_radii             ? 
_refine.pdbx_solvent_ion_probe_radii             ? 
_refine.pdbx_solvent_shrinkage_radii             ? 
_refine.pdbx_real_space_R                        ? 
_refine.pdbx_density_correlation                 ? 
_refine.pdbx_pd_number_of_powder_patterns        ? 
_refine.pdbx_pd_number_of_points                 ? 
_refine.pdbx_pd_meas_number_of_points            ? 
_refine.pdbx_pd_proc_ls_prof_R_factor            ? 
_refine.pdbx_pd_proc_ls_prof_wR_factor           ? 
_refine.pdbx_pd_Marquardt_correlation_coeff      ? 
_refine.pdbx_pd_Fsqrd_R_factor                   ? 
_refine.pdbx_pd_ls_matrix_band_width             ? 
_refine.pdbx_overall_phase_error                 ? 
_refine.pdbx_overall_SU_R_free_Cruickshank_DPI   0.0330 
_refine.pdbx_overall_SU_R_free_Blow_DPI          0.0340 
_refine.pdbx_overall_SU_R_Blow_DPI               0.0350 
_refine.pdbx_TLS_residual_ADP_flag               ? 
_refine.pdbx_diffrn_id                           1 
_refine.overall_SU_B                             ? 
_refine.overall_SU_ML                            ? 
_refine.overall_SU_R_Cruickshank_DPI             0.0350 
_refine.overall_SU_R_free                        ? 
_refine.overall_FOM_free_R_set                   ? 
_refine.overall_FOM_work_R_set                   ? 
_refine.pdbx_average_fsc_overall                 ? 
_refine.pdbx_average_fsc_work                    ? 
_refine.pdbx_average_fsc_free                    ? 
# 
_refine_analyze.entry_id                        7BAF 
_refine_analyze.pdbx_refine_id                  'X-RAY DIFFRACTION' 
_refine_analyze.Luzzati_coordinate_error_free   ? 
_refine_analyze.Luzzati_coordinate_error_obs    0.140 
_refine_analyze.Luzzati_d_res_low_free          ? 
_refine_analyze.Luzzati_d_res_low_obs           ? 
_refine_analyze.Luzzati_sigma_a_free            ? 
_refine_analyze.Luzzati_sigma_a_free_details    ? 
_refine_analyze.Luzzati_sigma_a_obs             ? 
_refine_analyze.Luzzati_sigma_a_obs_details     ? 
_refine_analyze.number_disordered_residues      ? 
_refine_analyze.occupancy_sum_hydrogen          ? 
_refine_analyze.occupancy_sum_non_hydrogen      ? 
_refine_analyze.RG_d_res_high                   ? 
_refine_analyze.RG_d_res_low                    ? 
_refine_analyze.RG_free                         ? 
_refine_analyze.RG_work                         ? 
_refine_analyze.RG_free_work_ratio              ? 
_refine_analyze.pdbx_Luzzati_d_res_high_obs     ? 
# 
_refine_hist.pdbx_refine_id                   'X-RAY DIFFRACTION' 
_refine_hist.cycle_id                         final 
_refine_hist.details                          ? 
_refine_hist.d_res_high                       1.1230 
_refine_hist.d_res_low                        28.5300 
_refine_hist.number_atoms_solvent             48 
_refine_hist.number_atoms_total               515 
_refine_hist.number_reflns_all                ? 
_refine_hist.number_reflns_obs                ? 
_refine_hist.number_reflns_R_free             ? 
_refine_hist.number_reflns_R_work             ? 
_refine_hist.R_factor_all                     ? 
_refine_hist.R_factor_obs                     ? 
_refine_hist.R_factor_R_free                  ? 
_refine_hist.R_factor_R_work                  ? 
_refine_hist.pdbx_number_residues_total       57 
_refine_hist.pdbx_B_iso_mean_ligand           15.08 
_refine_hist.pdbx_B_iso_mean_solvent          18.32 
_refine_hist.pdbx_number_atoms_protein        444 
_refine_hist.pdbx_number_atoms_nucleic_acid   0 
_refine_hist.pdbx_number_atoms_ligand         23 
_refine_hist.pdbx_number_atoms_lipid          ? 
_refine_hist.pdbx_number_atoms_carb           ? 
_refine_hist.pdbx_pseudo_atom_details         ? 
# 
loop_
_refine_ls_restr.pdbx_refine_id 
_refine_ls_restr.criterion 
_refine_ls_restr.dev_ideal 
_refine_ls_restr.dev_ideal_target 
_refine_ls_restr.number 
_refine_ls_restr.rejects 
_refine_ls_restr.type 
_refine_ls_restr.weight 
_refine_ls_restr.pdbx_restraint_function 
'X-RAY DIFFRACTION' ? ?      ? 165 ? t_dihedral_angle_d        2.000  SINUSOIDAL   
'X-RAY DIFFRACTION' ? ?      ? ?   ? t_trig_c_planes           ?      ?            
'X-RAY DIFFRACTION' ? ?      ? 84  ? t_gen_planes              5.000  HARMONIC     
'X-RAY DIFFRACTION' ? ?      ? 471 ? t_it                      10.000 HARMONIC     
'X-RAY DIFFRACTION' ? ?      ? ?   ? t_nbd                     ?      ?            
'X-RAY DIFFRACTION' ? ?      ? ?   ? t_improper_torsion        ?      ?            
'X-RAY DIFFRACTION' ? ?      ? ?   ? t_pseud_angle             ?      ?            
'X-RAY DIFFRACTION' ? ?      ? 55  ? t_chiral_improper_torsion 5.000  SEMIHARMONIC 
'X-RAY DIFFRACTION' ? ?      ? ?   ? t_sum_occupancies         ?      ?            
'X-RAY DIFFRACTION' ? ?      ? ?   ? t_utility_distance        ?      ?            
'X-RAY DIFFRACTION' ? ?      ? ?   ? t_utility_angle           ?      ?            
'X-RAY DIFFRACTION' ? ?      ? ?   ? t_utility_torsion         ?      ?            
'X-RAY DIFFRACTION' ? ?      ? 461 ? t_ideal_dist_contact      4.000  SEMIHARMONIC 
'X-RAY DIFFRACTION' ? 0.009  ? 477 ? t_bond_d                  2.000  HARMONIC     
'X-RAY DIFFRACTION' ? 1.070  ? 638 ? t_angle_deg               2.000  HARMONIC     
'X-RAY DIFFRACTION' ? 3.280  ? ?   ? t_omega_torsion           ?      ?            
'X-RAY DIFFRACTION' ? 13.000 ? ?   ? t_other_torsion           ?      ?            
# 
_refine_ls_shell.pdbx_refine_id                   'X-RAY DIFFRACTION' 
_refine_ls_shell.d_res_high                       1.1230 
_refine_ls_shell.d_res_low                        1.1300 
_refine_ls_shell.number_reflns_all                ? 
_refine_ls_shell.number_reflns_obs                ? 
_refine_ls_shell.number_reflns_R_free             24 
_refine_ls_shell.number_reflns_R_work             397 
_refine_ls_shell.percent_reflns_obs               86.8500 
_refine_ls_shell.percent_reflns_R_free            5.7000 
_refine_ls_shell.R_factor_all                     ? 
_refine_ls_shell.R_factor_obs                     ? 
_refine_ls_shell.R_factor_R_free                  0.2352 
_refine_ls_shell.R_factor_R_free_error            0.0000 
_refine_ls_shell.R_factor_R_work                  0.2008 
_refine_ls_shell.redundancy_reflns_all            ? 
_refine_ls_shell.redundancy_reflns_obs            ? 
_refine_ls_shell.wR_factor_all                    ? 
_refine_ls_shell.wR_factor_obs                    ? 
_refine_ls_shell.wR_factor_R_free                 ? 
_refine_ls_shell.wR_factor_R_work                 ? 
_refine_ls_shell.pdbx_R_complete                  ? 
_refine_ls_shell.pdbx_total_number_of_bins_used   ? 
_refine_ls_shell.pdbx_phase_error                 ? 
_refine_ls_shell.pdbx_fsc_work                    ? 
_refine_ls_shell.pdbx_fsc_free                    ? 
# 
_struct.entry_id                     7BAF 
_struct.title                        'Crystal structure of PAFB in complex with zinc' 
_struct.pdbx_model_details           ? 
_struct.pdbx_formula_weight          ? 
_struct.pdbx_formula_weight_method   ? 
_struct.pdbx_model_type_details      ? 
_struct.pdbx_CASP_flag               N 
# 
_struct_keywords.entry_id        7BAF 
_struct_keywords.text            
'Penicillium chrysogenum antifungal protein B, calix[n]arene, zinc, porous framework, molecular recognition, ANTIFUNGAL PROTEIN' 
_struct_keywords.pdbx_keywords   'ANTIFUNGAL PROTEIN' 
# 
loop_
_struct_asym.id 
_struct_asym.pdbx_blank_PDB_chainid_flag 
_struct_asym.pdbx_modified 
_struct_asym.entity_id 
_struct_asym.details 
A N N 1 ? 
B N N 2 ? 
C N N 2 ? 
D N N 2 ? 
E N N 2 ? 
F N N 2 ? 
G N N 3 ? 
H N N 3 ? 
I N N 3 ? 
J N N 4 ? 
# 
_struct_ref.id                         1 
_struct_ref.db_name                    UNP 
_struct_ref.db_code                    AFP_PENRW 
_struct_ref.pdbx_db_accession          B6GXZ8 
_struct_ref.pdbx_db_isoform            ? 
_struct_ref.entity_id                  1 
_struct_ref.pdbx_seq_one_letter_code   LSKFGGECSLKHNTCTYLKGGKNHVVNCGSAANKKCKSDRHHCEYDEHHKRVDCQTPV 
_struct_ref.pdbx_align_begin           35 
# 
_struct_ref_seq.align_id                      1 
_struct_ref_seq.ref_id                        1 
_struct_ref_seq.pdbx_PDB_id_code              7BAF 
_struct_ref_seq.pdbx_strand_id                A 
_struct_ref_seq.seq_align_beg                 1 
_struct_ref_seq.pdbx_seq_align_beg_ins_code   ? 
_struct_ref_seq.seq_align_end                 58 
_struct_ref_seq.pdbx_seq_align_end_ins_code   ? 
_struct_ref_seq.pdbx_db_accession             B6GXZ8 
_struct_ref_seq.db_align_beg                  35 
_struct_ref_seq.pdbx_db_align_beg_ins_code    ? 
_struct_ref_seq.db_align_end                  92 
_struct_ref_seq.pdbx_db_align_end_ins_code    ? 
_struct_ref_seq.pdbx_auth_seq_align_beg       -2 
_struct_ref_seq.pdbx_auth_seq_align_end       56 
# 
_pdbx_struct_assembly.id                   1 
_pdbx_struct_assembly.details              author_and_software_defined_assembly 
_pdbx_struct_assembly.method_details       PISA 
_pdbx_struct_assembly.oligomeric_details   monomeric 
_pdbx_struct_assembly.oligomeric_count     1 
# 
loop_
_pdbx_struct_assembly_prop.biol_id 
_pdbx_struct_assembly_prop.type 
_pdbx_struct_assembly_prop.value 
_pdbx_struct_assembly_prop.details 
1 'ABSA (A^2)' 1020 ? 
1 MORE         -67  ? 
1 'SSA (A^2)'  4090 ? 
# 
_pdbx_struct_assembly_gen.assembly_id       1 
_pdbx_struct_assembly_gen.oper_expression   1 
_pdbx_struct_assembly_gen.asym_id_list      A,B,C,D,E,F,G,H,I,J 
# 
_pdbx_struct_assembly_auth_evidence.id                     1 
_pdbx_struct_assembly_auth_evidence.assembly_id            1 
_pdbx_struct_assembly_auth_evidence.experimental_support   'NMR relaxation study' 
_pdbx_struct_assembly_auth_evidence.details                ? 
# 
_pdbx_struct_oper_list.id                   1 
_pdbx_struct_oper_list.type                 'identity operation' 
_pdbx_struct_oper_list.name                 1_555 
_pdbx_struct_oper_list.symmetry_operation   x,y,z 
_pdbx_struct_oper_list.matrix[1][1]         1.0000000000 
_pdbx_struct_oper_list.matrix[1][2]         0.0000000000 
_pdbx_struct_oper_list.matrix[1][3]         0.0000000000 
_pdbx_struct_oper_list.vector[1]            0.0000000000 
_pdbx_struct_oper_list.matrix[2][1]         0.0000000000 
_pdbx_struct_oper_list.matrix[2][2]         1.0000000000 
_pdbx_struct_oper_list.matrix[2][3]         0.0000000000 
_pdbx_struct_oper_list.vector[2]            0.0000000000 
_pdbx_struct_oper_list.matrix[3][1]         0.0000000000 
_pdbx_struct_oper_list.matrix[3][2]         0.0000000000 
_pdbx_struct_oper_list.matrix[3][3]         1.0000000000 
_pdbx_struct_oper_list.vector[3]            0.0000000000 
# 
loop_
_struct_conn.id 
_struct_conn.conn_type_id 
_struct_conn.pdbx_leaving_atom_flag 
_struct_conn.pdbx_PDB_id 
_struct_conn.ptnr1_label_asym_id 
_struct_conn.ptnr1_label_comp_id 
_struct_conn.ptnr1_label_seq_id 
_struct_conn.ptnr1_label_atom_id 
_struct_conn.pdbx_ptnr1_label_alt_id 
_struct_conn.pdbx_ptnr1_PDB_ins_code 
_struct_conn.pdbx_ptnr1_standard_comp_id 
_struct_conn.ptnr1_symmetry 
_struct_conn.ptnr2_label_asym_id 
_struct_conn.ptnr2_label_comp_id 
_struct_conn.ptnr2_label_seq_id 
_struct_conn.ptnr2_label_atom_id 
_struct_conn.pdbx_ptnr2_label_alt_id 
_struct_conn.pdbx_ptnr2_PDB_ins_code 
_struct_conn.ptnr1_auth_asym_id 
_struct_conn.ptnr1_auth_comp_id 
_struct_conn.ptnr1_auth_seq_id 
_struct_conn.ptnr2_auth_asym_id 
_struct_conn.ptnr2_auth_comp_id 
_struct_conn.ptnr2_auth_seq_id 
_struct_conn.ptnr2_symmetry 
_struct_conn.pdbx_ptnr3_label_atom_id 
_struct_conn.pdbx_ptnr3_label_seq_id 
_struct_conn.pdbx_ptnr3_label_comp_id 
_struct_conn.pdbx_ptnr3_label_asym_id 
_struct_conn.pdbx_ptnr3_label_alt_id 
_struct_conn.pdbx_ptnr3_PDB_ins_code 
_struct_conn.details 
_struct_conn.pdbx_dist_value 
_struct_conn.pdbx_value_order 
_struct_conn.pdbx_role 
disulf1  disulf ? ? A CYS 8  SG  ? ? ? 1_555 A CYS 36 SG ? ? A CYS 6   A CYS 34  1_555 ? ? ? ? ? ? ? 2.045 ? ? 
disulf2  disulf ? ? A CYS 15 SG  ? ? ? 1_555 A CYS 43 SG ? ? A CYS 13  A CYS 41  1_555 ? ? ? ? ? ? ? 2.051 ? ? 
disulf3  disulf ? ? A CYS 28 SG  ? ? ? 1_555 A CYS 54 SG ? ? A CYS 26  A CYS 52  1_555 ? ? ? ? ? ? ? 2.032 ? ? 
metalc1  metalc ? ? A GLU 7  OE1 ? ? ? 1_555 H ZN  .  ZN ? ? A GLU 5   A ZN  107 3_564 ? ? ? ? ? ? ? 2.020 ? ? 
metalc2  metalc ? ? A GLU 7  OE2 ? ? ? 1_555 H ZN  .  ZN ? ? A GLU 5   A ZN  107 3_564 ? ? ? ? ? ? ? 2.450 ? ? 
metalc3  metalc ? ? A HIS 12 ND1 ? ? ? 1_555 G ZN  .  ZN ? ? A HIS 10  A ZN  106 1_555 ? ? ? ? ? ? ? 1.992 ? ? 
metalc4  metalc ? ? A HIS 24 ND1 ? ? ? 1_555 H ZN  .  ZN ? ? A HIS 22  A ZN  107 1_555 ? ? ? ? ? ? ? 2.009 ? ? 
metalc5  metalc ? ? A HIS 41 NE2 ? ? ? 1_555 I ZN  .  ZN ? ? A HIS 39  A ZN  108 1_555 ? ? ? ? ? ? ? 1.936 ? ? 
metalc6  metalc ? ? A HIS 42 NE2 ? ? ? 1_555 G ZN  .  ZN ? ? A HIS 40  A ZN  106 3_564 ? ? ? ? ? ? ? 2.014 ? ? 
metalc7  metalc ? ? A GLU 44 OE2 ? ? ? 1_555 G ZN  .  ZN ? ? A GLU 42  A ZN  106 3_564 ? ? ? ? ? ? ? 1.981 ? ? 
metalc8  metalc ? ? A HIS 49 NE2 ? ? ? 1_555 I ZN  .  ZN ? ? A HIS 47  A ZN  108 2_775 ? ? ? ? ? ? ? 2.131 ? ? 
metalc9  metalc ? ? B ACT .  OXT ? ? ? 1_555 G ZN  .  ZN ? ? A ACT 101 A ZN  106 3_564 ? ? ? ? ? ? ? 2.024 ? ? 
metalc10 metalc ? ? C ACT .  O   ? ? ? 1_555 H ZN  .  ZN ? ? A ACT 102 A ZN  107 1_555 ? ? ? ? ? ? ? 1.943 ? ? 
metalc11 metalc ? ? D ACT .  O   ? ? ? 1_555 I ZN  .  ZN ? ? A ACT 103 A ZN  108 1_555 ? ? ? ? ? ? ? 1.992 ? ? 
metalc12 metalc ? ? E ACT .  OXT ? ? ? 1_555 H ZN  .  ZN ? ? A ACT 104 A ZN  107 1_555 ? ? ? ? ? ? ? 2.069 ? ? 
metalc13 metalc ? ? F ACT .  O   ? ? ? 1_555 I ZN  .  ZN ? ? A ACT 105 A ZN  108 1_555 ? ? ? ? ? ? ? 2.672 ? ? 
metalc14 metalc ? ? F ACT .  OXT ? ? ? 1_555 I ZN  .  ZN ? ? A ACT 105 A ZN  108 1_555 ? ? ? ? ? ? ? 1.877 ? ? 
# 
loop_
_struct_conn_type.id 
_struct_conn_type.criteria 
_struct_conn_type.reference 
disulf ? ? 
metalc ? ? 
# 
loop_
_pdbx_struct_conn_angle.id 
_pdbx_struct_conn_angle.ptnr1_label_atom_id 
_pdbx_struct_conn_angle.ptnr1_label_alt_id 
_pdbx_struct_conn_angle.ptnr1_label_asym_id 
_pdbx_struct_conn_angle.ptnr1_label_comp_id 
_pdbx_struct_conn_angle.ptnr1_label_seq_id 
_pdbx_struct_conn_angle.ptnr1_auth_atom_id 
_pdbx_struct_conn_angle.ptnr1_auth_asym_id 
_pdbx_struct_conn_angle.ptnr1_auth_comp_id 
_pdbx_struct_conn_angle.ptnr1_auth_seq_id 
_pdbx_struct_conn_angle.ptnr1_PDB_ins_code 
_pdbx_struct_conn_angle.ptnr1_symmetry 
_pdbx_struct_conn_angle.ptnr2_label_atom_id 
_pdbx_struct_conn_angle.ptnr2_label_alt_id 
_pdbx_struct_conn_angle.ptnr2_label_asym_id 
_pdbx_struct_conn_angle.ptnr2_label_comp_id 
_pdbx_struct_conn_angle.ptnr2_label_seq_id 
_pdbx_struct_conn_angle.ptnr2_auth_atom_id 
_pdbx_struct_conn_angle.ptnr2_auth_asym_id 
_pdbx_struct_conn_angle.ptnr2_auth_comp_id 
_pdbx_struct_conn_angle.ptnr2_auth_seq_id 
_pdbx_struct_conn_angle.ptnr2_PDB_ins_code 
_pdbx_struct_conn_angle.ptnr2_symmetry 
_pdbx_struct_conn_angle.ptnr3_label_atom_id 
_pdbx_struct_conn_angle.ptnr3_label_alt_id 
_pdbx_struct_conn_angle.ptnr3_label_asym_id 
_pdbx_struct_conn_angle.ptnr3_label_comp_id 
_pdbx_struct_conn_angle.ptnr3_label_seq_id 
_pdbx_struct_conn_angle.ptnr3_auth_atom_id 
_pdbx_struct_conn_angle.ptnr3_auth_asym_id 
_pdbx_struct_conn_angle.ptnr3_auth_comp_id 
_pdbx_struct_conn_angle.ptnr3_auth_seq_id 
_pdbx_struct_conn_angle.ptnr3_PDB_ins_code 
_pdbx_struct_conn_angle.ptnr3_symmetry 
_pdbx_struct_conn_angle.value 
_pdbx_struct_conn_angle.value_esd 
1  OE1 ? A GLU 7  ? A GLU 5   ? 1_555 ZN ? H ZN . ? A ZN 107 ? 3_564 OE2 ? A GLU 7  ? A GLU 5   ? 1_555 57.5  ? 
2  OE1 ? A GLU 7  ? A GLU 5   ? 1_555 ZN ? H ZN . ? A ZN 107 ? 3_564 ND1 ? A HIS 24 ? A HIS 22  ? 1_555 68.7  ? 
3  OE2 ? A GLU 7  ? A GLU 5   ? 1_555 ZN ? H ZN . ? A ZN 107 ? 3_564 ND1 ? A HIS 24 ? A HIS 22  ? 1_555 71.6  ? 
4  OE1 ? A GLU 7  ? A GLU 5   ? 1_555 ZN ? H ZN . ? A ZN 107 ? 3_564 O   ? C ACT .  ? A ACT 102 ? 1_555 60.0  ? 
5  OE2 ? A GLU 7  ? A GLU 5   ? 1_555 ZN ? H ZN . ? A ZN 107 ? 3_564 O   ? C ACT .  ? A ACT 102 ? 1_555 68.2  ? 
6  ND1 ? A HIS 24 ? A HIS 22  ? 1_555 ZN ? H ZN . ? A ZN 107 ? 3_564 O   ? C ACT .  ? A ACT 102 ? 1_555 8.7   ? 
7  OE1 ? A GLU 7  ? A GLU 5   ? 1_555 ZN ? H ZN . ? A ZN 107 ? 3_564 OXT ? E ACT .  ? A ACT 104 ? 1_555 67.8  ? 
8  OE2 ? A GLU 7  ? A GLU 5   ? 1_555 ZN ? H ZN . ? A ZN 107 ? 3_564 OXT ? E ACT .  ? A ACT 104 ? 1_555 73.4  ? 
9  ND1 ? A HIS 24 ? A HIS 22  ? 1_555 ZN ? H ZN . ? A ZN 107 ? 3_564 OXT ? E ACT .  ? A ACT 104 ? 1_555 2.7   ? 
10 O   ? C ACT .  ? A ACT 102 ? 1_555 ZN ? H ZN . ? A ZN 107 ? 3_564 OXT ? E ACT .  ? A ACT 104 ? 1_555 8.0   ? 
11 ND1 ? A HIS 12 ? A HIS 10  ? 1_555 ZN ? G ZN . ? A ZN 106 ? 1_555 NE2 ? A HIS 42 ? A HIS 40  ? 1_555 70.3  ? 
12 ND1 ? A HIS 12 ? A HIS 10  ? 1_555 ZN ? G ZN . ? A ZN 106 ? 1_555 OE2 ? A GLU 44 ? A GLU 42  ? 1_555 77.5  ? 
13 NE2 ? A HIS 42 ? A HIS 40  ? 1_555 ZN ? G ZN . ? A ZN 106 ? 1_555 OE2 ? A GLU 44 ? A GLU 42  ? 1_555 8.5   ? 
14 ND1 ? A HIS 12 ? A HIS 10  ? 1_555 ZN ? G ZN . ? A ZN 106 ? 1_555 OXT ? B ACT .  ? A ACT 101 ? 1_555 77.3  ? 
15 NE2 ? A HIS 42 ? A HIS 40  ? 1_555 ZN ? G ZN . ? A ZN 106 ? 1_555 OXT ? B ACT .  ? A ACT 101 ? 1_555 8.1   ? 
16 OE2 ? A GLU 44 ? A GLU 42  ? 1_555 ZN ? G ZN . ? A ZN 106 ? 1_555 OXT ? B ACT .  ? A ACT 101 ? 1_555 8.8   ? 
17 NE2 ? A HIS 41 ? A HIS 39  ? 1_555 ZN ? I ZN . ? A ZN 108 ? 1_555 NE2 ? A HIS 49 ? A HIS 47  ? 1_555 54.8  ? 
18 NE2 ? A HIS 41 ? A HIS 39  ? 1_555 ZN ? I ZN . ? A ZN 108 ? 1_555 O   ? D ACT .  ? A ACT 103 ? 1_555 105.5 ? 
19 NE2 ? A HIS 49 ? A HIS 47  ? 1_555 ZN ? I ZN . ? A ZN 108 ? 1_555 O   ? D ACT .  ? A ACT 103 ? 1_555 156.8 ? 
20 NE2 ? A HIS 41 ? A HIS 39  ? 1_555 ZN ? I ZN . ? A ZN 108 ? 1_555 O   ? F ACT .  ? A ACT 105 ? 1_555 156.5 ? 
21 NE2 ? A HIS 49 ? A HIS 47  ? 1_555 ZN ? I ZN . ? A ZN 108 ? 1_555 O   ? F ACT .  ? A ACT 105 ? 1_555 116.3 ? 
22 O   ? D ACT .  ? A ACT 103 ? 1_555 ZN ? I ZN . ? A ZN 108 ? 1_555 O   ? F ACT .  ? A ACT 105 ? 1_555 86.6  ? 
23 NE2 ? A HIS 41 ? A HIS 39  ? 1_555 ZN ? I ZN . ? A ZN 108 ? 1_555 OXT ? F ACT .  ? A ACT 105 ? 1_555 102.0 ? 
24 NE2 ? A HIS 49 ? A HIS 47  ? 1_555 ZN ? I ZN . ? A ZN 108 ? 1_555 OXT ? F ACT .  ? A ACT 105 ? 1_555 91.8  ? 
25 O   ? D ACT .  ? A ACT 103 ? 1_555 ZN ? I ZN . ? A ZN 108 ? 1_555 OXT ? F ACT .  ? A ACT 105 ? 1_555 105.5 ? 
26 O   ? F ACT .  ? A ACT 105 ? 1_555 ZN ? I ZN . ? A ZN 108 ? 1_555 OXT ? F ACT .  ? A ACT 105 ? 1_555 54.9  ? 
# 
loop_
_pdbx_modification_feature.ordinal 
_pdbx_modification_feature.label_comp_id 
_pdbx_modification_feature.label_asym_id 
_pdbx_modification_feature.label_seq_id 
_pdbx_modification_feature.label_alt_id 
_pdbx_modification_feature.modified_residue_label_comp_id 
_pdbx_modification_feature.modified_residue_label_asym_id 
_pdbx_modification_feature.modified_residue_label_seq_id 
_pdbx_modification_feature.modified_residue_label_alt_id 
_pdbx_modification_feature.auth_comp_id 
_pdbx_modification_feature.auth_asym_id 
_pdbx_modification_feature.auth_seq_id 
_pdbx_modification_feature.PDB_ins_code 
_pdbx_modification_feature.symmetry 
_pdbx_modification_feature.modified_residue_auth_comp_id 
_pdbx_modification_feature.modified_residue_auth_asym_id 
_pdbx_modification_feature.modified_residue_auth_seq_id 
_pdbx_modification_feature.modified_residue_PDB_ins_code 
_pdbx_modification_feature.modified_residue_symmetry 
_pdbx_modification_feature.comp_id_linking_atom 
_pdbx_modification_feature.modified_residue_id_linking_atom 
_pdbx_modification_feature.modified_residue_id 
_pdbx_modification_feature.ref_pcm_id 
_pdbx_modification_feature.ref_comp_id 
_pdbx_modification_feature.type 
_pdbx_modification_feature.category 
1 CYS A 8  ? CYS A 36 ? CYS A 6  ? 1_555 CYS A 34 ? 1_555 SG SG . . . None 'Disulfide bridge' 
2 CYS A 15 ? CYS A 43 ? CYS A 13 ? 1_555 CYS A 41 ? 1_555 SG SG . . . None 'Disulfide bridge' 
3 CYS A 28 ? CYS A 54 ? CYS A 26 ? 1_555 CYS A 52 ? 1_555 SG SG . . . None 'Disulfide bridge' 
# 
_struct_sheet.id               AA1 
_struct_sheet.type             ? 
_struct_sheet.number_strands   5 
_struct_sheet.details          ? 
# 
loop_
_struct_sheet_order.sheet_id 
_struct_sheet_order.range_id_1 
_struct_sheet_order.range_id_2 
_struct_sheet_order.offset 
_struct_sheet_order.sense 
AA1 1 2 ? anti-parallel 
AA1 2 3 ? anti-parallel 
AA1 3 4 ? anti-parallel 
AA1 4 5 ? anti-parallel 
# 
loop_
_struct_sheet_range.sheet_id 
_struct_sheet_range.id 
_struct_sheet_range.beg_label_comp_id 
_struct_sheet_range.beg_label_asym_id 
_struct_sheet_range.beg_label_seq_id 
_struct_sheet_range.pdbx_beg_PDB_ins_code 
_struct_sheet_range.end_label_comp_id 
_struct_sheet_range.end_label_asym_id 
_struct_sheet_range.end_label_seq_id 
_struct_sheet_range.pdbx_end_PDB_ins_code 
_struct_sheet_range.beg_auth_comp_id 
_struct_sheet_range.beg_auth_asym_id 
_struct_sheet_range.beg_auth_seq_id 
_struct_sheet_range.end_auth_comp_id 
_struct_sheet_range.end_auth_asym_id 
_struct_sheet_range.end_auth_seq_id 
AA1 1 LYS A 22 ? ASN A 27 ? LYS A 20 ASN A 25 
AA1 2 THR A 14 ? LYS A 19 ? THR A 12 LYS A 17 
AA1 3 LYS A 3  ? SER A 9  ? LYS A 1  SER A 7  
AA1 4 HIS A 42 ? ASP A 46 ? HIS A 40 ASP A 44 
AA1 5 ARG A 51 ? ASP A 53 ? ARG A 49 ASP A 51 
# 
loop_
_pdbx_struct_sheet_hbond.sheet_id 
_pdbx_struct_sheet_hbond.range_id_1 
_pdbx_struct_sheet_hbond.range_id_2 
_pdbx_struct_sheet_hbond.range_1_label_atom_id 
_pdbx_struct_sheet_hbond.range_1_label_comp_id 
_pdbx_struct_sheet_hbond.range_1_label_asym_id 
_pdbx_struct_sheet_hbond.range_1_label_seq_id 
_pdbx_struct_sheet_hbond.range_1_PDB_ins_code 
_pdbx_struct_sheet_hbond.range_1_auth_atom_id 
_pdbx_struct_sheet_hbond.range_1_auth_comp_id 
_pdbx_struct_sheet_hbond.range_1_auth_asym_id 
_pdbx_struct_sheet_hbond.range_1_auth_seq_id 
_pdbx_struct_sheet_hbond.range_2_label_atom_id 
_pdbx_struct_sheet_hbond.range_2_label_comp_id 
_pdbx_struct_sheet_hbond.range_2_label_asym_id 
_pdbx_struct_sheet_hbond.range_2_label_seq_id 
_pdbx_struct_sheet_hbond.range_2_PDB_ins_code 
_pdbx_struct_sheet_hbond.range_2_auth_atom_id 
_pdbx_struct_sheet_hbond.range_2_auth_comp_id 
_pdbx_struct_sheet_hbond.range_2_auth_asym_id 
_pdbx_struct_sheet_hbond.range_2_auth_seq_id 
AA1 1 2 O VAL A 26 ? O VAL A 24 N CYS A 15 ? N CYS A 13 
AA1 2 3 O THR A 16 ? O THR A 14 N GLU A 7  ? N GLU A 5  
AA1 3 4 N PHE A 4  ? N PHE A 2  O TYR A 45 ? O TYR A 43 
AA1 4 5 N ASP A 46 ? N ASP A 44 O ARG A 51 ? O ARG A 49 
# 
_pdbx_entry_details.entry_id                   7BAF 
_pdbx_entry_details.nonpolymer_details         ? 
_pdbx_entry_details.sequence_details           ? 
_pdbx_entry_details.compound_details           ? 
_pdbx_entry_details.source_details             ? 
_pdbx_entry_details.has_ligand_of_interest     Y 
_pdbx_entry_details.has_protein_modification   Y 
# 
_pdbx_validate_close_contact.id               1 
_pdbx_validate_close_contact.PDB_model_num    1 
_pdbx_validate_close_contact.auth_atom_id_1   OD2 
_pdbx_validate_close_contact.auth_asym_id_1   A 
_pdbx_validate_close_contact.auth_comp_id_1   ASP 
_pdbx_validate_close_contact.auth_seq_id_1    51 
_pdbx_validate_close_contact.PDB_ins_code_1   ? 
_pdbx_validate_close_contact.label_alt_id_1   ? 
_pdbx_validate_close_contact.auth_atom_id_2   O 
_pdbx_validate_close_contact.auth_asym_id_2   A 
_pdbx_validate_close_contact.auth_comp_id_2   HOH 
_pdbx_validate_close_contact.auth_seq_id_2    201 
_pdbx_validate_close_contact.PDB_ins_code_2   ? 
_pdbx_validate_close_contact.label_alt_id_2   ? 
_pdbx_validate_close_contact.dist             1.99 
# 
_pdbx_refine_tls.id               1 
_pdbx_refine_tls.pdbx_refine_id   'X-RAY DIFFRACTION' 
_pdbx_refine_tls.details          ? 
_pdbx_refine_tls.method           refined 
_pdbx_refine_tls.origin_x         0.0090 
_pdbx_refine_tls.origin_y         -0.4199 
_pdbx_refine_tls.origin_z         -0.2504 
_pdbx_refine_tls.T[1][1]          0.0063 
_pdbx_refine_tls.T[1][1]_esd      ? 
_pdbx_refine_tls.T[1][2]          0.0040 
_pdbx_refine_tls.T[1][2]_esd      ? 
_pdbx_refine_tls.T[1][3]          -0.0034 
_pdbx_refine_tls.T[1][3]_esd      ? 
_pdbx_refine_tls.T[2][2]          -0.0138 
_pdbx_refine_tls.T[2][2]_esd      ? 
_pdbx_refine_tls.T[2][3]          0.0068 
_pdbx_refine_tls.T[2][3]_esd      ? 
_pdbx_refine_tls.T[3][3]          -0.0038 
_pdbx_refine_tls.T[3][3]_esd      ? 
_pdbx_refine_tls.L[1][1]          1.0910 
_pdbx_refine_tls.L[1][1]_esd      ? 
_pdbx_refine_tls.L[1][2]          0.1900 
_pdbx_refine_tls.L[1][2]_esd      ? 
_pdbx_refine_tls.L[1][3]          -0.0523 
_pdbx_refine_tls.L[1][3]_esd      ? 
_pdbx_refine_tls.L[2][2]          0.1597 
_pdbx_refine_tls.L[2][2]_esd      ? 
_pdbx_refine_tls.L[2][3]          -0.2437 
_pdbx_refine_tls.L[2][3]_esd      ? 
_pdbx_refine_tls.L[3][3]          0.1609 
_pdbx_refine_tls.L[3][3]_esd      ? 
_pdbx_refine_tls.S[1][1]          -0.0168 
_pdbx_refine_tls.S[1][1]_esd      ? 
_pdbx_refine_tls.S[1][2]          0.0252 
_pdbx_refine_tls.S[1][2]_esd      ? 
_pdbx_refine_tls.S[1][3]          0.0561 
_pdbx_refine_tls.S[1][3]_esd      ? 
_pdbx_refine_tls.S[2][1]          -0.0092 
_pdbx_refine_tls.S[2][1]_esd      ? 
_pdbx_refine_tls.S[2][2]          0.0091 
_pdbx_refine_tls.S[2][2]_esd      ? 
_pdbx_refine_tls.S[2][3]          -0.0148 
_pdbx_refine_tls.S[2][3]_esd      ? 
_pdbx_refine_tls.S[3][1]          0.0307 
_pdbx_refine_tls.S[3][1]_esd      ? 
_pdbx_refine_tls.S[3][2]          -0.0379 
_pdbx_refine_tls.S[3][2]_esd      ? 
_pdbx_refine_tls.S[3][3]          0.0076 
_pdbx_refine_tls.S[3][3]_esd      ? 
# 
_pdbx_refine_tls_group.id                  1 
_pdbx_refine_tls_group.pdbx_refine_id      'X-RAY DIFFRACTION' 
_pdbx_refine_tls_group.refine_tls_id       1 
_pdbx_refine_tls_group.beg_label_asym_id   ? 
_pdbx_refine_tls_group.beg_label_seq_id    ? 
_pdbx_refine_tls_group.beg_auth_asym_id    A 
_pdbx_refine_tls_group.beg_auth_seq_id     -1 
_pdbx_refine_tls_group.beg_PDB_ins_code    ? 
_pdbx_refine_tls_group.end_label_asym_id   ? 
_pdbx_refine_tls_group.end_label_seq_id    ? 
_pdbx_refine_tls_group.end_auth_asym_id    A 
_pdbx_refine_tls_group.end_auth_seq_id     56 
_pdbx_refine_tls_group.end_PDB_ins_code    ? 
_pdbx_refine_tls_group.selection           ? 
_pdbx_refine_tls_group.selection_details   '{ A|* }' 
# 
_pdbx_unobs_or_zero_occ_residues.id               1 
_pdbx_unobs_or_zero_occ_residues.PDB_model_num    1 
_pdbx_unobs_or_zero_occ_residues.polymer_flag     Y 
_pdbx_unobs_or_zero_occ_residues.occupancy_flag   1 
_pdbx_unobs_or_zero_occ_residues.auth_asym_id     A 
_pdbx_unobs_or_zero_occ_residues.auth_comp_id     LEU 
_pdbx_unobs_or_zero_occ_residues.auth_seq_id      -2 
_pdbx_unobs_or_zero_occ_residues.PDB_ins_code     ? 
_pdbx_unobs_or_zero_occ_residues.label_asym_id    A 
_pdbx_unobs_or_zero_occ_residues.label_comp_id    LEU 
_pdbx_unobs_or_zero_occ_residues.label_seq_id     1 
# 
loop_
_chem_comp_atom.comp_id 
_chem_comp_atom.atom_id 
_chem_comp_atom.type_symbol 
_chem_comp_atom.pdbx_aromatic_flag 
_chem_comp_atom.pdbx_stereo_config 
_chem_comp_atom.pdbx_ordinal 
ACT C    C  N N 1   
ACT O    O  N N 2   
ACT OXT  O  N N 3   
ACT CH3  C  N N 4   
ACT H1   H  N N 5   
ACT H2   H  N N 6   
ACT H3   H  N N 7   
ALA N    N  N N 8   
ALA CA   C  N S 9   
ALA C    C  N N 10  
ALA O    O  N N 11  
ALA CB   C  N N 12  
ALA OXT  O  N N 13  
ALA H    H  N N 14  
ALA H2   H  N N 15  
ALA HA   H  N N 16  
ALA HB1  H  N N 17  
ALA HB2  H  N N 18  
ALA HB3  H  N N 19  
ALA HXT  H  N N 20  
ARG N    N  N N 21  
ARG CA   C  N S 22  
ARG C    C  N N 23  
ARG O    O  N N 24  
ARG CB   C  N N 25  
ARG CG   C  N N 26  
ARG CD   C  N N 27  
ARG NE   N  N N 28  
ARG CZ   C  N N 29  
ARG NH1  N  N N 30  
ARG NH2  N  N N 31  
ARG OXT  O  N N 32  
ARG H    H  N N 33  
ARG H2   H  N N 34  
ARG HA   H  N N 35  
ARG HB2  H  N N 36  
ARG HB3  H  N N 37  
ARG HG2  H  N N 38  
ARG HG3  H  N N 39  
ARG HD2  H  N N 40  
ARG HD3  H  N N 41  
ARG HE   H  N N 42  
ARG HH11 H  N N 43  
ARG HH12 H  N N 44  
ARG HH21 H  N N 45  
ARG HH22 H  N N 46  
ARG HXT  H  N N 47  
ASN N    N  N N 48  
ASN CA   C  N S 49  
ASN C    C  N N 50  
ASN O    O  N N 51  
ASN CB   C  N N 52  
ASN CG   C  N N 53  
ASN OD1  O  N N 54  
ASN ND2  N  N N 55  
ASN OXT  O  N N 56  
ASN H    H  N N 57  
ASN H2   H  N N 58  
ASN HA   H  N N 59  
ASN HB2  H  N N 60  
ASN HB3  H  N N 61  
ASN HD21 H  N N 62  
ASN HD22 H  N N 63  
ASN HXT  H  N N 64  
ASP N    N  N N 65  
ASP CA   C  N S 66  
ASP C    C  N N 67  
ASP O    O  N N 68  
ASP CB   C  N N 69  
ASP CG   C  N N 70  
ASP OD1  O  N N 71  
ASP OD2  O  N N 72  
ASP OXT  O  N N 73  
ASP H    H  N N 74  
ASP H2   H  N N 75  
ASP HA   H  N N 76  
ASP HB2  H  N N 77  
ASP HB3  H  N N 78  
ASP HD2  H  N N 79  
ASP HXT  H  N N 80  
CYS N    N  N N 81  
CYS CA   C  N R 82  
CYS C    C  N N 83  
CYS O    O  N N 84  
CYS CB   C  N N 85  
CYS SG   S  N N 86  
CYS OXT  O  N N 87  
CYS H    H  N N 88  
CYS H2   H  N N 89  
CYS HA   H  N N 90  
CYS HB2  H  N N 91  
CYS HB3  H  N N 92  
CYS HG   H  N N 93  
CYS HXT  H  N N 94  
GLN N    N  N N 95  
GLN CA   C  N S 96  
GLN C    C  N N 97  
GLN O    O  N N 98  
GLN CB   C  N N 99  
GLN CG   C  N N 100 
GLN CD   C  N N 101 
GLN OE1  O  N N 102 
GLN NE2  N  N N 103 
GLN OXT  O  N N 104 
GLN H    H  N N 105 
GLN H2   H  N N 106 
GLN HA   H  N N 107 
GLN HB2  H  N N 108 
GLN HB3  H  N N 109 
GLN HG2  H  N N 110 
GLN HG3  H  N N 111 
GLN HE21 H  N N 112 
GLN HE22 H  N N 113 
GLN HXT  H  N N 114 
GLU N    N  N N 115 
GLU CA   C  N S 116 
GLU C    C  N N 117 
GLU O    O  N N 118 
GLU CB   C  N N 119 
GLU CG   C  N N 120 
GLU CD   C  N N 121 
GLU OE1  O  N N 122 
GLU OE2  O  N N 123 
GLU OXT  O  N N 124 
GLU H    H  N N 125 
GLU H2   H  N N 126 
GLU HA   H  N N 127 
GLU HB2  H  N N 128 
GLU HB3  H  N N 129 
GLU HG2  H  N N 130 
GLU HG3  H  N N 131 
GLU HE2  H  N N 132 
GLU HXT  H  N N 133 
GLY N    N  N N 134 
GLY CA   C  N N 135 
GLY C    C  N N 136 
GLY O    O  N N 137 
GLY OXT  O  N N 138 
GLY H    H  N N 139 
GLY H2   H  N N 140 
GLY HA2  H  N N 141 
GLY HA3  H  N N 142 
GLY HXT  H  N N 143 
HIS N    N  N N 144 
HIS CA   C  N S 145 
HIS C    C  N N 146 
HIS O    O  N N 147 
HIS CB   C  N N 148 
HIS CG   C  Y N 149 
HIS ND1  N  Y N 150 
HIS CD2  C  Y N 151 
HIS CE1  C  Y N 152 
HIS NE2  N  Y N 153 
HIS OXT  O  N N 154 
HIS H    H  N N 155 
HIS H2   H  N N 156 
HIS HA   H  N N 157 
HIS HB2  H  N N 158 
HIS HB3  H  N N 159 
HIS HD1  H  N N 160 
HIS HD2  H  N N 161 
HIS HE1  H  N N 162 
HIS HE2  H  N N 163 
HIS HXT  H  N N 164 
HOH O    O  N N 165 
HOH H1   H  N N 166 
HOH H2   H  N N 167 
LEU N    N  N N 168 
LEU CA   C  N S 169 
LEU C    C  N N 170 
LEU O    O  N N 171 
LEU CB   C  N N 172 
LEU CG   C  N N 173 
LEU CD1  C  N N 174 
LEU CD2  C  N N 175 
LEU OXT  O  N N 176 
LEU H    H  N N 177 
LEU H2   H  N N 178 
LEU HA   H  N N 179 
LEU HB2  H  N N 180 
LEU HB3  H  N N 181 
LEU HG   H  N N 182 
LEU HD11 H  N N 183 
LEU HD12 H  N N 184 
LEU HD13 H  N N 185 
LEU HD21 H  N N 186 
LEU HD22 H  N N 187 
LEU HD23 H  N N 188 
LEU HXT  H  N N 189 
LYS N    N  N N 190 
LYS CA   C  N S 191 
LYS C    C  N N 192 
LYS O    O  N N 193 
LYS CB   C  N N 194 
LYS CG   C  N N 195 
LYS CD   C  N N 196 
LYS CE   C  N N 197 
LYS NZ   N  N N 198 
LYS OXT  O  N N 199 
LYS H    H  N N 200 
LYS H2   H  N N 201 
LYS HA   H  N N 202 
LYS HB2  H  N N 203 
LYS HB3  H  N N 204 
LYS HG2  H  N N 205 
LYS HG3  H  N N 206 
LYS HD2  H  N N 207 
LYS HD3  H  N N 208 
LYS HE2  H  N N 209 
LYS HE3  H  N N 210 
LYS HZ1  H  N N 211 
LYS HZ2  H  N N 212 
LYS HZ3  H  N N 213 
LYS HXT  H  N N 214 
PHE N    N  N N 215 
PHE CA   C  N S 216 
PHE C    C  N N 217 
PHE O    O  N N 218 
PHE CB   C  N N 219 
PHE CG   C  Y N 220 
PHE CD1  C  Y N 221 
PHE CD2  C  Y N 222 
PHE CE1  C  Y N 223 
PHE CE2  C  Y N 224 
PHE CZ   C  Y N 225 
PHE OXT  O  N N 226 
PHE H    H  N N 227 
PHE H2   H  N N 228 
PHE HA   H  N N 229 
PHE HB2  H  N N 230 
PHE HB3  H  N N 231 
PHE HD1  H  N N 232 
PHE HD2  H  N N 233 
PHE HE1  H  N N 234 
PHE HE2  H  N N 235 
PHE HZ   H  N N 236 
PHE HXT  H  N N 237 
PRO N    N  N N 238 
PRO CA   C  N S 239 
PRO C    C  N N 240 
PRO O    O  N N 241 
PRO CB   C  N N 242 
PRO CG   C  N N 243 
PRO CD   C  N N 244 
PRO OXT  O  N N 245 
PRO H    H  N N 246 
PRO HA   H  N N 247 
PRO HB2  H  N N 248 
PRO HB3  H  N N 249 
PRO HG2  H  N N 250 
PRO HG3  H  N N 251 
PRO HD2  H  N N 252 
PRO HD3  H  N N 253 
PRO HXT  H  N N 254 
SER N    N  N N 255 
SER CA   C  N S 256 
SER C    C  N N 257 
SER O    O  N N 258 
SER CB   C  N N 259 
SER OG   O  N N 260 
SER OXT  O  N N 261 
SER H    H  N N 262 
SER H2   H  N N 263 
SER HA   H  N N 264 
SER HB2  H  N N 265 
SER HB3  H  N N 266 
SER HG   H  N N 267 
SER HXT  H  N N 268 
THR N    N  N N 269 
THR CA   C  N S 270 
THR C    C  N N 271 
THR O    O  N N 272 
THR CB   C  N R 273 
THR OG1  O  N N 274 
THR CG2  C  N N 275 
THR OXT  O  N N 276 
THR H    H  N N 277 
THR H2   H  N N 278 
THR HA   H  N N 279 
THR HB   H  N N 280 
THR HG1  H  N N 281 
THR HG21 H  N N 282 
THR HG22 H  N N 283 
THR HG23 H  N N 284 
THR HXT  H  N N 285 
TYR N    N  N N 286 
TYR CA   C  N S 287 
TYR C    C  N N 288 
TYR O    O  N N 289 
TYR CB   C  N N 290 
TYR CG   C  Y N 291 
TYR CD1  C  Y N 292 
TYR CD2  C  Y N 293 
TYR CE1  C  Y N 294 
TYR CE2  C  Y N 295 
TYR CZ   C  Y N 296 
TYR OH   O  N N 297 
TYR OXT  O  N N 298 
TYR H    H  N N 299 
TYR H2   H  N N 300 
TYR HA   H  N N 301 
TYR HB2  H  N N 302 
TYR HB3  H  N N 303 
TYR HD1  H  N N 304 
TYR HD2  H  N N 305 
TYR HE1  H  N N 306 
TYR HE2  H  N N 307 
TYR HH   H  N N 308 
TYR HXT  H  N N 309 
VAL N    N  N N 310 
VAL CA   C  N S 311 
VAL C    C  N N 312 
VAL O    O  N N 313 
VAL CB   C  N N 314 
VAL CG1  C  N N 315 
VAL CG2  C  N N 316 
VAL OXT  O  N N 317 
VAL H    H  N N 318 
VAL H2   H  N N 319 
VAL HA   H  N N 320 
VAL HB   H  N N 321 
VAL HG11 H  N N 322 
VAL HG12 H  N N 323 
VAL HG13 H  N N 324 
VAL HG21 H  N N 325 
VAL HG22 H  N N 326 
VAL HG23 H  N N 327 
VAL HXT  H  N N 328 
ZN  ZN   ZN N N 329 
# 
loop_
_chem_comp_bond.comp_id 
_chem_comp_bond.atom_id_1 
_chem_comp_bond.atom_id_2 
_chem_comp_bond.value_order 
_chem_comp_bond.pdbx_aromatic_flag 
_chem_comp_bond.pdbx_stereo_config 
_chem_comp_bond.pdbx_ordinal 
ACT C   O    doub N N 1   
ACT C   OXT  sing N N 2   
ACT C   CH3  sing N N 3   
ACT CH3 H1   sing N N 4   
ACT CH3 H2   sing N N 5   
ACT CH3 H3   sing N N 6   
ALA N   CA   sing N N 7   
ALA N   H    sing N N 8   
ALA N   H2   sing N N 9   
ALA CA  C    sing N N 10  
ALA CA  CB   sing N N 11  
ALA CA  HA   sing N N 12  
ALA C   O    doub N N 13  
ALA C   OXT  sing N N 14  
ALA CB  HB1  sing N N 15  
ALA CB  HB2  sing N N 16  
ALA CB  HB3  sing N N 17  
ALA OXT HXT  sing N N 18  
ARG N   CA   sing N N 19  
ARG N   H    sing N N 20  
ARG N   H2   sing N N 21  
ARG CA  C    sing N N 22  
ARG CA  CB   sing N N 23  
ARG CA  HA   sing N N 24  
ARG C   O    doub N N 25  
ARG C   OXT  sing N N 26  
ARG CB  CG   sing N N 27  
ARG CB  HB2  sing N N 28  
ARG CB  HB3  sing N N 29  
ARG CG  CD   sing N N 30  
ARG CG  HG2  sing N N 31  
ARG CG  HG3  sing N N 32  
ARG CD  NE   sing N N 33  
ARG CD  HD2  sing N N 34  
ARG CD  HD3  sing N N 35  
ARG NE  CZ   sing N N 36  
ARG NE  HE   sing N N 37  
ARG CZ  NH1  sing N N 38  
ARG CZ  NH2  doub N N 39  
ARG NH1 HH11 sing N N 40  
ARG NH1 HH12 sing N N 41  
ARG NH2 HH21 sing N N 42  
ARG NH2 HH22 sing N N 43  
ARG OXT HXT  sing N N 44  
ASN N   CA   sing N N 45  
ASN N   H    sing N N 46  
ASN N   H2   sing N N 47  
ASN CA  C    sing N N 48  
ASN CA  CB   sing N N 49  
ASN CA  HA   sing N N 50  
ASN C   O    doub N N 51  
ASN C   OXT  sing N N 52  
ASN CB  CG   sing N N 53  
ASN CB  HB2  sing N N 54  
ASN CB  HB3  sing N N 55  
ASN CG  OD1  doub N N 56  
ASN CG  ND2  sing N N 57  
ASN ND2 HD21 sing N N 58  
ASN ND2 HD22 sing N N 59  
ASN OXT HXT  sing N N 60  
ASP N   CA   sing N N 61  
ASP N   H    sing N N 62  
ASP N   H2   sing N N 63  
ASP CA  C    sing N N 64  
ASP CA  CB   sing N N 65  
ASP CA  HA   sing N N 66  
ASP C   O    doub N N 67  
ASP C   OXT  sing N N 68  
ASP CB  CG   sing N N 69  
ASP CB  HB2  sing N N 70  
ASP CB  HB3  sing N N 71  
ASP CG  OD1  doub N N 72  
ASP CG  OD2  sing N N 73  
ASP OD2 HD2  sing N N 74  
ASP OXT HXT  sing N N 75  
CYS N   CA   sing N N 76  
CYS N   H    sing N N 77  
CYS N   H2   sing N N 78  
CYS CA  C    sing N N 79  
CYS CA  CB   sing N N 80  
CYS CA  HA   sing N N 81  
CYS C   O    doub N N 82  
CYS C   OXT  sing N N 83  
CYS CB  SG   sing N N 84  
CYS CB  HB2  sing N N 85  
CYS CB  HB3  sing N N 86  
CYS SG  HG   sing N N 87  
CYS OXT HXT  sing N N 88  
GLN N   CA   sing N N 89  
GLN N   H    sing N N 90  
GLN N   H2   sing N N 91  
GLN CA  C    sing N N 92  
GLN CA  CB   sing N N 93  
GLN CA  HA   sing N N 94  
GLN C   O    doub N N 95  
GLN C   OXT  sing N N 96  
GLN CB  CG   sing N N 97  
GLN CB  HB2  sing N N 98  
GLN CB  HB3  sing N N 99  
GLN CG  CD   sing N N 100 
GLN CG  HG2  sing N N 101 
GLN CG  HG3  sing N N 102 
GLN CD  OE1  doub N N 103 
GLN CD  NE2  sing N N 104 
GLN NE2 HE21 sing N N 105 
GLN NE2 HE22 sing N N 106 
GLN OXT HXT  sing N N 107 
GLU N   CA   sing N N 108 
GLU N   H    sing N N 109 
GLU N   H2   sing N N 110 
GLU CA  C    sing N N 111 
GLU CA  CB   sing N N 112 
GLU CA  HA   sing N N 113 
GLU C   O    doub N N 114 
GLU C   OXT  sing N N 115 
GLU CB  CG   sing N N 116 
GLU CB  HB2  sing N N 117 
GLU CB  HB3  sing N N 118 
GLU CG  CD   sing N N 119 
GLU CG  HG2  sing N N 120 
GLU CG  HG3  sing N N 121 
GLU CD  OE1  doub N N 122 
GLU CD  OE2  sing N N 123 
GLU OE2 HE2  sing N N 124 
GLU OXT HXT  sing N N 125 
GLY N   CA   sing N N 126 
GLY N   H    sing N N 127 
GLY N   H2   sing N N 128 
GLY CA  C    sing N N 129 
GLY CA  HA2  sing N N 130 
GLY CA  HA3  sing N N 131 
GLY C   O    doub N N 132 
GLY C   OXT  sing N N 133 
GLY OXT HXT  sing N N 134 
HIS N   CA   sing N N 135 
HIS N   H    sing N N 136 
HIS N   H2   sing N N 137 
HIS CA  C    sing N N 138 
HIS CA  CB   sing N N 139 
HIS CA  HA   sing N N 140 
HIS C   O    doub N N 141 
HIS C   OXT  sing N N 142 
HIS CB  CG   sing N N 143 
HIS CB  HB2  sing N N 144 
HIS CB  HB3  sing N N 145 
HIS CG  ND1  sing Y N 146 
HIS CG  CD2  doub Y N 147 
HIS ND1 CE1  doub Y N 148 
HIS ND1 HD1  sing N N 149 
HIS CD2 NE2  sing Y N 150 
HIS CD2 HD2  sing N N 151 
HIS CE1 NE2  sing Y N 152 
HIS CE1 HE1  sing N N 153 
HIS NE2 HE2  sing N N 154 
HIS OXT HXT  sing N N 155 
HOH O   H1   sing N N 156 
HOH O   H2   sing N N 157 
LEU N   CA   sing N N 158 
LEU N   H    sing N N 159 
LEU N   H2   sing N N 160 
LEU CA  C    sing N N 161 
LEU CA  CB   sing N N 162 
LEU CA  HA   sing N N 163 
LEU C   O    doub N N 164 
LEU C   OXT  sing N N 165 
LEU CB  CG   sing N N 166 
LEU CB  HB2  sing N N 167 
LEU CB  HB3  sing N N 168 
LEU CG  CD1  sing N N 169 
LEU CG  CD2  sing N N 170 
LEU CG  HG   sing N N 171 
LEU CD1 HD11 sing N N 172 
LEU CD1 HD12 sing N N 173 
LEU CD1 HD13 sing N N 174 
LEU CD2 HD21 sing N N 175 
LEU CD2 HD22 sing N N 176 
LEU CD2 HD23 sing N N 177 
LEU OXT HXT  sing N N 178 
LYS N   CA   sing N N 179 
LYS N   H    sing N N 180 
LYS N   H2   sing N N 181 
LYS CA  C    sing N N 182 
LYS CA  CB   sing N N 183 
LYS CA  HA   sing N N 184 
LYS C   O    doub N N 185 
LYS C   OXT  sing N N 186 
LYS CB  CG   sing N N 187 
LYS CB  HB2  sing N N 188 
LYS CB  HB3  sing N N 189 
LYS CG  CD   sing N N 190 
LYS CG  HG2  sing N N 191 
LYS CG  HG3  sing N N 192 
LYS CD  CE   sing N N 193 
LYS CD  HD2  sing N N 194 
LYS CD  HD3  sing N N 195 
LYS CE  NZ   sing N N 196 
LYS CE  HE2  sing N N 197 
LYS CE  HE3  sing N N 198 
LYS NZ  HZ1  sing N N 199 
LYS NZ  HZ2  sing N N 200 
LYS NZ  HZ3  sing N N 201 
LYS OXT HXT  sing N N 202 
PHE N   CA   sing N N 203 
PHE N   H    sing N N 204 
PHE N   H2   sing N N 205 
PHE CA  C    sing N N 206 
PHE CA  CB   sing N N 207 
PHE CA  HA   sing N N 208 
PHE C   O    doub N N 209 
PHE C   OXT  sing N N 210 
PHE CB  CG   sing N N 211 
PHE CB  HB2  sing N N 212 
PHE CB  HB3  sing N N 213 
PHE CG  CD1  doub Y N 214 
PHE CG  CD2  sing Y N 215 
PHE CD1 CE1  sing Y N 216 
PHE CD1 HD1  sing N N 217 
PHE CD2 CE2  doub Y N 218 
PHE CD2 HD2  sing N N 219 
PHE CE1 CZ   doub Y N 220 
PHE CE1 HE1  sing N N 221 
PHE CE2 CZ   sing Y N 222 
PHE CE2 HE2  sing N N 223 
PHE CZ  HZ   sing N N 224 
PHE OXT HXT  sing N N 225 
PRO N   CA   sing N N 226 
PRO N   CD   sing N N 227 
PRO N   H    sing N N 228 
PRO CA  C    sing N N 229 
PRO CA  CB   sing N N 230 
PRO CA  HA   sing N N 231 
PRO C   O    doub N N 232 
PRO C   OXT  sing N N 233 
PRO CB  CG   sing N N 234 
PRO CB  HB2  sing N N 235 
PRO CB  HB3  sing N N 236 
PRO CG  CD   sing N N 237 
PRO CG  HG2  sing N N 238 
PRO CG  HG3  sing N N 239 
PRO CD  HD2  sing N N 240 
PRO CD  HD3  sing N N 241 
PRO OXT HXT  sing N N 242 
SER N   CA   sing N N 243 
SER N   H    sing N N 244 
SER N   H2   sing N N 245 
SER CA  C    sing N N 246 
SER CA  CB   sing N N 247 
SER CA  HA   sing N N 248 
SER C   O    doub N N 249 
SER C   OXT  sing N N 250 
SER CB  OG   sing N N 251 
SER CB  HB2  sing N N 252 
SER CB  HB3  sing N N 253 
SER OG  HG   sing N N 254 
SER OXT HXT  sing N N 255 
THR N   CA   sing N N 256 
THR N   H    sing N N 257 
THR N   H2   sing N N 258 
THR CA  C    sing N N 259 
THR CA  CB   sing N N 260 
THR CA  HA   sing N N 261 
THR C   O    doub N N 262 
THR C   OXT  sing N N 263 
THR CB  OG1  sing N N 264 
THR CB  CG2  sing N N 265 
THR CB  HB   sing N N 266 
THR OG1 HG1  sing N N 267 
THR CG2 HG21 sing N N 268 
THR CG2 HG22 sing N N 269 
THR CG2 HG23 sing N N 270 
THR OXT HXT  sing N N 271 
TYR N   CA   sing N N 272 
TYR N   H    sing N N 273 
TYR N   H2   sing N N 274 
TYR CA  C    sing N N 275 
TYR CA  CB   sing N N 276 
TYR CA  HA   sing N N 277 
TYR C   O    doub N N 278 
TYR C   OXT  sing N N 279 
TYR CB  CG   sing N N 280 
TYR CB  HB2  sing N N 281 
TYR CB  HB3  sing N N 282 
TYR CG  CD1  doub Y N 283 
TYR CG  CD2  sing Y N 284 
TYR CD1 CE1  sing Y N 285 
TYR CD1 HD1  sing N N 286 
TYR CD2 CE2  doub Y N 287 
TYR CD2 HD2  sing N N 288 
TYR CE1 CZ   doub Y N 289 
TYR CE1 HE1  sing N N 290 
TYR CE2 CZ   sing Y N 291 
TYR CE2 HE2  sing N N 292 
TYR CZ  OH   sing N N 293 
TYR OH  HH   sing N N 294 
TYR OXT HXT  sing N N 295 
VAL N   CA   sing N N 296 
VAL N   H    sing N N 297 
VAL N   H2   sing N N 298 
VAL CA  C    sing N N 299 
VAL CA  CB   sing N N 300 
VAL CA  HA   sing N N 301 
VAL C   O    doub N N 302 
VAL C   OXT  sing N N 303 
VAL CB  CG1  sing N N 304 
VAL CB  CG2  sing N N 305 
VAL CB  HB   sing N N 306 
VAL CG1 HG11 sing N N 307 
VAL CG1 HG12 sing N N 308 
VAL CG1 HG13 sing N N 309 
VAL CG2 HG21 sing N N 310 
VAL CG2 HG22 sing N N 311 
VAL CG2 HG23 sing N N 312 
VAL OXT HXT  sing N N 313 
# 
loop_
_pdbx_audit_support.funding_organization 
_pdbx_audit_support.country 
_pdbx_audit_support.grant_number 
_pdbx_audit_support.ordinal 
'Science Foundation Ireland' Ireland 13/CDA/2168    1 
'Irish Research Council'     Ireland GOIPD/2019/513 2 
# 
_pdbx_initial_refinement_model.id               1 
_pdbx_initial_refinement_model.entity_id_list   ? 
_pdbx_initial_refinement_model.type             'experimental model' 
_pdbx_initial_refinement_model.source_name      PDB 
_pdbx_initial_refinement_model.accession_code   6HAJ 
_pdbx_initial_refinement_model.details          ? 
# 
_atom_sites.entry_id                    7BAF 
_atom_sites.Cartn_transf_matrix[1][1]   ? 
_atom_sites.Cartn_transf_matrix[1][2]   ? 
_atom_sites.Cartn_transf_matrix[1][3]   ? 
_atom_sites.Cartn_transf_matrix[2][1]   ? 
_atom_sites.Cartn_transf_matrix[2][2]   ? 
_atom_sites.Cartn_transf_matrix[2][3]   ? 
_atom_sites.Cartn_transf_matrix[3][1]   ? 
_atom_sites.Cartn_transf_matrix[3][2]   ? 
_atom_sites.Cartn_transf_matrix[3][3]   ? 
_atom_sites.Cartn_transf_vector[1]      ? 
_atom_sites.Cartn_transf_vector[2]      ? 
_atom_sites.Cartn_transf_vector[3]      ? 
_atom_sites.fract_transf_matrix[1][1]   -0.00702334 
_atom_sites.fract_transf_matrix[1][2]   -0.02320394 
_atom_sites.fract_transf_matrix[1][3]   -0.02531595 
_atom_sites.fract_transf_matrix[2][1]   -0.01323239 
_atom_sites.fract_transf_matrix[2][2]   0.01089066 
_atom_sites.fract_transf_matrix[2][3]   -0.03057794 
_atom_sites.fract_transf_matrix[3][1]   0.02162101 
_atom_sites.fract_transf_matrix[3][2]   0.00263848 
_atom_sites.fract_transf_matrix[3][3]   -0.00841662 
_atom_sites.fract_transf_vector[1]      0.358859 
_atom_sites.fract_transf_vector[2]      0.850816 
_atom_sites.fract_transf_vector[3]      0.268326 
_atom_sites.solution_primary            ? 
_atom_sites.solution_secondary          ? 
_atom_sites.solution_hydrogens          ? 
_atom_sites.special_details             ? 
# 
loop_
_atom_type.symbol 
C  
H  
N  
O  
S  
ZN 
# 
loop_
_atom_site.group_PDB 
_atom_site.id 
_atom_site.type_symbol 
_atom_site.label_atom_id 
_atom_site.label_alt_id 
_atom_site.label_comp_id 
_atom_site.label_asym_id 
_atom_site.label_entity_id 
_atom_site.label_seq_id 
_atom_site.pdbx_PDB_ins_code 
_atom_site.Cartn_x 
_atom_site.Cartn_y 
_atom_site.Cartn_z 
_atom_site.occupancy 
_atom_site.B_iso_or_equiv 
_atom_site.pdbx_formal_charge 
_atom_site.auth_seq_id 
_atom_site.auth_comp_id 
_atom_site.auth_asym_id 
_atom_site.auth_atom_id 
_atom_site.pdbx_PDB_model_num 
ATOM   1   N  N   . SER A 1 2  ? -1.746  -11.301 -8.695  1.00 23.05 ? -1  SER A N   1 
ATOM   2   C  CA  . SER A 1 2  ? -1.955  -11.430 -7.255  1.00 23.03 ? -1  SER A CA  1 
ATOM   3   C  C   . SER A 1 2  ? -1.725  -10.114 -6.523  1.00 20.91 ? -1  SER A C   1 
ATOM   4   O  O   . SER A 1 2  ? -0.598  -9.602  -6.470  1.00 21.85 ? -1  SER A O   1 
ATOM   5   C  CB  . SER A 1 2  ? -1.073  -12.526 -6.671  1.00 25.94 ? -1  SER A CB  1 
ATOM   6   O  OG  . SER A 1 2  ? 0.301   -12.198 -6.795  1.00 29.94 ? -1  SER A OG  1 
ATOM   7   N  N   . LYS A 1 3  ? -2.821  -9.542  -6.012  1.00 17.84 ? 1   LYS A N   1 
ATOM   8   C  CA  . LYS A 1 3  ? -2.803  -8.302  -5.258  1.00 14.95 ? 1   LYS A CA  1 
ATOM   9   C  C   . LYS A 1 3  ? -3.085  -8.571  -3.790  1.00 12.05 ? 1   LYS A C   1 
ATOM   10  O  O   . LYS A 1 3  ? -3.854  -9.470  -3.452  1.00 13.84 ? 1   LYS A O   1 
ATOM   11  C  CB  . LYS A 1 3  ? -3.805  -7.280  -5.819  1.00 17.26 ? 1   LYS A CB  1 
ATOM   12  C  CG  . LYS A 1 3  ? -3.394  -6.649  -7.149  1.00 21.77 ? 1   LYS A CG  1 
ATOM   13  C  CD  . LYS A 1 3  ? -4.291  -5.453  -7.488  1.00 26.41 ? 1   LYS A CD  1 
ATOM   14  C  CE  . LYS A 1 3  ? -3.973  -4.876  -8.849  1.00 29.53 ? 1   LYS A CE  1 
ATOM   15  N  NZ  . LYS A 1 3  ? -4.824  -3.698  -9.162  1.00 31.57 ? 1   LYS A NZ  1 
ATOM   16  N  N   . PHE A 1 4  ? -2.453  -7.793  -2.915  1.00 9.25  ? 2   PHE A N   1 
ATOM   17  C  CA  . PHE A 1 4  ? -2.582  -7.930  -1.468  1.00 8.87  ? 2   PHE A CA  1 
ATOM   18  C  C   . PHE A 1 4  ? -3.024  -6.599  -0.903  1.00 8.23  ? 2   PHE A C   1 
ATOM   19  O  O   . PHE A 1 4  ? -2.425  -5.563  -1.200  1.00 9.28  ? 2   PHE A O   1 
ATOM   20  C  CB  . PHE A 1 4  ? -1.227  -8.327  -0.870  1.00 10.14 ? 2   PHE A CB  1 
ATOM   21  C  CG  . PHE A 1 4  ? -0.723  -9.600  -1.504  1.00 13.13 ? 2   PHE A CG  1 
ATOM   22  C  CD1 . PHE A 1 4  ? -1.449  -10.771 -1.413  1.00 16.11 ? 2   PHE A CD1 1 
ATOM   23  C  CD2 . PHE A 1 4  ? 0.408   -9.594  -2.299  1.00 15.87 ? 2   PHE A CD2 1 
ATOM   24  C  CE1 . PHE A 1 4  ? -1.017  -11.932 -2.049  1.00 17.93 ? 2   PHE A CE1 1 
ATOM   25  C  CE2 . PHE A 1 4  ? 0.848   -10.758 -2.917  1.00 17.44 ? 2   PHE A CE2 1 
ATOM   26  C  CZ  . PHE A 1 4  ? 0.122   -11.911 -2.805  1.00 17.86 ? 2   PHE A CZ  1 
ATOM   27  N  N   . GLY A 1 5  ? -4.056  -6.634  -0.070  1.00 7.66  ? 3   GLY A N   1 
ATOM   28  C  CA  . GLY A 1 5  ? -4.604  -5.426  0.508   1.00 7.04  ? 3   GLY A CA  1 
ATOM   29  C  C   . GLY A 1 5  ? -4.083  -5.180  1.904   1.00 6.44  ? 3   GLY A C   1 
ATOM   30  O  O   . GLY A 1 5  ? -3.844  -6.122  2.662   1.00 7.41  ? 3   GLY A O   1 
ATOM   31  N  N   . GLY A 1 6  ? -3.974  -3.920  2.263   1.00 6.70  ? 4   GLY A N   1 
ATOM   32  C  CA  . GLY A 1 6  ? -3.525  -3.525  3.585   1.00 6.58  ? 4   GLY A CA  1 
ATOM   33  C  C   . GLY A 1 6  ? -3.908  -2.100  3.917   1.00 5.82  ? 4   GLY A C   1 
ATOM   34  O  O   . GLY A 1 6  ? -4.901  -1.574  3.389   1.00 6.07  ? 4   GLY A O   1 
ATOM   35  N  N   . GLU A 1 7  ? -3.114  -1.461  4.782   1.00 5.70  ? 5   GLU A N   1 
ATOM   36  C  CA  . GLU A 1 7  ? -3.292  -0.080  5.268   1.00 6.15  ? 5   GLU A CA  1 
ATOM   37  C  C   . GLU A 1 7  ? -2.017  0.706   5.051   1.00 6.56  ? 5   GLU A C   1 
ATOM   38  O  O   . GLU A 1 7  ? -0.913  0.198   5.313   1.00 6.47  ? 5   GLU A O   1 
ATOM   39  C  CB  . GLU A 1 7  ? -3.567  -0.065  6.772   1.00 7.24  ? 5   GLU A CB  1 
ATOM   40  C  CG  . GLU A 1 7  ? -4.909  -0.654  7.155   1.00 7.17  ? 5   GLU A CG  1 
ATOM   41  C  CD  . GLU A 1 7  ? -5.095  -0.831  8.645   1.00 6.94  ? 5   GLU A CD  1 
ATOM   42  O  OE1 . GLU A 1 7  ? -4.485  -0.109  9.469   1.00 8.13  ? 5   GLU A OE1 1 
ATOM   43  O  OE2 . GLU A 1 7  ? -5.907  -1.700  9.009   1.00 8.81  ? 5   GLU A OE2 1 
ATOM   44  N  N   . CYS A 1 8  ? -2.144  1.967   4.613   1.00 6.47  ? 6   CYS A N   1 
ATOM   45  C  CA  . CYS A 1 8  ? -0.975  2.790   4.357   1.00 6.88  ? 6   CYS A CA  1 
ATOM   46  C  C   . CYS A 1 8  ? -0.594  3.655   5.536   1.00 6.99  ? 6   CYS A C   1 
ATOM   47  O  O   . CYS A 1 8  ? -1.404  3.992   6.377   1.00 8.94  ? 6   CYS A O   1 
ATOM   48  C  CB  . CYS A 1 8  ? -1.097  3.600   3.052   1.00 7.95  ? 6   CYS A CB  1 
ATOM   49  S  SG  . CYS A 1 8  ? -2.198  5.056   3.072   1.00 8.38  ? 6   CYS A SG  1 
ATOM   50  N  N   . SER A 1 9  ? 0.685   3.972   5.612   1.00 7.21  ? 7   SER A N   1 
ATOM   51  C  CA  . SER A 1 9  ? 1.214   4.865   6.621   1.00 7.67  ? 7   SER A CA  1 
ATOM   52  C  C   . SER A 1 9  ? 1.439   6.248   5.992   1.00 8.76  ? 7   SER A C   1 
ATOM   53  O  O   . SER A 1 9  ? 2.231   6.395   5.060   1.00 9.28  ? 7   SER A O   1 
ATOM   54  C  CB  . SER A 1 9  ? 2.510   4.297   7.178   1.00 8.72  ? 7   SER A CB  1 
ATOM   55  O  OG  . SER A 1 9  ? 3.166   5.299   7.945   1.00 11.63 ? 7   SER A OG  1 
ATOM   56  N  N   . LEU A 1 10 ? 0.781   7.261   6.524   1.00 9.05  ? 8   LEU A N   1 
ATOM   57  C  CA  . LEU A 1 10 ? 0.922   8.617   6.018   1.00 10.77 ? 8   LEU A CA  1 
ATOM   58  C  C   . LEU A 1 10 ? 2.358   9.124   6.165   1.00 11.60 ? 8   LEU A C   1 
ATOM   59  O  O   . LEU A 1 10 ? 2.915   9.665   5.206   1.00 12.16 ? 8   LEU A O   1 
ATOM   60  C  CB  . LEU A 1 10 ? -0.052  9.542   6.742   1.00 11.88 ? 8   LEU A CB  1 
ATOM   61  C  CG  . LEU A 1 10 ? -0.013  10.997  6.283   1.00 15.15 ? 8   LEU A CG  1 
ATOM   62  C  CD1 . LEU A 1 10 ? -0.454  11.116  4.855   1.00 16.16 ? 8   LEU A CD1 1 
ATOM   63  C  CD2 . LEU A 1 10 ? -0.879  11.868  7.161   1.00 17.30 ? 8   LEU A CD2 1 
ATOM   64  N  N   . LYS A 1 11 ? 2.971   8.920   7.333   1.00 11.41 ? 9   LYS A N   1 
ATOM   65  C  CA  . LYS A 1 11 ? 4.322   9.435   7.568   1.00 12.24 ? 9   LYS A CA  1 
ATOM   66  C  C   . LYS A 1 11 ? 5.348   8.765   6.657   1.00 12.19 ? 9   LYS A C   1 
ATOM   67  O  O   . LYS A 1 11 ? 6.256   9.421   6.139   1.00 13.59 ? 9   LYS A O   1 
ATOM   68  C  CB  . LYS A 1 11 ? 4.711   9.246   9.050   1.00 15.20 ? 9   LYS A CB  1 
ATOM   69  C  CG  . LYS A 1 11 ? 6.108   9.742   9.388   1.00 21.22 ? 9   LYS A CG  1 
ATOM   70  C  CD  . LYS A 1 11 ? 6.446   9.537   10.858  1.00 27.37 ? 9   LYS A CD  1 
ATOM   71  C  CE  . LYS A 1 11 ? 7.798   10.119  11.196  1.00 32.65 ? 9   LYS A CE  1 
ATOM   72  N  NZ  . LYS A 1 11 ? 8.864   9.593   10.298  1.00 35.79 ? 9   LYS A NZ  1 
ATOM   73  N  N   . HIS A 1 12 ? 5.184   7.463   6.429   1.00 10.49 ? 10  HIS A N   1 
ATOM   74  C  CA  . HIS A 1 12 ? 6.154   6.684   5.701   1.00 9.61  ? 10  HIS A CA  1 
ATOM   75  C  C   . HIS A 1 12 ? 5.896   6.550   4.220   1.00 8.88  ? 10  HIS A C   1 
ATOM   76  O  O   . HIS A 1 12 ? 6.773   6.073   3.510   1.00 8.55  ? 10  HIS A O   1 
ATOM   77  C  CB  . HIS A 1 12 ? 6.274   5.311   6.344   1.00 8.72  ? 10  HIS A CB  1 
ATOM   78  C  CG  . HIS A 1 12 ? 6.781   5.383   7.739   1.00 8.90  ? 10  HIS A CG  1 
ATOM   79  N  ND1 . HIS A 1 12 ? 8.108   5.204   8.007   1.00 7.93  ? 10  HIS A ND1 1 
ATOM   80  C  CD2 . HIS A 1 12 ? 6.136   5.661   8.898   1.00 10.73 ? 10  HIS A CD2 1 
ATOM   81  C  CE1 . HIS A 1 12 ? 8.254   5.385   9.310   1.00 9.79  ? 10  HIS A CE1 1 
ATOM   82  N  NE2 . HIS A 1 12 ? 7.083   5.625   9.899   1.00 11.48 ? 10  HIS A NE2 1 
ATOM   83  N  N   . ASN A 1 13 ? 4.707   6.914   3.741   1.00 8.02  ? 11  ASN A N   1 
ATOM   84  C  CA  . ASN A 1 13 ? 4.343   6.691   2.331   1.00 8.12  ? 11  ASN A CA  1 
ATOM   85  C  C   . ASN A 1 13 ? 4.507   5.231   1.927   1.00 7.45  ? 11  ASN A C   1 
ATOM   86  O  O   . ASN A 1 13 ? 5.019   4.920   0.852   1.00 7.36  ? 11  ASN A O   1 
ATOM   87  C  CB  . ASN A 1 13 ? 5.070   7.621   1.356   1.00 8.50  ? 11  ASN A CB  1 
ATOM   88  C  CG  . ASN A 1 13 ? 4.410   7.621   0.004   1.00 9.56  ? 11  ASN A CG  1 
ATOM   89  O  OD1 . ASN A 1 13 ? 3.184   7.520   -0.101  1.00 10.02 ? 11  ASN A OD1 1 
ATOM   90  N  ND2 . ASN A 1 13 ? 5.186   7.727   -1.059  1.00 10.17 ? 11  ASN A ND2 1 
ATOM   91  N  N   . THR A 1 14 ? 4.068   4.336   2.825   1.00 6.93  ? 12  THR A N   1 
ATOM   92  C  CA  . THR A 1 14 ? 4.174   2.914   2.567   1.00 6.75  ? 12  THR A CA  1 
ATOM   93  C  C   . THR A 1 14 ? 2.826   2.230   2.706   1.00 6.85  ? 12  THR A C   1 
ATOM   94  O  O   . THR A 1 14 ? 1.933   2.720   3.397   1.00 8.17  ? 12  THR A O   1 
ATOM   95  C  CB  . THR A 1 14 ? 5.140   2.254   3.555   1.00 7.46  ? 12  THR A CB  1 
ATOM   96  O  OG1 . THR A 1 14 ? 4.722   2.549   4.883   1.00 8.42  ? 12  THR A OG1 1 
ATOM   97  C  CG2 . THR A 1 14 ? 6.586   2.672   3.370   1.00 8.71  ? 12  THR A CG2 1 
ATOM   98  N  N   . CYS A 1 15 ? 2.690   1.080   2.071   1.00 6.40  ? 13  CYS A N   1 
ATOM   99  C  CA  . CYS A 1 15 ? 1.563   0.180   2.230   1.00 5.62  ? 13  CYS A CA  1 
ATOM   100 C  C   . CYS A 1 15 ? 2.025   -0.965  3.094   1.00 6.57  ? 13  CYS A C   1 
ATOM   101 O  O   . CYS A 1 15 ? 3.028   -1.604  2.788   1.00 6.69  ? 13  CYS A O   1 
ATOM   102 C  CB  . CYS A 1 15 ? 1.078   -0.317  0.871   1.00 5.71  ? 13  CYS A CB  1 
ATOM   103 S  SG  . CYS A 1 15 ? -0.346  -1.452  0.955   1.00 7.12  ? 13  CYS A SG  1 
ATOM   104 N  N   . THR A 1 16 ? 1.323   -1.202  4.209   1.00 6.90  ? 14  THR A N   1 
ATOM   105 C  CA  . THR A 1 16 ? 1.594   -2.302  5.121   1.00 7.48  ? 14  THR A CA  1 
ATOM   106 C  C   . THR A 1 16 ? 0.553   -3.367  4.893   1.00 6.74  ? 14  THR A C   1 
ATOM   107 O  O   . THR A 1 16 ? -0.623  -3.061  4.776   1.00 7.19  ? 14  THR A O   1 
ATOM   108 C  CB  . THR A 1 16 ? 1.669   -1.818  6.592   1.00 8.98  ? 14  THR A CB  1 
ATOM   109 O  OG1 . THR A 1 16 ? 0.357   -1.458  7.098   1.00 9.22  ? 14  THR A OG1 1 
ATOM   110 C  CG2 . THR A 1 16 ? 2.626   -0.621  6.773   1.00 10.54 ? 14  THR A CG2 1 
ATOM   111 N  N   . TYR A 1 17 ? 0.959   -4.603  4.800   1.00 7.11  ? 15  TYR A N   1 
ATOM   112 C  CA  . TYR A 1 17 ? 0.039   -5.706  4.555   1.00 8.14  ? 15  TYR A CA  1 
ATOM   113 C  C   . TYR A 1 17 ? 0.552   -6.984  5.182   1.00 8.29  ? 15  TYR A C   1 
ATOM   114 O  O   . TYR A 1 17 ? 1.739   -7.142  5.454   1.00 8.70  ? 15  TYR A O   1 
ATOM   115 C  CB  . TYR A 1 17 ? -0.277  -5.874  3.045   1.00 8.87  ? 15  TYR A CB  1 
ATOM   116 C  CG  . TYR A 1 17 ? 0.912   -6.324  2.231   1.00 8.41  ? 15  TYR A CG  1 
ATOM   117 C  CD1 . TYR A 1 17 ? 1.824   -5.405  1.729   1.00 9.55  ? 15  TYR A CD1 1 
ATOM   118 C  CD2 . TYR A 1 17 ? 1.152   -7.668  2.002   1.00 9.01  ? 15  TYR A CD2 1 
ATOM   119 C  CE1 . TYR A 1 17 ? 2.930   -5.814  1.011   1.00 9.92  ? 15  TYR A CE1 1 
ATOM   120 C  CE2 . TYR A 1 17 ? 2.269   -8.093  1.303   1.00 9.67  ? 15  TYR A CE2 1 
ATOM   121 C  CZ  . TYR A 1 17 ? 3.157   -7.156  0.807   1.00 10.57 ? 15  TYR A CZ  1 
ATOM   122 O  OH  . TYR A 1 17 ? 4.302   -7.562  0.164   1.00 12.84 ? 15  TYR A OH  1 
ATOM   123 N  N   . LEU A 1 18 ? -0.359  -7.924  5.363   1.00 7.58  ? 16  LEU A N   1 
ATOM   124 C  CA  . LEU A 1 18 ? -0.037  -9.222  5.922   1.00 7.79  ? 16  LEU A CA  1 
ATOM   125 C  C   . LEU A 1 18 ? -0.018  -10.231 4.812   1.00 8.13  ? 16  LEU A C   1 
ATOM   126 O  O   . LEU A 1 18 ? -0.888  -10.206 3.942   1.00 9.33  ? 16  LEU A O   1 
ATOM   127 C  CB  . LEU A 1 18 ? -1.125  -9.638  6.919   1.00 9.26  ? 16  LEU A CB  1 
ATOM   128 C  CG  . LEU A 1 18 ? -1.375  -8.716  8.063   1.00 14.13 ? 16  LEU A CG  1 
ATOM   129 C  CD1 . LEU A 1 18 ? -2.492  -9.242  8.919   1.00 15.19 ? 16  LEU A CD1 1 
ATOM   130 C  CD2 . LEU A 1 18 ? -0.154  -8.564  8.894   1.00 16.31 ? 16  LEU A CD2 1 
ATOM   131 N  N   . LYS A 1 19 ? 0.971   -11.114 4.825   1.00 8.32  ? 17  LYS A N   1 
ATOM   132 C  CA  . LYS A 1 19 ? 1.051   -12.198 3.865   1.00 9.40  ? 17  LYS A CA  1 
ATOM   133 C  C   . LYS A 1 19 ? 1.928   -13.287 4.433   1.00 10.64 ? 17  LYS A C   1 
ATOM   134 O  O   . LYS A 1 19 ? 3.033   -13.016 4.896   1.00 10.82 ? 17  LYS A O   1 
ATOM   135 C  CB  . LYS A 1 19 ? 1.615   -11.714 2.523   1.00 10.15 ? 17  LYS A CB  1 
ATOM   136 C  CG  . LYS A 1 19 ? 1.777   -12.825 1.493   1.00 14.46 ? 17  LYS A CG  1 
ATOM   137 C  CD  . LYS A 1 19 ? 2.460   -12.306 0.237   1.00 18.41 ? 17  LYS A CD  1 
ATOM   138 C  CE  . LYS A 1 19 ? 2.662   -13.390 -0.793  1.00 21.80 ? 17  LYS A CE  1 
ATOM   139 N  NZ  . LYS A 1 19 ? 3.803   -14.272 -0.456  1.00 24.37 ? 17  LYS A NZ  1 
ATOM   140 N  N   . GLY A 1 20 ? 1.427   -14.518 4.427   1.00 11.27 ? 18  GLY A N   1 
ATOM   141 C  CA  . GLY A 1 20 ? 2.195   -15.649 4.933   1.00 12.76 ? 18  GLY A CA  1 
ATOM   142 C  C   . GLY A 1 20 ? 2.546   -15.563 6.405   1.00 13.28 ? 18  GLY A C   1 
ATOM   143 O  O   . GLY A 1 20 ? 3.588   -16.069 6.830   1.00 14.34 ? 18  GLY A O   1 
ATOM   144 N  N   . GLY A 1 21 ? 1.690   -14.920 7.182   1.00 12.46 ? 19  GLY A N   1 
ATOM   145 C  CA  . GLY A 1 21 ? 1.919   -14.774 8.613   1.00 12.29 ? 19  GLY A CA  1 
ATOM   146 C  C   . GLY A 1 21 ? 2.977   -13.756 8.984   1.00 11.63 ? 19  GLY A C   1 
ATOM   147 O  O   . GLY A 1 21 ? 3.459   -13.726 10.121  1.00 12.25 ? 19  GLY A O   1 
ATOM   148 N  N   . LYS A 1 22 ? 3.294   -12.865 8.043   1.00 10.69 ? 20  LYS A N   1 
ATOM   149 C  CA  . LYS A 1 22 ? 4.284   -11.833 8.286   1.00 9.45  ? 20  LYS A CA  1 
ATOM   150 C  C   . LYS A 1 22 ? 3.769   -10.479 7.872   1.00 9.30  ? 20  LYS A C   1 
ATOM   151 O  O   . LYS A 1 22 ? 2.921   -10.367 6.988   1.00 9.54  ? 20  LYS A O   1 
ATOM   152 C  CB  . LYS A 1 22 ? 5.561   -12.114 7.469   1.00 11.39 ? 20  LYS A CB  1 
ATOM   153 C  CG  . LYS A 1 22 ? 6.308   -13.334 7.966   1.00 15.81 ? 20  LYS A CG  1 
ATOM   154 C  CD  . LYS A 1 22 ? 7.532   -13.618 7.140   1.00 22.50 ? 20  LYS A CD  1 
ATOM   155 C  CE  . LYS A 1 22 ? 7.176   -14.171 5.790   1.00 26.80 ? 20  LYS A CE  1 
ATOM   156 N  NZ  . LYS A 1 22 ? 6.652   -15.559 5.874   1.00 30.03 ? 20  LYS A NZ  1 
ATOM   157 N  N   . ASN A 1 23 ? 4.288   -9.436  8.504   1.00 8.65  ? 21  ASN A N   1 
ATOM   158 C  CA  . ASN A 1 23 ? 4.001   -8.072  8.103   1.00 9.10  ? 21  ASN A CA  1 
ATOM   159 C  C   . ASN A 1 23 ? 4.977   -7.708  6.990   1.00 7.83  ? 21  ASN A C   1 
ATOM   160 O  O   . ASN A 1 23 ? 6.169   -8.086  7.004   1.00 8.91  ? 21  ASN A O   1 
ATOM   161 C  CB  . ASN A 1 23 ? 4.293   -7.113  9.243   1.00 12.32 ? 21  ASN A CB  1 
ATOM   162 C  CG  . ASN A 1 23 ? 3.397   -7.244  10.434  1.00 18.33 ? 21  ASN A CG  1 
ATOM   163 O  OD1 . ASN A 1 23 ? 3.827   -7.607  11.535  1.00 23.05 ? 21  ASN A OD1 1 
ATOM   164 N  ND2 . ASN A 1 23 ? 2.136   -6.958  10.243  1.00 18.43 ? 21  ASN A ND2 1 
ATOM   165 N  N   . HIS A 1 24 ? 4.477   -6.958  6.038   1.00 7.02  ? 22  HIS A N   1 
ATOM   166 C  CA  . HIS A 1 24 ? 5.275   -6.476  4.931   1.00 6.85  ? 22  HIS A CA  1 
ATOM   167 C  C   . HIS A 1 24 ? 5.040   -5.003  4.751   1.00 7.37  ? 22  HIS A C   1 
ATOM   168 O  O   . HIS A 1 24 ? 4.038   -4.457  5.205   1.00 8.07  ? 22  HIS A O   1 
ATOM   169 C  CB  . HIS A 1 24 ? 4.901   -7.192  3.636   1.00 7.25  ? 22  HIS A CB  1 
ATOM   170 C  CG  . HIS A 1 24 ? 5.067   -8.668  3.711   1.00 7.66  ? 22  HIS A CG  1 
ATOM   171 N  ND1 . HIS A 1 24 ? 6.275   -9.289  3.414   1.00 7.82  ? 22  HIS A ND1 1 
ATOM   172 C  CD2 . HIS A 1 24 ? 4.170   -9.606  4.083   1.00 8.52  ? 22  HIS A CD2 1 
ATOM   173 C  CE1 . HIS A 1 24 ? 6.066   -10.587 3.624   1.00 9.07  ? 22  HIS A CE1 1 
ATOM   174 N  NE2 . HIS A 1 24 ? 4.810   -10.819 4.013   1.00 9.33  ? 22  HIS A NE2 1 
ATOM   175 N  N   . VAL A 1 25 ? 6.012   -4.330  4.137   1.00 6.43  ? 23  VAL A N   1 
ATOM   176 C  CA  . VAL A 1 25 ? 5.933   -2.902  3.930   1.00 6.91  ? 23  VAL A CA  1 
ATOM   177 C  C   . VAL A 1 25 ? 6.514   -2.594  2.556   1.00 6.99  ? 23  VAL A C   1 
ATOM   178 O  O   . VAL A 1 25 ? 7.654   -2.969  2.263   1.00 7.80  ? 23  VAL A O   1 
ATOM   179 C  CB  . VAL A 1 25 ? 6.709   -2.122  5.026   1.00 9.21  ? 23  VAL A CB  1 
ATOM   180 C  CG1 . VAL A 1 25 ? 6.558   -0.624  4.888   1.00 10.31 ? 23  VAL A CG1 1 
ATOM   181 C  CG2 . VAL A 1 25 ? 6.390   -2.575  6.439   1.00 12.61 ? 23  VAL A CG2 1 
ATOM   182 N  N   . VAL A 1 26 ? 5.764   -1.849  1.745   1.00 5.81  ? 24  VAL A N   1 
ATOM   183 C  CA  . VAL A 1 26 ? 6.194   -1.492  0.396   1.00 5.93  ? 24  VAL A CA  1 
ATOM   184 C  C   . VAL A 1 26 ? 5.928   -0.034  0.132   1.00 6.45  ? 24  VAL A C   1 
ATOM   185 O  O   . VAL A 1 26 ? 4.961   0.545   0.615   1.00 7.20  ? 24  VAL A O   1 
ATOM   186 C  CB  . VAL A 1 26 ? 5.550   -2.374  -0.692  1.00 7.01  ? 24  VAL A CB  1 
ATOM   187 C  CG1 . VAL A 1 26 ? 6.077   -3.790  -0.663  1.00 8.19  ? 24  VAL A CG1 1 
ATOM   188 C  CG2 . VAL A 1 26 ? 4.029   -2.333  -0.627  1.00 7.38  ? 24  VAL A CG2 1 
ATOM   189 N  N   . ASN A 1 27 ? 6.774   0.582   -0.671  1.00 6.32  ? 25  ASN A N   1 
ATOM   190 C  CA  . ASN A 1 27 ? 6.675   1.986   -1.007  1.00 6.64  ? 25  ASN A CA  1 
ATOM   191 C  C   . ASN A 1 27 ? 5.459   2.288   -1.890  1.00 7.23  ? 25  ASN A C   1 
ATOM   192 O  O   . ASN A 1 27 ? 5.322   1.715   -2.953  1.00 7.88  ? 25  ASN A O   1 
ATOM   193 C  CB  . ASN A 1 27 ? 7.970   2.330   -1.764  1.00 7.56  ? 25  ASN A CB  1 
ATOM   194 C  CG  . ASN A 1 27 ? 8.024   3.696   -2.367  1.00 9.72  ? 25  ASN A CG  1 
ATOM   195 O  OD1 . ASN A 1 27 ? 7.492   4.685   -1.837  1.00 9.84  ? 25  ASN A OD1 1 
ATOM   196 N  ND2 . ASN A 1 27 ? 8.688   3.811   -3.501  1.00 10.49 ? 25  ASN A ND2 1 
ATOM   197 N  N   . CYS A 1 28 ? 4.622   3.239   -1.482  1.00 6.35  ? 26  CYS A N   1 
ATOM   198 C  CA  . CYS A 1 28 ? 3.465   3.666   -2.282  1.00 7.55  ? 26  CYS A CA  1 
ATOM   199 C  C   . CYS A 1 28 ? 3.871   4.259   -3.616  1.00 8.71  ? 26  CYS A C   1 
ATOM   200 O  O   . CYS A 1 28 ? 3.093   4.200   -4.570  1.00 10.14 ? 26  CYS A O   1 
ATOM   201 C  CB  . CYS A 1 28 ? 2.612   4.681   -1.527  1.00 7.62  ? 26  CYS A CB  1 
ATOM   202 S  SG  . CYS A 1 28 ? 1.892   4.078   0.024   1.00 7.61  ? 26  CYS A SG  1 
ATOM   203 N  N   . GLY A 1 29 ? 5.012   4.925   -3.653  1.00 8.87  ? 27  GLY A N   1 
ATOM   204 C  CA  . GLY A 1 29 ? 5.418   5.622   -4.864  1.00 12.04 ? 27  GLY A CA  1 
ATOM   205 C  C   . GLY A 1 29 ? 5.054   7.086   -4.825  1.00 13.75 ? 27  GLY A C   1 
ATOM   206 O  O   . GLY A 1 29 ? 4.471   7.581   -3.860  1.00 14.07 ? 27  GLY A O   1 
ATOM   207 N  N   . SER A 1 30 ? 5.377   7.779   -5.911  1.00 14.50 ? 28  SER A N   1 
ATOM   208 C  CA  . SER A 1 30 ? 5.234   9.219   -5.987  1.00 16.15 ? 28  SER A CA  1 
ATOM   209 C  C   . SER A 1 30 ? 4.039   9.774   -6.769  1.00 16.06 ? 28  SER A C   1 
ATOM   210 O  O   . SER A 1 30 ? 3.845   10.998  -6.715  1.00 16.58 ? 28  SER A O   1 
ATOM   211 C  CB  . SER A 1 30 ? 6.515   9.823   -6.550  1.00 19.15 ? 28  SER A CB  1 
ATOM   212 O  OG  . SER A 1 30 ? 6.803   9.250   -7.816  1.00 23.23 ? 28  SER A OG  1 
ATOM   213 N  N   . ALA A 1 31 ? 3.256   8.952   -7.501  1.00 15.20 ? 29  ALA A N   1 
ATOM   214 C  CA  . ALA A 1 31 ? 2.128   9.534   -8.251  1.00 15.67 ? 29  ALA A CA  1 
ATOM   215 C  C   . ALA A 1 31 ? 1.100   10.183  -7.290  1.00 15.18 ? 29  ALA A C   1 
ATOM   216 O  O   . ALA A 1 31 ? 0.889   9.655   -6.185  1.00 14.71 ? 29  ALA A O   1 
ATOM   217 C  CB  . ALA A 1 31 ? 1.478   8.503   -9.154  1.00 16.96 ? 29  ALA A CB  1 
ATOM   218 N  N   . ALA A 1 32 ? 0.482   11.329  -7.677  1.00 14.96 ? 30  ALA A N   1 
ATOM   219 C  CA  . ALA A 1 32 ? -0.484  12.017  -6.807  1.00 14.44 ? 30  ALA A CA  1 
ATOM   220 C  C   . ALA A 1 32 ? -1.665  11.137  -6.452  1.00 12.91 ? 30  ALA A C   1 
ATOM   221 O  O   . ALA A 1 32 ? -2.267  11.380  -5.426  1.00 13.14 ? 30  ALA A O   1 
ATOM   222 C  CB  . ALA A 1 32 ? -0.971  13.322  -7.426  1.00 15.26 ? 30  ALA A CB  1 
ATOM   223 N  N   . ASN A 1 33 ? -2.010  10.179  -7.302  1.00 12.54 ? 31  ASN A N   1 
ATOM   224 C  CA  . ASN A 1 33 ? -3.105  9.249   -7.025  1.00 12.01 ? 31  ASN A CA  1 
ATOM   225 C  C   . ASN A 1 33 ? -2.663  7.920   -6.416  1.00 10.83 ? 31  ASN A C   1 
ATOM   226 O  O   . ASN A 1 33 ? -3.480  7.032   -6.260  1.00 11.49 ? 31  ASN A O   1 
ATOM   227 C  CB  . ASN A 1 33 ? -3.952  9.005   -8.273  1.00 13.74 ? 31  ASN A CB  1 
ATOM   228 C  CG  . ASN A 1 33 ? -3.237  8.309   -9.390  1.00 16.60 ? 31  ASN A CG  1 
ATOM   229 O  OD1 . ASN A 1 33 ? -2.031  8.424   -9.544  1.00 17.63 ? 31  ASN A OD1 1 
ATOM   230 N  ND2 . ASN A 1 33 ? -3.972  7.594   -10.218 1.00 17.76 ? 31  ASN A ND2 1 
ATOM   231 N  N   . LYS A 1 34 ? -1.375  7.774   -6.090  1.00 9.96  ? 32  LYS A N   1 
ATOM   232 C  CA  . LYS A 1 34 ? -0.879  6.526   -5.503  1.00 9.79  ? 32  LYS A CA  1 
ATOM   233 C  C   . LYS A 1 34 ? -0.291  6.697   -4.128  1.00 9.05  ? 32  LYS A C   1 
ATOM   234 O  O   . LYS A 1 34 ? -0.304  5.742   -3.355  1.00 8.42  ? 32  LYS A O   1 
ATOM   235 C  CB  . LYS A 1 34 ? 0.159   5.862   -6.405  1.00 10.26 ? 32  LYS A CB  1 
ATOM   236 C  CG  . LYS A 1 34 ? -0.313  5.593   -7.824  1.00 11.54 ? 32  LYS A CG  1 
ATOM   237 C  CD  . LYS A 1 34 ? -1.384  4.521   -7.872  1.00 11.96 ? 32  LYS A CD  1 
ATOM   238 C  CE  . LYS A 1 34 ? -1.859  4.288   -9.284  1.00 15.97 ? 32  LYS A CE  1 
ATOM   239 N  NZ  . LYS A 1 34 ? -2.795  3.141   -9.380  1.00 17.75 ? 32  LYS A NZ  1 
ATOM   240 N  N   . LYS A 1 35 ? 0.291   7.854   -3.808  1.00 9.31  ? 33  LYS A N   1 
ATOM   241 C  CA  . LYS A 1 35 ? 0.895   8.078   -2.494  1.00 9.44  ? 33  LYS A CA  1 
ATOM   242 C  C   . LYS A 1 35 ? -0.133  7.997   -1.380  1.00 9.11  ? 33  LYS A C   1 
ATOM   243 O  O   . LYS A 1 35 ? -1.317  8.206   -1.612  1.00 9.52  ? 33  LYS A O   1 
ATOM   244 C  CB  . LYS A 1 35 ? 1.616   9.434   -2.472  1.00 12.80 ? 33  LYS A CB  1 
ATOM   245 C  CG  . LYS A 1 35 ? 0.673   10.622  -2.591  1.00 16.12 ? 33  LYS A CG  1 
ATOM   246 C  CD  . LYS A 1 35 ? 1.430   11.940  -2.627  1.00 19.74 ? 33  LYS A CD  1 
ATOM   247 C  CE  . LYS A 1 35 ? 2.218   12.108  -3.900  1.00 24.57 ? 33  LYS A CE  1 
ATOM   248 N  NZ  . LYS A 1 35 ? 2.322   13.543  -4.298  1.00 28.54 ? 33  LYS A NZ  1 
ATOM   249 N  N   . CYS A 1 36 ? 0.321   7.656   -0.179  1.00 8.48  ? 34  CYS A N   1 
ATOM   250 C  CA  . CYS A 1 36 ? -0.567  7.601   0.972   1.00 8.76  ? 34  CYS A CA  1 
ATOM   251 C  C   . CYS A 1 36 ? -0.947  9.027   1.353   1.00 9.98  ? 34  CYS A C   1 
ATOM   252 O  O   . CYS A 1 36 ? -0.073  9.837   1.669   1.00 11.92 ? 34  CYS A O   1 
ATOM   253 C  CB  . CYS A 1 36 ? 0.120   6.883   2.124   1.00 8.60  ? 34  CYS A CB  1 
ATOM   254 S  SG  . CYS A 1 36 ? -0.963  6.611   3.564   1.00 9.10  ? 34  CYS A SG  1 
ATOM   255 N  N   . LYS A 1 37 ? -2.228  9.358   1.272   1.00 9.37  ? 35  LYS A N   1 
ATOM   256 C  CA  . LYS A 1 37 ? -2.713  10.699  1.589   1.00 10.57 ? 35  LYS A CA  1 
ATOM   257 C  C   . LYS A 1 37 ? -3.565  10.735  2.846   1.00 10.88 ? 35  LYS A C   1 
ATOM   258 O  O   . LYS A 1 37 ? -3.886  11.837  3.315   1.00 12.58 ? 35  LYS A O   1 
ATOM   259 C  CB  . LYS A 1 37 ? -3.522  11.254  0.417   1.00 13.31 ? 35  LYS A CB  1 
ATOM   260 C  CG  . LYS A 1 37 ? -2.658  11.701  -0.739  1.00 15.63 ? 35  LYS A CG  1 
ATOM   261 C  CD  . LYS A 1 37 ? -3.478  12.446  -1.790  1.00 19.24 ? 35  LYS A CD  1 
ATOM   262 C  CE  . LYS A 1 37 ? -2.590  13.209  -2.748  1.00 23.10 ? 35  LYS A CE  1 
ATOM   263 N  NZ  . LYS A 1 37 ? -3.373  13.892  -3.822  1.00 26.08 ? 35  LYS A NZ  1 
ATOM   264 N  N   . SER A 1 38 ? -3.976  9.575   3.366   1.00 10.81 ? 36  SER A N   1 
ATOM   265 C  CA  . SER A 1 38 ? -4.830  9.488   4.527   1.00 11.08 ? 36  SER A CA  1 
ATOM   266 C  C   . SER A 1 38 ? -4.288  8.358   5.396   1.00 10.57 ? 36  SER A C   1 
ATOM   267 O  O   . SER A 1 38 ? -4.138  7.220   4.908   1.00 9.26  ? 36  SER A O   1 
ATOM   268 C  CB  . SER A 1 38 ? -6.257  9.182   4.091   1.00 13.41 ? 36  SER A CB  1 
ATOM   269 O  OG  . SER A 1 38 ? -7.165  9.298   5.177   1.00 16.95 ? 36  SER A OG  1 
ATOM   270 N  N   . ASP A 1 39 ? -3.936  8.649   6.665   1.00 12.09 ? 37  ASP A N   1 
ATOM   271 C  CA  . ASP A 1 39 ? -3.338  7.608   7.512   1.00 12.63 ? 37  ASP A CA  1 
ATOM   272 C  C   . ASP A 1 39 ? -4.252  6.381   7.665   1.00 11.68 ? 37  ASP A C   1 
ATOM   273 O  O   . ASP A 1 39 ? -5.446  6.475   7.890   1.00 12.22 ? 37  ASP A O   1 
ATOM   274 C  CB  . ASP A 1 39 ? -2.810  8.122   8.868   1.00 13.82 ? 37  ASP A CB  1 
ATOM   275 C  CG  . ASP A 1 39 ? -1.814  7.193   9.559   1.00 17.97 ? 37  ASP A CG  1 
ATOM   276 O  OD1 . ASP A 1 39 ? -0.839  6.737   8.894   1.00 13.62 ? 37  ASP A OD1 1 
ATOM   277 O  OD2 . ASP A 1 39 ? -1.997  6.921   10.767  1.00 23.27 ? 37  ASP A OD2 1 
ATOM   278 N  N   . ARG A 1 40 ? -3.642  5.243   7.448   1.00 9.41  ? 38  ARG A N   1 
ATOM   279 C  CA  . ARG A 1 40 ? -4.223  3.902   7.488   1.00 8.34  ? 38  ARG A CA  1 
ATOM   280 C  C   . ARG A 1 40 ? -5.222  3.651   6.382   1.00 7.46  ? 38  ARG A C   1 
ATOM   281 O  O   . ARG A 1 40 ? -5.983  2.683   6.467   1.00 7.78  ? 38  ARG A O   1 
ATOM   282 C  CB  . ARG A 1 40 ? -4.785  3.543   8.869   1.00 8.53  ? 38  ARG A CB  1 
ATOM   283 C  CG  . ARG A 1 40 ? -3.839  3.845   10.029  1.00 9.73  ? 38  ARG A CG  1 
ATOM   284 C  CD  . ARG A 1 40 ? -2.436  3.328   9.822   1.00 9.25  ? 38  ARG A CD  1 
ATOM   285 N  NE  . ARG A 1 40 ? -2.388  1.875   9.751   1.00 8.67  ? 38  ARG A NE  1 
ATOM   286 C  CZ  . ARG A 1 40 ? -1.258  1.173   9.700   1.00 9.08  ? 38  ARG A CZ  1 
ATOM   287 N  NH1 . ARG A 1 40 ? -0.079  1.793   9.698   1.00 10.41 ? 38  ARG A NH1 1 
ATOM   288 N  NH2 . ARG A 1 40 ? -1.294  -0.152  9.662   1.00 9.83  ? 38  ARG A NH2 1 
ATOM   289 N  N   . HIS A 1 41 ? -5.191  4.437   5.292   1.00 6.82  ? 39  HIS A N   1 
ATOM   290 C  CA  . HIS A 1 41 ? -6.117  4.193   4.184   1.00 7.34  ? 39  HIS A CA  1 
ATOM   291 C  C   . HIS A 1 41 ? -5.846  2.825   3.593   1.00 7.28  ? 39  HIS A C   1 
ATOM   292 O  O   . HIS A 1 41 ? -4.687  2.392   3.528   1.00 7.26  ? 39  HIS A O   1 
ATOM   293 C  CB  . HIS A 1 41 ? -5.929  5.245   3.085   1.00 8.37  ? 39  HIS A CB  1 
ATOM   294 C  CG  . HIS A 1 41 ? -7.111  5.357   2.162   1.00 8.04  ? 39  HIS A CG  1 
ATOM   295 N  ND1 . HIS A 1 41 ? -7.263  4.526   1.059   1.00 7.63  ? 39  HIS A ND1 1 
ATOM   296 C  CD2 . HIS A 1 41 ? -8.181  6.188   2.226   1.00 8.20  ? 39  HIS A CD2 1 
ATOM   297 C  CE1 . HIS A 1 41 ? -8.432  4.866   0.502   1.00 8.47  ? 39  HIS A CE1 1 
ATOM   298 N  NE2 . HIS A 1 41 ? -9.018  5.877   1.157   1.00 8.64  ? 39  HIS A NE2 1 
ATOM   299 N  N   . HIS A 1 42 ? -6.874  2.179   3.055   1.00 6.77  ? 40  HIS A N   1 
ATOM   300 C  CA  . HIS A 1 42 ? -6.667  0.931   2.340   1.00 6.77  ? 40  HIS A CA  1 
ATOM   301 C  C   . HIS A 1 42 ? -5.694  1.160   1.166   1.00 5.79  ? 40  HIS A C   1 
ATOM   302 O  O   . HIS A 1 42 ? -5.742  2.203   0.492   1.00 6.39  ? 40  HIS A O   1 
ATOM   303 C  CB  . HIS A 1 42 ? -8.002  0.376   1.833   1.00 6.56  ? 40  HIS A CB  1 
ATOM   304 C  CG  . HIS A 1 42 ? -7.865  -0.886  1.026   1.00 6.74  ? 40  HIS A CG  1 
ATOM   305 N  ND1 . HIS A 1 42 ? -7.081  -1.946  1.452   1.00 6.45  ? 40  HIS A ND1 1 
ATOM   306 C  CD2 . HIS A 1 42 ? -8.397  -1.216  -0.173  1.00 6.79  ? 40  HIS A CD2 1 
ATOM   307 C  CE1 . HIS A 1 42 ? -7.168  -2.878  0.513   1.00 6.79  ? 40  HIS A CE1 1 
ATOM   308 N  NE2 . HIS A 1 42 ? -7.975  -2.501  -0.467  1.00 7.16  ? 40  HIS A NE2 1 
ATOM   309 N  N   . CYS A 1 43 ? -4.789  0.206   0.997   1.00 5.65  ? 41  CYS A N   1 
ATOM   310 C  CA  . CYS A 1 43 ? -3.797  0.229   -0.053  1.00 6.34  ? 41  CYS A CA  1 
ATOM   311 C  C   . CYS A 1 43 ? -3.696  -1.159  -0.650  1.00 6.46  ? 41  CYS A C   1 
ATOM   312 O  O   . CYS A 1 43 ? -4.096  -2.157  -0.028  1.00 6.72  ? 41  CYS A O   1 
ATOM   313 C  CB  . CYS A 1 43 ? -2.446  0.700   0.489   1.00 6.46  ? 41  CYS A CB  1 
ATOM   314 S  SG  . CYS A 1 43 ? -1.788  -0.300  1.850   1.00 6.21  ? 41  CYS A SG  1 
ATOM   315 N  N   . GLU A 1 44 ? -3.161  -1.228  -1.880  1.00 6.42  ? 42  GLU A N   1 
ATOM   316 C  CA  . GLU A 1 44 ? -3.000  -2.475  -2.594  1.00 7.14  ? 42  GLU A CA  1 
ATOM   317 C  C   . GLU A 1 44 ? -1.618  -2.609  -3.178  1.00 7.72  ? 42  GLU A C   1 
ATOM   318 O  O   . GLU A 1 44 ? -1.110  -1.676  -3.804  1.00 8.30  ? 42  GLU A O   1 
ATOM   319 C  CB  . GLU A 1 44 ? -4.027  -2.579  -3.721  1.00 7.44  ? 42  GLU A CB  1 
ATOM   320 C  CG  . GLU A 1 44 ? -5.432  -2.580  -3.173  1.00 7.76  ? 42  GLU A CG  1 
ATOM   321 C  CD  . GLU A 1 44 ? -6.536  -2.507  -4.204  1.00 10.22 ? 42  GLU A CD  1 
ATOM   322 O  OE1 . GLU A 1 44 ? -6.238  -2.394  -5.415  1.00 10.63 ? 42  GLU A OE1 1 
ATOM   323 O  OE2 . GLU A 1 44 ? -7.718  -2.563  -3.793  1.00 9.03  ? 42  GLU A OE2 1 
ATOM   324 N  N   . TYR A 1 45 ? -1.040  -3.792  -3.034  1.00 7.72  ? 43  TYR A N   1 
ATOM   325 C  CA  . TYR A 1 45 ? 0.251   -4.114  -3.609  1.00 7.59  ? 43  TYR A CA  1 
ATOM   326 C  C   . TYR A 1 45 ? 0.035   -5.213  -4.637  1.00 7.73  ? 43  TYR A C   1 
ATOM   327 O  O   . TYR A 1 45 ? -0.478  -6.291  -4.351  1.00 8.22  ? 43  TYR A O   1 
ATOM   328 C  CB  . TYR A 1 45 ? 1.200   -4.592  -2.509  1.00 8.30  ? 43  TYR A CB  1 
ATOM   329 C  CG  . TYR A 1 45 ? 2.448   -5.300  -3.004  1.00 9.46  ? 43  TYR A CG  1 
ATOM   330 C  CD1 . TYR A 1 45 ? 3.269   -4.724  -3.964  1.00 10.56 ? 43  TYR A CD1 1 
ATOM   331 C  CD2 . TYR A 1 45 ? 2.771   -6.562  -2.548  1.00 11.73 ? 43  TYR A CD2 1 
ATOM   332 C  CE1 . TYR A 1 45 ? 4.402   -5.385  -4.428  1.00 11.98 ? 43  TYR A CE1 1 
ATOM   333 C  CE2 . TYR A 1 45 ? 3.914   -7.218  -2.986  1.00 13.26 ? 43  TYR A CE2 1 
ATOM   334 C  CZ  . TYR A 1 45 ? 4.744   -6.605  -3.892  1.00 13.46 ? 43  TYR A CZ  1 
ATOM   335 O  OH  . TYR A 1 45 ? 5.843   -7.307  -4.336  1.00 16.33 ? 43  TYR A OH  1 
ATOM   336 N  N   . ASP A 1 46 ? 0.445   -4.923  -5.861  1.00 8.51  ? 44  ASP A N   1 
ATOM   337 C  CA  . ASP A 1 46 ? 0.379   -5.845  -6.978  1.00 9.99  ? 44  ASP A CA  1 
ATOM   338 C  C   . ASP A 1 46 ? 1.767   -6.461  -7.121  1.00 10.43 ? 44  ASP A C   1 
ATOM   339 O  O   . ASP A 1 46 ? 2.680   -5.829  -7.638  1.00 10.97 ? 44  ASP A O   1 
ATOM   340 C  CB  . ASP A 1 46 ? -0.030  -5.055  -8.223  1.00 12.94 ? 44  ASP A CB  1 
ATOM   341 C  CG  . ASP A 1 46 ? -0.109  -5.847  -9.502  1.00 16.99 ? 44  ASP A CG  1 
ATOM   342 O  OD1 . ASP A 1 46 ? 0.274   -7.031  -9.494  1.00 16.19 ? 44  ASP A OD1 1 
ATOM   343 O  OD2 . ASP A 1 46 ? -0.562  -5.283  -10.514 1.00 21.62 ? 44  ASP A OD2 1 
ATOM   344 N  N   . GLU A 1 47 ? 1.924   -7.680  -6.673  1.00 10.74 ? 45  GLU A N   1 
ATOM   345 C  CA  . GLU A 1 47 ? 3.198   -8.380  -6.681  1.00 12.50 ? 45  GLU A CA  1 
ATOM   346 C  C   . GLU A 1 47 ? 3.742   -8.690  -8.069  1.00 13.71 ? 45  GLU A C   1 
ATOM   347 O  O   . GLU A 1 47 ? 4.965   -8.706  -8.270  1.00 15.33 ? 45  GLU A O   1 
ATOM   348 C  CB  . GLU A 1 47 ? 3.024   -9.665  -5.884  1.00 15.81 ? 45  GLU A CB  1 
ATOM   349 C  CG  . GLU A 1 47 ? 4.277   -10.455 -5.594  1.00 21.69 ? 45  GLU A CG  1 
ATOM   350 C  CD  . GLU A 1 47 ? 3.933   -11.748 -4.876  1.00 27.88 ? 45  GLU A CD  1 
ATOM   351 O  OE1 . GLU A 1 47 ? 3.109   -12.526 -5.411  1.00 29.45 ? 45  GLU A OE1 1 
ATOM   352 O  OE2 . GLU A 1 47 ? 4.469   -11.970 -3.768  1.00 30.88 ? 45  GLU A OE2 1 
ATOM   353 N  N   . HIS A 1 48 ? 2.847   -8.969  -9.010  1.00 12.56 ? 46  HIS A N   1 
ATOM   354 C  CA  . HIS A 1 48 ? 3.277   -9.304  -10.363 1.00 13.74 ? 46  HIS A CA  1 
ATOM   355 C  C   . HIS A 1 48 ? 3.960   -8.136  -11.036 1.00 14.44 ? 46  HIS A C   1 
ATOM   356 O  O   . HIS A 1 48 ? 4.864   -8.352  -11.835 1.00 15.23 ? 46  HIS A O   1 
ATOM   357 C  CB  . HIS A 1 48 ? 2.101   -9.784  -11.203 1.00 15.34 ? 46  HIS A CB  1 
ATOM   358 C  CG  . HIS A 1 48 ? 1.653   -11.174 -10.871 1.00 19.16 ? 46  HIS A CG  1 
ATOM   359 N  ND1 . HIS A 1 48 ? 0.358   -11.588 -11.126 1.00 22.20 ? 46  HIS A ND1 1 
ATOM   360 C  CD2 . HIS A 1 48 ? 2.350   -12.211 -10.352 1.00 20.75 ? 46  HIS A CD2 1 
ATOM   361 C  CE1 . HIS A 1 48 ? 0.306   -12.859 -10.751 1.00 22.61 ? 46  HIS A CE1 1 
ATOM   362 N  NE2 . HIS A 1 48 ? 1.478   -13.275 -10.275 1.00 22.10 ? 46  HIS A NE2 1 
ATOM   363 N  N   . HIS A 1 49 ? 3.551   -6.903  -10.726 1.00 13.20 ? 47  HIS A N   1 
ATOM   364 C  CA  . HIS A 1 49 ? 4.118   -5.740  -11.383 1.00 13.05 ? 47  HIS A CA  1 
ATOM   365 C  C   . HIS A 1 49 ? 4.791   -4.749  -10.474 1.00 13.16 ? 47  HIS A C   1 
ATOM   366 O  O   . HIS A 1 49 ? 5.176   -3.681  -10.935 1.00 12.88 ? 47  HIS A O   1 
ATOM   367 C  CB  . HIS A 1 49 ? 3.041   -5.077  -12.225 1.00 13.14 ? 47  HIS A CB  1 
ATOM   368 C  CG  . HIS A 1 49 ? 2.606   -6.012  -13.297 1.00 13.12 ? 47  HIS A CG  1 
ATOM   369 N  ND1 . HIS A 1 49 ? 3.464   -6.383  -14.317 1.00 14.30 ? 47  HIS A ND1 1 
ATOM   370 C  CD2 . HIS A 1 49 ? 1.490   -6.766  -13.370 1.00 13.39 ? 47  HIS A CD2 1 
ATOM   371 C  CE1 . HIS A 1 49 ? 2.810   -7.296  -15.019 1.00 14.51 ? 47  HIS A CE1 1 
ATOM   372 N  NE2 . HIS A 1 49 ? 1.619   -7.561  -14.483 1.00 14.04 ? 47  HIS A NE2 1 
ATOM   373 N  N   . LYS A 1 50 ? 5.005   -5.092  -9.206  1.00 13.11 ? 48  LYS A N   1 
ATOM   374 C  CA  . LYS A 1 50 ? 5.707   -4.222  -8.266  1.00 13.80 ? 48  LYS A CA  1 
ATOM   375 C  C   . LYS A 1 50 ? 5.105   -2.823  -8.219  1.00 14.81 ? 48  LYS A C   1 
ATOM   376 O  O   . LYS A 1 50 ? 5.834   -1.834  -8.243  1.00 16.32 ? 48  LYS A O   1 
ATOM   377 C  CB  . LYS A 1 50 ? 7.226   -4.185  -8.577  1.00 16.87 ? 48  LYS A CB  1 
ATOM   378 C  CG  . LYS A 1 50 ? 7.953   -5.493  -8.293  1.00 23.15 ? 48  LYS A CG  1 
ATOM   379 C  CD  . LYS A 1 50 ? 7.976   -6.427  -9.495  1.00 29.43 ? 48  LYS A CD  1 
ATOM   380 C  CE  . LYS A 1 50 ? 8.830   -7.646  -9.252  1.00 34.28 ? 48  LYS A CE  1 
ATOM   381 N  NZ  . LYS A 1 50 ? 8.470   -8.330  -7.978  1.00 36.85 ? 48  LYS A NZ  1 
ATOM   382 N  N   . ARG A 1 51 ? 3.764   -2.760  -8.269  1.00 13.25 ? 49  ARG A N   1 
ATOM   383 C  CA  . ARG A 1 51 ? 3.050   -1.500  -8.213  1.00 12.68 ? 49  ARG A CA  1 
ATOM   384 C  C   . ARG A 1 51 ? 2.210   -1.427  -6.963  1.00 9.67  ? 49  ARG A C   1 
ATOM   385 O  O   . ARG A 1 51 ? 1.705   -2.438  -6.475  1.00 10.42 ? 49  ARG A O   1 
ATOM   386 C  CB  . ARG A 1 51 ? 2.207   -1.255  -9.464  1.00 16.62 ? 49  ARG A CB  1 
ATOM   387 C  CG  . ARG A 1 51 ? 3.028   -1.140  -10.738 1.00 22.27 ? 49  ARG A CG  1 
ATOM   388 C  CD  . ARG A 1 51 ? 3.881   0.110   -10.772 1.00 26.76 ? 49  ARG A CD  1 
ATOM   389 N  NE  . ARG A 1 51 ? 4.520   0.281   -12.081 1.00 30.77 ? 49  ARG A NE  1 
ATOM   390 C  CZ  . ARG A 1 51 ? 5.306   1.301   -12.408 1.00 33.71 ? 49  ARG A CZ  1 
ATOM   391 N  NH1 . ARG A 1 51 ? 5.572   2.254   -11.522 1.00 33.85 ? 49  ARG A NH1 1 
ATOM   392 N  NH2 . ARG A 1 51 ? 5.848   1.368   -13.617 1.00 34.14 ? 49  ARG A NH2 1 
ATOM   393 N  N   . VAL A 1 52 ? 2.143   -0.242  -6.403  1.00 7.68  ? 50  VAL A N   1 
ATOM   394 C  CA  . VAL A 1 52 ? 1.436   -0.007  -5.151  1.00 7.48  ? 50  VAL A CA  1 
ATOM   395 C  C   . VAL A 1 52 ? 0.498   1.171   -5.322  1.00 8.51  ? 50  VAL A C   1 
ATOM   396 O  O   . VAL A 1 52 ? 0.839   2.167   -5.962  1.00 10.13 ? 50  VAL A O   1 
ATOM   397 C  CB  . VAL A 1 52 ? 2.475   0.236   -4.028  1.00 8.08  ? 50  VAL A CB  1 
ATOM   398 C  CG1 . VAL A 1 52 ? 1.802   0.347   -2.665  1.00 8.64  ? 50  VAL A CG1 1 
ATOM   399 C  CG2 . VAL A 1 52 ? 3.562   -0.842  -4.009  1.00 9.52  ? 50  VAL A CG2 1 
ATOM   400 N  N   . ASP A 1 53 ? -0.682  1.076   -4.754  1.00 7.33  ? 51  ASP A N   1 
ATOM   401 C  CA  . ASP A 1 53 ? -1.654  2.164   -4.784  1.00 6.86  ? 51  ASP A CA  1 
ATOM   402 C  C   . ASP A 1 53 ? -2.171  2.340   -3.371  1.00 6.81  ? 51  ASP A C   1 
ATOM   403 O  O   . ASP A 1 53 ? -2.788  1.433   -2.828  1.00 7.60  ? 51  ASP A O   1 
ATOM   404 C  CB  . ASP A 1 53 ? -2.782  1.838   -5.761  1.00 8.01  ? 51  ASP A CB  1 
ATOM   405 C  CG  . ASP A 1 53 ? -3.809  2.941   -5.954  1.00 9.31  ? 51  ASP A CG  1 
ATOM   406 O  OD1 . ASP A 1 53 ? -3.925  3.812   -5.078  1.00 9.18  ? 51  ASP A OD1 1 
ATOM   407 O  OD2 . ASP A 1 53 ? -4.478  2.954   -7.022  1.00 11.12 ? 51  ASP A OD2 1 
ATOM   408 N  N   . CYS A 1 54 ? -1.897  3.480   -2.770  1.00 6.62  ? 52  CYS A N   1 
ATOM   409 C  CA  . CYS A 1 54 ? -2.285  3.739   -1.382  1.00 7.12  ? 52  CYS A CA  1 
ATOM   410 C  C   . CYS A 1 54 ? -3.511  4.600   -1.248  1.00 7.37  ? 52  CYS A C   1 
ATOM   411 O  O   . CYS A 1 54 ? -3.800  5.088   -0.155  1.00 7.99  ? 52  CYS A O   1 
ATOM   412 C  CB  . CYS A 1 54 ? -1.099  4.290   -0.628  1.00 7.55  ? 52  CYS A CB  1 
ATOM   413 S  SG  . CYS A 1 54 ? 0.220   3.057   -0.514  1.00 7.17  ? 52  CYS A SG  1 
ATOM   414 N  N   . GLN A 1 55 ? -4.285  4.707   -2.333  1.00 7.09  ? 53  GLN A N   1 
ATOM   415 C  CA  . GLN A 1 55 ? -5.519  5.466   -2.316  1.00 8.16  ? 53  GLN A CA  1 
ATOM   416 C  C   . GLN A 1 55 ? -6.693  4.623   -2.815  1.00 9.14  ? 53  GLN A C   1 
ATOM   417 O  O   . GLN A 1 55 ? -7.643  5.177   -3.361  1.00 11.44 ? 53  GLN A O   1 
ATOM   418 C  CB  . GLN A 1 55 ? -5.361  6.709   -3.193  1.00 8.01  ? 53  GLN A CB  1 
ATOM   419 C  CG  . GLN A 1 55 ? -4.341  7.653   -2.630  1.00 9.55  ? 53  GLN A CG  1 
ATOM   420 C  CD  . GLN A 1 55 ? -4.182  8.883   -3.475  1.00 10.14 ? 53  GLN A CD  1 
ATOM   421 O  OE1 . GLN A 1 55 ? -5.124  9.406   -4.085  1.00 10.93 ? 53  GLN A OE1 1 
ATOM   422 N  NE2 . GLN A 1 55 ? -2.982  9.373   -3.550  1.00 10.56 ? 53  GLN A NE2 1 
ATOM   423 N  N   . THR A 1 56 ? -6.664  3.318   -2.632  1.00 8.17  ? 54  THR A N   1 
ATOM   424 C  CA  . THR A 1 56 ? -7.720  2.429   -3.087  1.00 8.40  ? 54  THR A CA  1 
ATOM   425 C  C   . THR A 1 56 ? -8.814  2.343   -2.055  1.00 8.89  ? 54  THR A C   1 
ATOM   426 O  O   . THR A 1 56 ? -8.581  1.827   -0.974  1.00 8.64  ? 54  THR A O   1 
ATOM   427 C  CB  . THR A 1 56 ? -7.140  1.028   -3.300  1.00 8.01  ? 54  THR A CB  1 
ATOM   428 O  OG1 . THR A 1 56 ? -6.422  0.632   -2.120  1.00 7.93  ? 54  THR A OG1 1 
ATOM   429 C  CG2 . THR A 1 56 ? -6.191  0.999   -4.461  1.00 9.31  ? 54  THR A CG2 1 
ATOM   430 N  N   . PRO A 1 57 ? -10.030 2.845   -2.334  1.00 9.79  ? 55  PRO A N   1 
ATOM   431 C  CA  . PRO A 1 57 ? -11.110 2.697   -1.349  1.00 11.76 ? 55  PRO A CA  1 
ATOM   432 C  C   . PRO A 1 57 ? -11.502 1.245   -1.139  1.00 13.85 ? 55  PRO A C   1 
ATOM   433 O  O   . PRO A 1 57 ? -11.324 0.389   -2.011  1.00 13.71 ? 55  PRO A O   1 
ATOM   434 C  CB  . PRO A 1 57 ? -12.267 3.504   -1.946  1.00 13.12 ? 55  PRO A CB  1 
ATOM   435 C  CG  . PRO A 1 57 ? -11.953 3.665   -3.371  1.00 13.32 ? 55  PRO A CG  1 
ATOM   436 C  CD  . PRO A 1 57 ? -10.475 3.533   -3.557  1.00 10.51 ? 55  PRO A CD  1 
ATOM   437 N  N   . VAL A 1 58 ? -12.072 0.980   0.033   1.00 15.42 ? 56  VAL A N   1 
ATOM   438 C  CA  . VAL A 1 58 ? -12.628 -0.316  0.388   1.00 19.01 ? 56  VAL A CA  1 
ATOM   439 C  C   . VAL A 1 58 ? -13.914 -0.552  -0.435  1.00 21.92 ? 56  VAL A C   1 
ATOM   440 O  O   . VAL A 1 58 ? -14.322 -1.722  -0.567  1.00 23.64 ? 56  VAL A O   1 
ATOM   441 C  CB  . VAL A 1 58 ? -12.939 -0.347  1.901   1.00 20.43 ? 56  VAL A CB  1 
ATOM   442 C  CG1 . VAL A 1 58 ? -11.661 -0.204  2.721   1.00 20.71 ? 56  VAL A CG1 1 
ATOM   443 C  CG2 . VAL A 1 58 ? -13.944 0.743   2.266   1.00 21.63 ? 56  VAL A CG2 1 
ATOM   444 O  OXT . VAL A 1 58 ? -14.514 0.423   -0.953  1.00 27.15 ? 56  VAL A OXT 1 
HETATM 445 C  C   . ACT B 2 .  ? -7.166  -5.870  -2.810  1.00 10.02 ? 101 ACT A C   1 
HETATM 446 O  O   . ACT B 2 .  ? -7.928  -5.776  -3.794  1.00 11.20 ? 101 ACT A O   1 
HETATM 447 O  OXT . ACT B 2 .  ? -7.180  -5.157  -1.812  1.00 8.62  ? 101 ACT A OXT 1 
HETATM 448 C  CH3 . ACT B 2 .  ? -6.119  -6.978  -2.851  1.00 11.06 ? 101 ACT A CH3 1 
HETATM 449 C  C   . ACT C 2 .  ? 8.285   -7.403  0.139   1.00 12.29 ? 102 ACT A C   1 
HETATM 450 O  O   . ACT C 2 .  ? 7.537   -8.142  0.798   1.00 13.37 ? 102 ACT A O   1 
HETATM 451 O  OXT . ACT C 2 .  ? 9.431   -7.149  0.470   1.00 11.61 ? 102 ACT A OXT 1 
HETATM 452 C  CH3 . ACT C 2 .  ? 7.756   -6.808  -1.169  1.00 12.86 ? 102 ACT A CH3 1 
HETATM 453 C  C   . ACT D 2 .  ? -10.078 9.093   2.134   1.00 14.99 ? 103 ACT A C   1 
HETATM 454 O  O   . ACT D 2 .  ? -10.881 8.167   2.190   1.00 14.68 ? 103 ACT A O   1 
HETATM 455 O  OXT . ACT D 2 .  ? -9.222  9.249   1.234   1.00 15.27 ? 103 ACT A OXT 1 
HETATM 456 C  CH3 . ACT D 2 .  ? -10.141 10.153  3.260   1.00 15.90 ? 103 ACT A CH3 1 
HETATM 457 C  C   . ACT E 2 .  ? 9.468   -11.153 2.862   1.00 14.11 ? 104 ACT A C   1 
HETATM 458 O  O   . ACT E 2 .  ? 9.130   -11.296 4.039   1.00 15.08 ? 104 ACT A O   1 
HETATM 459 O  OXT . ACT E 2 .  ? 9.116   -10.265 2.067   1.00 12.70 ? 104 ACT A OXT 1 
HETATM 460 C  CH3 . ACT E 2 .  ? 10.434  -12.231 2.341   1.00 15.29 ? 104 ACT A CH3 1 
HETATM 461 H  H1  . ACT E 2 .  ? 10.865  -11.921 1.390   0.00 19.48 ? 104 ACT A H1  1 
HETATM 462 H  H2  . ACT E 2 .  ? 9.934   -13.184 2.176   0.00 19.70 ? 104 ACT A H2  1 
HETATM 463 H  H3  . ACT E 2 .  ? 11.260  -12.409 3.029   0.00 19.59 ? 104 ACT A H3  1 
HETATM 464 C  C   . ACT F 2 .  ? -13.069 6.052   0.728   1.00 26.61 ? 105 ACT A C   1 
HETATM 465 O  O   . ACT F 2 .  ? -13.235 7.173   0.204   1.00 26.70 ? 105 ACT A O   1 
HETATM 466 O  OXT . ACT F 2 .  ? -11.957 5.545   0.983   1.00 25.97 ? 105 ACT A OXT 1 
HETATM 467 C  CH3 . ACT F 2 .  ? -14.333 5.243   1.104   1.00 26.90 ? 105 ACT A CH3 1 
HETATM 468 H  H1  . ACT F 2 .  ? -15.188 5.595   0.530   0.00 33.68 ? 105 ACT A H1  1 
HETATM 469 H  H2  . ACT F 2 .  ? -14.586 5.342   2.158   0.00 33.58 ? 105 ACT A H2  1 
HETATM 470 H  H3  . ACT F 2 .  ? -14.217 4.180   0.894   0.00 33.32 ? 105 ACT A H3  1 
HETATM 471 ZN ZN  . ZN  G 3 .  ? 9.607   4.622   6.832   1.00 8.32  2 106 ZN  A ZN  1 
HETATM 472 ZN ZN  . ZN  H 3 .  ? 7.996   -8.617  2.626   1.00 9.67  2 107 ZN  A ZN  1 
HETATM 473 ZN ZN  . ZN  I 3 .  ? -10.633 6.849   0.717   1.00 13.53 2 108 ZN  A ZN  1 
HETATM 474 O  O   . HOH J 4 .  ? -5.979  4.175   -7.490  1.00 5.21  ? 201 HOH A O   1 
HETATM 475 O  O   . HOH J 4 .  ? 5.085   13.013  -6.711  1.00 24.84 ? 202 HOH A O   1 
HETATM 476 O  O   . HOH J 4 .  ? 7.245   0.236   -7.738  1.00 16.44 ? 203 HOH A O   1 
HETATM 477 O  O   . HOH J 4 .  ? 5.516   -9.802  -0.136  1.00 16.21 ? 204 HOH A O   1 
HETATM 478 O  O   . HOH J 4 .  ? -0.956  -8.935  -10.763 1.00 20.09 ? 205 HOH A O   1 
HETATM 479 O  O   . HOH J 4 .  ? 5.948   -8.941  -14.166 1.00 21.06 ? 206 HOH A O   1 
HETATM 480 O  O   . HOH J 4 .  ? -7.458  8.675   -5.075  1.00 15.77 ? 207 HOH A O   1 
HETATM 481 O  O   . HOH J 4 .  ? 11.049  -5.352  -0.594  1.00 11.22 ? 208 HOH A O   1 
HETATM 482 O  O   . HOH J 4 .  ? -4.172  6.723   12.304  1.00 24.38 ? 209 HOH A O   1 
HETATM 483 O  O   . HOH J 4 .  ? -3.016  -6.926  5.075   1.00 6.50  ? 210 HOH A O   1 
HETATM 484 O  O   . HOH J 4 .  ? -4.389  -1.547  -7.155  1.00 17.32 ? 211 HOH A O   1 
HETATM 485 O  O   . HOH J 4 .  ? -5.177  0.706   -8.331  1.00 18.98 ? 212 HOH A O   1 
HETATM 486 O  O   . HOH J 4 .  ? -8.050  1.303   7.510   1.00 15.49 ? 213 HOH A O   1 
HETATM 487 O  O   . HOH J 4 .  ? -6.090  6.894   10.488  1.00 16.89 ? 214 HOH A O   1 
HETATM 488 O  O   . HOH J 4 .  ? -7.637  6.816   6.161   1.00 20.89 ? 215 HOH A O   1 
HETATM 489 O  O   . HOH J 4 .  ? -8.551  -7.996  -5.242  1.00 25.07 ? 216 HOH A O   1 
HETATM 490 O  O   . HOH J 4 .  ? -5.538  -10.948 -1.893  1.00 21.97 ? 217 HOH A O   1 
HETATM 491 O  O   . HOH J 4 .  ? 2.600   9.738   2.472   1.00 14.21 ? 218 HOH A O   1 
HETATM 492 O  O   . HOH J 4 .  ? 9.424   -3.193  0.162   1.00 9.86  ? 219 HOH A O   1 
HETATM 493 O  O   . HOH J 4 .  ? -10.837 0.463   -4.723  1.00 21.27 ? 220 HOH A O   1 
HETATM 494 O  O   . HOH J 4 .  ? 2.820   -15.875 11.739  1.00 17.07 ? 221 HOH A O   1 
HETATM 495 O  O   . HOH J 4 .  ? 8.085   4.876   0.861   1.00 11.49 ? 222 HOH A O   1 
HETATM 496 O  O   . HOH J 4 .  ? -5.405  12.020  -4.989  1.00 14.08 ? 223 HOH A O   1 
HETATM 497 O  O   . HOH J 4 .  ? 8.128   -9.918  6.244   1.00 14.38 ? 224 HOH A O   1 
HETATM 498 O  O   . HOH J 4 .  ? 9.597   -10.683 -0.650  1.00 24.09 ? 225 HOH A O   1 
HETATM 499 O  O   . HOH J 4 .  ? -4.371  7.554   1.057   1.00 9.75  ? 226 HOH A O   1 
HETATM 500 O  O   . HOH J 4 .  ? -9.424  -4.566  -5.847  1.00 26.46 ? 227 HOH A O   1 
HETATM 501 O  O   . HOH J 4 .  ? 5.438   -12.358 11.702  1.00 15.92 ? 228 HOH A O   1 
HETATM 502 O  O   . HOH J 4 .  ? -9.573  3.054   3.645   1.00 11.05 ? 229 HOH A O   1 
HETATM 503 O  O   . HOH J 4 .  ? 3.934   1.896   -7.241  1.00 17.65 ? 230 HOH A O   1 
HETATM 504 O  O   . HOH J 4 .  ? -6.687  8.403   0.035   1.00 15.24 ? 231 HOH A O   1 
HETATM 505 O  O   . HOH J 4 .  ? 6.055   1.965   -5.778  1.00 13.82 ? 232 HOH A O   1 
HETATM 506 O  O   . HOH J 4 .  ? -9.279  -1.411  -5.991  1.00 21.41 ? 233 HOH A O   1 
HETATM 507 O  O   . HOH J 4 .  ? 1.610   8.093   9.796   1.00 18.46 ? 234 HOH A O   1 
HETATM 508 O  O   . HOH J 4 .  ? 0.736   4.579   10.150  1.00 14.95 ? 235 HOH A O   1 
HETATM 509 O  O   . HOH J 4 .  ? 6.336   -10.109 10.514  1.00 14.35 ? 236 HOH A O   1 
HETATM 510 O  O   . HOH J 4 .  ? 6.028   -12.463 0.234   1.00 32.69 ? 237 HOH A O   1 
HETATM 511 O  O   . HOH J 4 .  ? 1.508   -0.727  10.526  1.00 24.65 ? 238 HOH A O   1 
HETATM 512 O  O   . HOH J 4 .  ? 3.587   5.997   -7.908  1.00 30.27 ? 239 HOH A O   1 
HETATM 513 O  O   . HOH J 4 .  ? -1.426  -14.714 3.465   1.00 15.29 ? 240 HOH A O   1 
HETATM 514 O  O   . HOH J 4 .  ? -1.770  -1.825  -6.956  1.00 20.47 ? 241 HOH A O   1 
HETATM 515 O  O   . HOH J 4 .  ? 8.691   6.222   -5.664  1.00 17.17 ? 242 HOH A O   1 
HETATM 516 O  O   . HOH J 4 .  ? 5.578   -13.908 2.806   1.00 19.75 ? 243 HOH A O   1 
HETATM 517 O  O   . HOH J 4 .  ? -8.004  3.110   -6.972  1.00 20.29 ? 244 HOH A O   1 
HETATM 518 O  O   . HOH J 4 .  ? 8.684   -10.318 8.879   1.00 18.45 ? 245 HOH A O   1 
HETATM 519 O  O   . HOH J 4 .  ? 8.248   9.969   -11.387 1.00 37.10 ? 246 HOH A O   1 
HETATM 520 O  O   . HOH J 4 .  ? -9.712  5.387   5.239   1.00 20.38 ? 247 HOH A O   1 
HETATM 521 O  O   . HOH J 4 .  ? 7.166   -4.346  9.175   1.00 18.93 ? 248 HOH A O   1 
# 
loop_
_atom_site_anisotrop.id 
_atom_site_anisotrop.type_symbol 
_atom_site_anisotrop.pdbx_label_atom_id 
_atom_site_anisotrop.pdbx_label_alt_id 
_atom_site_anisotrop.pdbx_label_comp_id 
_atom_site_anisotrop.pdbx_label_asym_id 
_atom_site_anisotrop.pdbx_label_seq_id 
_atom_site_anisotrop.pdbx_PDB_ins_code 
_atom_site_anisotrop.U[1][1] 
_atom_site_anisotrop.U[2][2] 
_atom_site_anisotrop.U[3][3] 
_atom_site_anisotrop.U[1][2] 
_atom_site_anisotrop.U[1][3] 
_atom_site_anisotrop.U[2][3] 
_atom_site_anisotrop.pdbx_auth_seq_id 
_atom_site_anisotrop.pdbx_auth_comp_id 
_atom_site_anisotrop.pdbx_auth_asym_id 
_atom_site_anisotrop.pdbx_auth_atom_id 
1   N N   . SER A 2  ? 0.3104 0.2872 0.2780 -0.0156 0.0082  -0.0194 -1  SER A N   
2   C CA  . SER A 2  ? 0.3106 0.2825 0.2819 -0.0137 0.0069  -0.0161 -1  SER A CA  
3   C C   . SER A 2  ? 0.2833 0.2567 0.2546 -0.0110 0.0053  -0.0109 -1  SER A C   
4   O O   . SER A 2  ? 0.2949 0.2678 0.2675 -0.0089 0.0061  -0.0101 -1  SER A O   
5   C CB  . SER A 2  ? 0.3478 0.3131 0.3247 -0.0124 0.0087  -0.0178 -1  SER A CB  
6   O OG  . SER A 2  ? 0.3983 0.3626 0.3767 -0.0101 0.0103  -0.0176 -1  SER A OG  
7   N N   . LYS A 3  ? 0.2440 0.2196 0.2144 -0.0114 0.0031  -0.0078 1   LYS A N   
8   C CA  . LYS A 3  ? 0.2066 0.1837 0.1779 -0.0092 0.0017  -0.0038 1   LYS A CA  
9   C C   . LYS A 3  ? 0.1700 0.1440 0.1439 -0.0078 0.0008  -0.0019 1   LYS A C   
10  O O   . LYS A 3  ? 0.1928 0.1656 0.1673 -0.0091 0.0005  -0.0023 1   LYS A O   
11  C CB  . LYS A 3  ? 0.2346 0.2175 0.2038 -0.0103 0.0003  -0.0015 1   LYS A CB  
12  C CG  . LYS A 3  ? 0.2906 0.2788 0.2580 -0.0112 0.0009  -0.0015 1   LYS A CG  
13  C CD  . LYS A 3  ? 0.3471 0.3415 0.3149 -0.0119 -0.0007 0.0025  1   LYS A CD  
14  C CE  . LYS A 3  ? 0.3846 0.3860 0.3512 -0.0132 -0.0004 0.0035  1   LYS A CE  
15  N NZ  . LYS A 3  ? 0.4075 0.4156 0.3763 -0.0138 -0.0019 0.0084  1   LYS A NZ  
16  N N   . PHE A 4  ? 0.1340 0.1077 0.1097 -0.0055 0.0004  0.0002  2   PHE A N   
17  C CA  . PHE A 4  ? 0.1288 0.1015 0.1068 -0.0043 -0.0005 0.0021  2   PHE A CA  
18  C C   . PHE A 4  ? 0.1197 0.0955 0.0975 -0.0031 -0.0018 0.0039  2   PHE A C   
19  O O   . PHE A 4  ? 0.1326 0.1093 0.1108 -0.0020 -0.0017 0.0043  2   PHE A O   
20  C CB  . PHE A 4  ? 0.1448 0.1147 0.1258 -0.0027 0.0004  0.0023  2   PHE A CB  
21  C CG  . PHE A 4  ? 0.1833 0.1497 0.1660 -0.0036 0.0022  0.0002  2   PHE A CG  
22  C CD1 . PHE A 4  ? 0.2211 0.1860 0.2053 -0.0052 0.0023  -0.0006 2   PHE A CD1 
23  C CD2 . PHE A 4  ? 0.2183 0.1833 0.2013 -0.0031 0.0038  -0.0015 2   PHE A CD2 
24  C CE1 . PHE A 4  ? 0.2443 0.2056 0.2312 -0.0062 0.0042  -0.0034 2   PHE A CE1 
25  C CE2 . PHE A 4  ? 0.2387 0.2005 0.2236 -0.0038 0.0058  -0.0043 2   PHE A CE2 
26  C CZ  . PHE A 4  ? 0.2438 0.2037 0.2310 -0.0054 0.0061  -0.0056 2   PHE A CZ  
27  N N   . GLY A 5  ? 0.1118 0.0894 0.0899 -0.0033 -0.0028 0.0051  3   GLY A N   
28  C CA  . GLY A 5  ? 0.1028 0.0834 0.0813 -0.0022 -0.0036 0.0062  3   GLY A CA  
29  C C   . GLY A 5  ? 0.0944 0.0756 0.0747 -0.0007 -0.0039 0.0065  3   GLY A C   
30  O O   . GLY A 5  ? 0.1066 0.0875 0.0875 -0.0009 -0.0039 0.0072  3   GLY A O   
31  N N   . GLY A 6  ? 0.0966 0.0796 0.0782 0.0006  -0.0041 0.0062  4   GLY A N   
32  C CA  . GLY A 6  ? 0.0942 0.0789 0.0771 0.0016  -0.0043 0.0056  4   GLY A CA  
33  C C   . GLY A 6  ? 0.0830 0.0701 0.0681 0.0028  -0.0045 0.0045  4   GLY A C   
34  O O   . GLY A 6  ? 0.0856 0.0736 0.0715 0.0026  -0.0044 0.0049  4   GLY A O   
35  N N   . GLU A 7  ? 0.0806 0.0686 0.0673 0.0036  -0.0045 0.0030  5   GLU A N   
36  C CA  . GLU A 7  ? 0.0846 0.0745 0.0745 0.0046  -0.0044 0.0007  5   GLU A CA  
37  C C   . GLU A 7  ? 0.0897 0.0774 0.0822 0.0053  -0.0046 -0.0001 5   GLU A C   
38  O O   . GLU A 7  ? 0.0893 0.0760 0.0806 0.0050  -0.0048 0.0003  5   GLU A O   
39  C CB  . GLU A 7  ? 0.0971 0.0916 0.0865 0.0046  -0.0045 -0.0012 5   GLU A CB  
40  C CG  . GLU A 7  ? 0.0956 0.0935 0.0833 0.0042  -0.0044 -0.0002 5   GLU A CG  
41  C CD  . GLU A 7  ? 0.0910 0.0951 0.0776 0.0038  -0.0046 -0.0015 5   GLU A CD  
42  O OE1 . GLU A 7  ? 0.1047 0.1115 0.0926 0.0040  -0.0044 -0.0045 5   GLU A OE1 
43  O OE2 . GLU A 7  ? 0.1143 0.1214 0.0991 0.0031  -0.0047 0.0006  5   GLU A OE2 
44  N N   . CYS A 8  ? 0.0871 0.0744 0.0843 0.0061  -0.0044 -0.0009 6   CYS A N   
45  C CA  . CYS A 8  ? 0.0918 0.0771 0.0925 0.0068  -0.0047 -0.0013 6   CYS A CA  
46  C C   . CYS A 8  ? 0.0917 0.0787 0.0954 0.0071  -0.0048 -0.0051 6   CYS A C   
47  O O   . CYS A 8  ? 0.1151 0.1049 0.1197 0.0072  -0.0044 -0.0077 6   CYS A O   
48  C CB  . CYS A 8  ? 0.1043 0.0884 0.1095 0.0073  -0.0046 0.0009  6   CYS A CB  
49  S SG  . CYS A 8  ? 0.1064 0.0922 0.1197 0.0082  -0.0042 0.0001  6   CYS A SG  
50  N N   . SER A 9  ? 0.0945 0.0800 0.0995 0.0071  -0.0053 -0.0054 7   SER A N   
51  C CA  . SER A 9  ? 0.0986 0.0857 0.1069 0.0070  -0.0056 -0.0093 7   SER A CA  
52  C C   . SER A 9  ? 0.1106 0.0954 0.1270 0.0080  -0.0056 -0.0098 7   SER A C   
53  O O   . SER A 9  ? 0.1174 0.0996 0.1355 0.0083  -0.0062 -0.0067 7   SER A O   
54  C CB  . SER A 9  ? 0.1128 0.1005 0.1180 0.0061  -0.0063 -0.0087 7   SER A CB  
55  O OG  . SER A 9  ? 0.1479 0.1370 0.1568 0.0058  -0.0069 -0.0125 7   SER A OG  
56  N N   . LEU A 10 ? 0.1120 0.0980 0.1338 0.0085  -0.0051 -0.0136 8   LEU A N   
57  C CA  . LEU A 10 ? 0.1312 0.1151 0.1630 0.0093  -0.0050 -0.0140 8   LEU A CA  
58  C C   . LEU A 10 ? 0.1412 0.1236 0.1758 0.0090  -0.0062 -0.0148 8   LEU A C   
59  O O   . LEU A 10 ? 0.1473 0.1273 0.1872 0.0096  -0.0068 -0.0114 8   LEU A O   
60  C CB  . LEU A 10 ? 0.1427 0.1282 0.1805 0.0099  -0.0038 -0.0189 8   LEU A CB  
61  C CG  . LEU A 10 ? 0.1807 0.1639 0.2310 0.0109  -0.0036 -0.0194 8   LEU A CG  
62  C CD1 . LEU A 10 ? 0.1924 0.1745 0.2470 0.0117  -0.0037 -0.0128 8   LEU A CD1 
63  C CD2 . LEU A 10 ? 0.2052 0.1898 0.2621 0.0114  -0.0019 -0.0255 8   LEU A CD2 
64  N N   . LYS A 11 ? 0.1394 0.1239 0.1702 0.0078  -0.0066 -0.0187 9   LYS A N   
65  C CA  . LYS A 11 ? 0.1493 0.1328 0.1828 0.0070  -0.0077 -0.0196 9   LYS A CA  
66  C C   . LYS A 11 ? 0.1504 0.1318 0.1809 0.0072  -0.0086 -0.0137 9   LYS A C   
67  O O   . LYS A 11 ? 0.1670 0.1463 0.2029 0.0074  -0.0095 -0.0120 9   LYS A O   
68  C CB  . LYS A 11 ? 0.1867 0.1747 0.2160 0.0053  -0.0080 -0.0246 9   LYS A CB  
69  C CG  . LYS A 11 ? 0.2622 0.2500 0.2940 0.0040  -0.0094 -0.0257 9   LYS A CG  
70  C CD  . LYS A 11 ? 0.3397 0.3336 0.3668 0.0018  -0.0098 -0.0303 9   LYS A CD  
71  C CE  . LYS A 11 ? 0.4054 0.3996 0.4354 0.0002  -0.0113 -0.0316 9   LYS A CE  
72  N NZ  . LYS A 11 ? 0.4467 0.4373 0.4759 0.0009  -0.0124 -0.0246 9   LYS A NZ  
73  N N   . HIS A 12 ? 0.1313 0.1132 0.1540 0.0071  -0.0083 -0.0106 10  HIS A N   
74  C CA  . HIS A 12 ? 0.1217 0.1021 0.1414 0.0072  -0.0088 -0.0059 10  HIS A CA  
75  C C   . HIS A 12 ? 0.1128 0.0911 0.1335 0.0082  -0.0083 -0.0016 10  HIS A C   
76  O O   . HIS A 12 ? 0.1095 0.0868 0.1286 0.0085  -0.0085 0.0018  10  HIS A O   
77  C CB  . HIS A 12 ? 0.1123 0.0948 0.1243 0.0063  -0.0085 -0.0052 10  HIS A CB  
78  C CG  . HIS A 12 ? 0.1137 0.1000 0.1245 0.0048  -0.0092 -0.0081 10  HIS A CG  
79  N ND1 . HIS A 12 ? 0.1014 0.0882 0.1118 0.0039  -0.0101 -0.0065 10  HIS A ND1 
80  C CD2 . HIS A 12 ? 0.1357 0.1263 0.1458 0.0038  -0.0091 -0.0127 10  HIS A CD2 
81  C CE1 . HIS A 12 ? 0.1236 0.1153 0.1331 0.0022  -0.0107 -0.0098 10  HIS A CE1 
82  N NE2 . HIS A 12 ? 0.1442 0.1388 0.1531 0.0021  -0.0100 -0.0139 10  HIS A NE2 
83  N N   . ASN A 13 ? 0.1010 0.0796 0.1241 0.0088  -0.0078 -0.0016 11  ASN A N   
84  C CA  . ASN A 13 ? 0.1023 0.0807 0.1255 0.0093  -0.0074 0.0027  11  ASN A CA  
85  C C   . ASN A 13 ? 0.0966 0.0747 0.1117 0.0087  -0.0068 0.0045  11  ASN A C   
86  O O   . ASN A 13 ? 0.0959 0.0737 0.1102 0.0089  -0.0066 0.0077  11  ASN A O   
87  C CB  . ASN A 13 ? 0.1049 0.0830 0.1351 0.0098  -0.0081 0.0060  11  ASN A CB  
88  C CG  . ASN A 13 ? 0.1172 0.0974 0.1487 0.0100  -0.0077 0.0102  11  ASN A CG  
89  O OD1 . ASN A 13 ? 0.1228 0.1043 0.1537 0.0098  -0.0072 0.0100  11  ASN A OD1 
90  N ND2 . ASN A 13 ? 0.1239 0.1052 0.1571 0.0102  -0.0081 0.0143  11  ASN A ND2 
91  N N   . THR A 14 ? 0.0916 0.0702 0.1014 0.0082  -0.0064 0.0025  12  THR A N   
92  C CA  . THR A 14 ? 0.0916 0.0695 0.0953 0.0076  -0.0058 0.0040  12  THR A CA  
93  C C   . THR A 14 ? 0.0936 0.0726 0.0939 0.0070  -0.0052 0.0033  12  THR A C   
94  O O   . THR A 14 ? 0.1094 0.0901 0.1109 0.0070  -0.0053 0.0013  12  THR A O   
95  C CB  . THR A 14 ? 0.1013 0.0793 0.1027 0.0072  -0.0060 0.0035  12  THR A CB  
96  O OG1 . THR A 14 ? 0.1126 0.0933 0.1140 0.0066  -0.0065 0.0007  12  THR A OG1 
97  C CG2 . THR A 14 ? 0.1167 0.0936 0.1206 0.0076  -0.0065 0.0050  12  THR A CG2 
98  N N   . CYS A 15 ? 0.0896 0.0677 0.0858 0.0065  -0.0046 0.0047  13  CYS A N   
99  C CA  . CYS A 15 ? 0.0807 0.0595 0.0736 0.0056  -0.0042 0.0045  13  CYS A CA  
100 C C   . CYS A 15 ? 0.0936 0.0722 0.0841 0.0052  -0.0041 0.0046  13  CYS A C   
101 O O   . CYS A 15 ? 0.0957 0.0725 0.0859 0.0052  -0.0036 0.0056  13  CYS A O   
102 C CB  . CYS A 15 ? 0.0824 0.0609 0.0736 0.0050  -0.0036 0.0058  13  CYS A CB  
103 S SG  . CYS A 15 ? 0.1013 0.0805 0.0887 0.0037  -0.0034 0.0055  13  CYS A SG  
104 N N   . THR A 16 ? 0.0972 0.0783 0.0866 0.0048  -0.0044 0.0037  14  THR A N   
105 C CA  . THR A 16 ? 0.1044 0.0871 0.0926 0.0040  -0.0045 0.0047  14  THR A CA  
106 C C   . THR A 16 ? 0.0956 0.0782 0.0822 0.0033  -0.0042 0.0056  14  THR A C   
107 O O   . THR A 16 ? 0.1012 0.0851 0.0870 0.0031  -0.0043 0.0049  14  THR A O   
108 C CB  . THR A 16 ? 0.1217 0.1091 0.1105 0.0038  -0.0053 0.0035  14  THR A CB  
109 O OG1 . THR A 16 ? 0.1238 0.1146 0.1121 0.0037  -0.0054 0.0018  14  THR A OG1 
110 C CG2 . THR A 16 ? 0.1406 0.1281 0.1318 0.0044  -0.0057 0.0018  14  THR A CG2 
111 N N   . TYR A 17 ? 0.1009 0.0819 0.0875 0.0027  -0.0037 0.0074  15  TYR A N   
112 C CA  . TYR A 17 ? 0.1143 0.0946 0.1003 0.0018  -0.0034 0.0082  15  TYR A CA  
113 C C   . TYR A 17 ? 0.1152 0.0960 0.1037 0.0012  -0.0032 0.0107  15  TYR A C   
114 O O   . TYR A 17 ? 0.1199 0.1003 0.1105 0.0016  -0.0029 0.0119  15  TYR A O   
115 C CB  . TYR A 17 ? 0.1251 0.1019 0.1098 0.0014  -0.0026 0.0070  15  TYR A CB  
116 C CG  . TYR A 17 ? 0.1202 0.0935 0.1059 0.0018  -0.0014 0.0069  15  TYR A CG  
117 C CD1 . TYR A 17 ? 0.1347 0.1074 0.1206 0.0027  -0.0012 0.0065  15  TYR A CD1 
118 C CD2 . TYR A 17 ? 0.1280 0.0988 0.1154 0.0011  -0.0004 0.0071  15  TYR A CD2 
119 C CE1 . TYR A 17 ? 0.1400 0.1101 0.1268 0.0031  0.0000  0.0064  15  TYR A CE1 
120 C CE2 . TYR A 17 ? 0.1369 0.1047 0.1258 0.0016  0.0012  0.0066  15  TYR A CE2 
121 C CZ  . TYR A 17 ? 0.1486 0.1162 0.1368 0.0026  0.0014  0.0064  15  TYR A CZ  
122 O OH  . TYR A 17 ? 0.1775 0.1428 0.1675 0.0032  0.0031  0.0061  15  TYR A OH  
123 N N   . LEU A 18 ? 0.1057 0.0873 0.0949 0.0003  -0.0034 0.0118  16  LEU A N   
124 C CA  . LEU A 18 ? 0.1068 0.0890 0.1002 -0.0003 -0.0032 0.0149  16  LEU A CA  
125 C C   . LEU A 18 ? 0.1124 0.0890 0.1076 -0.0009 -0.0020 0.0140  16  LEU A C   
126 O O   . LEU A 18 ? 0.1291 0.1036 0.1216 -0.0016 -0.0018 0.0118  16  LEU A O   
127 C CB  . LEU A 18 ? 0.1234 0.1110 0.1173 -0.0012 -0.0044 0.0171  16  LEU A CB  
128 C CG  . LEU A 18 ? 0.1835 0.1779 0.1754 -0.0011 -0.0054 0.0172  16  LEU A CG  
129 C CD1 . LEU A 18 ? 0.1948 0.1951 0.1873 -0.0020 -0.0064 0.0197  16  LEU A CD1 
130 C CD2 . LEU A 18 ? 0.2094 0.2071 0.2031 -0.0009 -0.0056 0.0189  16  LEU A CD2 
131 N N   . LYS A 19 ? 0.1139 0.0882 0.1140 -0.0007 -0.0008 0.0156  17  LYS A N   
132 C CA  . LYS A 19 ? 0.1283 0.0973 0.1315 -0.0012 0.0008  0.0141  17  LYS A CA  
133 C C   . LYS A 19 ? 0.1415 0.1100 0.1528 -0.0011 0.0017  0.0177  17  LYS A C   
134 O O   . LYS A 19 ? 0.1428 0.1125 0.1557 -0.0001 0.0020  0.0198  17  LYS A O   
135 C CB  . LYS A 19 ? 0.1402 0.1051 0.1402 -0.0007 0.0023  0.0102  17  LYS A CB  
136 C CG  . LYS A 19 ? 0.1954 0.1555 0.1985 -0.0014 0.0044  0.0075  17  LYS A CG  
137 C CD  . LYS A 19 ? 0.2472 0.2053 0.2471 -0.0008 0.0059  0.0039  17  LYS A CD  
138 C CE  . LYS A 19 ? 0.2906 0.2445 0.2933 -0.0017 0.0083  0.0002  17  LYS A CE  
139 N NZ  . LYS A 19 ? 0.3214 0.2724 0.3319 -0.0006 0.0103  0.0017  17  LYS A NZ  
140 N N   . GLY A 20 ? 0.1482 0.1151 0.1651 -0.0021 0.0021  0.0187  18  GLY A N   
141 C CA  . GLY A 20 ? 0.1639 0.1302 0.1907 -0.0020 0.0031  0.0228  18  GLY A CA  
142 C C   . GLY A 20 ? 0.1669 0.1407 0.1969 -0.0019 0.0015  0.0291  18  GLY A C   
143 O O   . GLY A 20 ? 0.1777 0.1522 0.2149 -0.0014 0.0024  0.0330  18  GLY A O   
144 N N   . GLY A 21 ? 0.1562 0.1360 0.1812 -0.0025 -0.0006 0.0302  19  GLY A N   
145 C CA  . GLY A 21 ? 0.1504 0.1392 0.1774 -0.0029 -0.0022 0.0358  19  GLY A CA  
146 C C   . GLY A 21 ? 0.1423 0.1339 0.1658 -0.0021 -0.0024 0.0356  19  GLY A C   
147 O O   . GLY A 21 ? 0.1467 0.1461 0.1727 -0.0027 -0.0034 0.0403  19  GLY A O   
148 N N   . LYS A 22 ? 0.1341 0.1202 0.1517 -0.0011 -0.0015 0.0304  20  LYS A N   
149 C CA  . LYS A 22 ? 0.1188 0.1068 0.1334 -0.0003 -0.0018 0.0299  20  LYS A CA  
150 C C   . LYS A 22 ? 0.1198 0.1070 0.1265 0.0002  -0.0025 0.0249  20  LYS A C   
151 O O   . LYS A 22 ? 0.1252 0.1084 0.1287 0.0003  -0.0020 0.0215  20  LYS A O   
152 C CB  . LYS A 22 ? 0.1442 0.1264 0.1624 0.0008  0.0002  0.0297  20  LYS A CB  
153 C CG  . LYS A 22 ? 0.1965 0.1800 0.2242 0.0005  0.0010  0.0354  20  LYS A CG  
154 C CD  . LYS A 22 ? 0.2820 0.2596 0.3135 0.0018  0.0033  0.0349  20  LYS A CD  
155 C CE  . LYS A 22 ? 0.3388 0.3085 0.3709 0.0023  0.0054  0.0301  20  LYS A CE  
156 N NZ  . LYS A 22 ? 0.3776 0.3457 0.4177 0.0015  0.0063  0.0322  20  LYS A NZ  
157 N N   . ASN A 23 ? 0.1112 0.1024 0.1151 0.0003  -0.0034 0.0245  21  ASN A N   
158 C CA  . ASN A 23 ? 0.1191 0.1091 0.1175 0.0009  -0.0038 0.0200  21  ASN A CA  
159 C C   . ASN A 23 ? 0.1050 0.0889 0.1035 0.0021  -0.0027 0.0184  21  ASN A C   
160 O O   . ASN A 23 ? 0.1180 0.1011 0.1198 0.0024  -0.0020 0.0208  21  ASN A O   
161 C CB  . ASN A 23 ? 0.1581 0.1549 0.1549 0.0004  -0.0052 0.0197  21  ASN A CB  
162 C CG  . ASN A 23 ? 0.2318 0.2366 0.2279 -0.0008 -0.0063 0.0208  21  ASN A CG  
163 O OD1 . ASN A 23 ? 0.2885 0.3006 0.2868 -0.0020 -0.0070 0.0244  21  ASN A OD1 
164 N ND2 . ASN A 23 ? 0.2342 0.2387 0.2274 -0.0007 -0.0063 0.0181  21  ASN A ND2 
165 N N   . HIS A 24 ? 0.0970 0.0775 0.0920 0.0027  -0.0025 0.0149  22  HIS A N   
166 C CA  . HIS A 24 ? 0.0964 0.0726 0.0911 0.0037  -0.0015 0.0134  22  HIS A CA  
167 C C   . HIS A 24 ? 0.1035 0.0805 0.0958 0.0041  -0.0025 0.0111  22  HIS A C   
168 O O   . HIS A 24 ? 0.1121 0.0917 0.1027 0.0039  -0.0033 0.0096  22  HIS A O   
169 C CB  . HIS A 24 ? 0.1031 0.0749 0.0974 0.0037  0.0000  0.0120  22  HIS A CB  
170 C CG  . HIS A 24 ? 0.1075 0.0776 0.1058 0.0033  0.0012  0.0137  22  HIS A CG  
171 N ND1 . HIS A 24 ? 0.1091 0.0766 0.1113 0.0039  0.0028  0.0151  22  HIS A ND1 
172 C CD2 . HIS A 24 ? 0.1177 0.0884 0.1175 0.0023  0.0011  0.0146  22  HIS A CD2 
173 C CE1 . HIS A 24 ? 0.1238 0.0902 0.1305 0.0034  0.0037  0.0165  22  HIS A CE1 
174 N NE2 . HIS A 24 ? 0.1270 0.0952 0.1324 0.0023  0.0026  0.0163  22  HIS A NE2 
175 N N   . VAL A 25 ? 0.0921 0.0672 0.0851 0.0050  -0.0022 0.0109  23  VAL A N   
176 C CA  . VAL A 25 ? 0.0980 0.0738 0.0907 0.0055  -0.0031 0.0092  23  VAL A CA  
177 C C   . VAL A 25 ? 0.0998 0.0727 0.0929 0.0064  -0.0023 0.0093  23  VAL A C   
178 O O   . VAL A 25 ? 0.1101 0.0818 0.1046 0.0069  -0.0015 0.0109  23  VAL A O   
179 C CB  . VAL A 25 ? 0.1258 0.1044 0.1199 0.0053  -0.0044 0.0092  23  VAL A CB  
180 C CG1 . VAL A 25 ? 0.1391 0.1182 0.1346 0.0058  -0.0052 0.0070  23  VAL A CG1 
181 C CG2 . VAL A 25 ? 0.1674 0.1507 0.1610 0.0042  -0.0050 0.0096  23  VAL A CG2 
182 N N   . VAL A 26 ? 0.0850 0.0581 0.0775 0.0064  -0.0025 0.0082  24  VAL A N   
183 C CA  . VAL A 26 ? 0.0866 0.0590 0.0797 0.0069  -0.0018 0.0089  24  VAL A CA  
184 C C   . VAL A 26 ? 0.0918 0.0658 0.0875 0.0073  -0.0030 0.0091  24  VAL A C   
185 O O   . VAL A 26 ? 0.1005 0.0759 0.0970 0.0071  -0.0037 0.0079  24  VAL A O   
186 C CB  . VAL A 26 ? 0.1013 0.0732 0.0917 0.0062  -0.0006 0.0082  24  VAL A CB  
187 C CG1 . VAL A 26 ? 0.1172 0.0868 0.1071 0.0060  0.0010  0.0080  24  VAL A CG1 
188 C CG2 . VAL A 26 ? 0.1062 0.0794 0.0948 0.0052  -0.0011 0.0071  24  VAL A CG2 
189 N N   . ASN A 27 ? 0.0892 0.0636 0.0872 0.0081  -0.0030 0.0108  25  ASN A N   
190 C CA  . ASN A 27 ? 0.0911 0.0674 0.0937 0.0085  -0.0041 0.0118  25  ASN A CA  
191 C C   . ASN A 27 ? 0.0977 0.0765 0.1005 0.0078  -0.0041 0.0123  25  ASN A C   
192 O O   . ASN A 27 ? 0.1063 0.0866 0.1064 0.0073  -0.0032 0.0133  25  ASN A O   
193 C CB  . ASN A 27 ? 0.1017 0.0786 0.1069 0.0092  -0.0041 0.0143  25  ASN A CB  
194 C CG  . ASN A 27 ? 0.1264 0.1057 0.1374 0.0096  -0.0052 0.0166  25  ASN A CG  
195 O OD1 . ASN A 27 ? 0.1264 0.1058 0.1418 0.0097  -0.0063 0.0159  25  ASN A OD1 
196 N ND2 . ASN A 27 ? 0.1349 0.1167 0.1471 0.0099  -0.0049 0.0196  25  ASN A ND2 
197 N N   . CYS A 28 ? 0.0850 0.0647 0.0915 0.0079  -0.0050 0.0119  26  CYS A N   
198 C CA  . CYS A 28 ? 0.0986 0.0814 0.1067 0.0074  -0.0050 0.0134  26  CYS A CA  
199 C C   . CYS A 28 ? 0.1110 0.0975 0.1226 0.0074  -0.0052 0.0174  26  CYS A C   
200 O O   . CYS A 28 ? 0.1279 0.1183 0.1389 0.0064  -0.0050 0.0193  26  CYS A O   
201 C CB  . CYS A 28 ? 0.0978 0.0808 0.1111 0.0079  -0.0056 0.0124  26  CYS A CB  
202 S SG  . CYS A 28 ? 0.0995 0.0807 0.1088 0.0077  -0.0053 0.0082  26  CYS A SG  
203 N N   . GLY A 29 ? 0.1115 0.0978 0.1276 0.0083  -0.0057 0.0188  27  GLY A N   
204 C CA  . GLY A 29 ? 0.1487 0.1395 0.1692 0.0084  -0.0061 0.0233  27  GLY A CA  
205 C C   . GLY A 29 ? 0.1663 0.1590 0.1971 0.0089  -0.0074 0.0258  27  GLY A C   
206 O O   . GLY A 29 ? 0.1704 0.1602 0.2042 0.0092  -0.0077 0.0233  27  GLY A O   
207 N N   . SER A 30 ? 0.1722 0.1701 0.2087 0.0088  -0.0080 0.0309  28  SER A N   
208 C CA  . SER A 30 ? 0.1884 0.1883 0.2369 0.0094  -0.0092 0.0343  28  SER A CA  
209 C C   . SER A 30 ? 0.1835 0.1894 0.2376 0.0086  -0.0094 0.0386  28  SER A C   
210 O O   . SER A 30 ? 0.1857 0.1928 0.2517 0.0092  -0.0102 0.0415  28  SER A O   
211 C CB  . SER A 30 ? 0.2238 0.2261 0.2778 0.0100  -0.0101 0.0384  28  SER A CB  
212 O OG  . SER A 30 ? 0.2748 0.2834 0.3243 0.0091  -0.0096 0.0420  28  SER A OG  
213 N N   . ALA A 31 ? 0.1734 0.1836 0.2205 0.0070  -0.0087 0.0394  29  ALA A N   
214 C CA  . ALA A 31 ? 0.1750 0.1921 0.2282 0.0059  -0.0090 0.0444  29  ALA A CA  
215 C C   . ALA A 31 ? 0.1681 0.1813 0.2276 0.0068  -0.0089 0.0425  29  ALA A C   
216 O O   . ALA A 31 ? 0.1661 0.1728 0.2200 0.0074  -0.0083 0.0365  29  ALA A O   
217 C CB  . ALA A 31 ? 0.1928 0.2152 0.2366 0.0037  -0.0083 0.0449  29  ALA A CB  
218 N N   . ALA A 32 ? 0.1595 0.1772 0.2316 0.0069  -0.0095 0.0479  30  ALA A N   
219 C CA  . ALA A 32 ? 0.1515 0.1659 0.2313 0.0079  -0.0090 0.0461  30  ALA A CA  
220 C C   . ALA A 32 ? 0.1353 0.1488 0.2063 0.0071  -0.0081 0.0429  30  ALA A C   
221 O O   . ALA A 32 ? 0.1389 0.1479 0.2123 0.0082  -0.0073 0.0389  30  ALA A O   
222 C CB  . ALA A 32 ? 0.1546 0.1748 0.2505 0.0081  -0.0096 0.0533  30  ALA A CB  
223 N N   . ASN A 33 ? 0.1322 0.1503 0.1939 0.0051  -0.0080 0.0447  31  ASN A N   
224 C CA  . ASN A 33 ? 0.1285 0.1460 0.1818 0.0040  -0.0074 0.0420  31  ASN A CA  
225 C C   . ASN A 33 ? 0.1199 0.1316 0.1601 0.0038  -0.0068 0.0354  31  ASN A C   
226 O O   . ASN A 33 ? 0.1307 0.1420 0.1637 0.0027  -0.0064 0.0335  31  ASN A O   
227 C CB  . ASN A 33 ? 0.1477 0.1744 0.1999 0.0015  -0.0077 0.0476  31  ASN A CB  
228 C CG  . ASN A 33 ? 0.1846 0.2166 0.2295 -0.0004 -0.0080 0.0491  31  ASN A CG  
229 O OD1 . ASN A 33 ? 0.1980 0.2289 0.2430 0.0004  -0.0082 0.0488  31  ASN A OD1 
230 N ND2 . ASN A 33 ? 0.1993 0.2376 0.2378 -0.0031 -0.0080 0.0507  31  ASN A ND2 
231 N N   . LYS A 34 ? 0.1110 0.1186 0.1490 0.0048  -0.0069 0.0328  32  LYS A N   
232 C CA  . LYS A 34 ? 0.1140 0.1165 0.1413 0.0047  -0.0062 0.0276  32  LYS A CA  
233 C C   . LYS A 34 ? 0.1065 0.1026 0.1346 0.0065  -0.0062 0.0229  32  LYS A C   
234 O O   . LYS A 34 ? 0.1022 0.0947 0.1229 0.0063  -0.0057 0.0190  32  LYS A O   
235 C CB  . LYS A 34 ? 0.1212 0.1256 0.1431 0.0040  -0.0061 0.0283  32  LYS A CB  
236 C CG  . LYS A 34 ? 0.1353 0.1477 0.1554 0.0018  -0.0061 0.0322  32  LYS A CG  
237 C CD  . LYS A 34 ? 0.1431 0.1557 0.1554 -0.0001 -0.0055 0.0298  32  LYS A CD  
238 C CE  . LYS A 34 ? 0.1918 0.2133 0.2018 -0.0028 -0.0056 0.0333  32  LYS A CE  
239 N NZ  . LYS A 34 ? 0.2169 0.2385 0.2190 -0.0050 -0.0052 0.0304  32  LYS A NZ  
240 N N   . LYS A 35 ? 0.1073 0.1022 0.1441 0.0078  -0.0068 0.0236  33  LYS A N   
241 C CA  . LYS A 35 ? 0.1104 0.1003 0.1480 0.0089  -0.0067 0.0188  33  LYS A CA  
242 C C   . LYS A 35 ? 0.1072 0.0953 0.1438 0.0092  -0.0061 0.0148  33  LYS A C   
243 O O   . LYS A 35 ? 0.1108 0.1013 0.1498 0.0089  -0.0057 0.0163  33  LYS A O   
244 C CB  . LYS A 35 ? 0.1493 0.1389 0.1981 0.0100  -0.0075 0.0203  33  LYS A CB  
245 C CG  . LYS A 35 ? 0.1869 0.1785 0.2472 0.0105  -0.0074 0.0223  33  LYS A CG  
246 C CD  . LYS A 35 ? 0.2287 0.2198 0.3014 0.0115  -0.0083 0.0239  33  LYS A CD  
247 C CE  . LYS A 35 ? 0.2875 0.2829 0.3631 0.0111  -0.0092 0.0304  33  LYS A CE  
248 N NZ  . LYS A 35 ? 0.3317 0.3293 0.4233 0.0118  -0.0100 0.0349  33  LYS A NZ  
249 N N   . CYS A 36 ? 0.1016 0.0864 0.1342 0.0095  -0.0059 0.0100  34  CYS A N   
250 C CA  . CYS A 36 ? 0.1057 0.0900 0.1372 0.0096  -0.0053 0.0059  34  CYS A CA  
251 C C   . CYS A 36 ? 0.1174 0.1020 0.1599 0.0107  -0.0049 0.0045  34  CYS A C   
252 O O   . CYS A 36 ? 0.1405 0.1234 0.1889 0.0112  -0.0054 0.0029  34  CYS A O   
253 C CB  . CYS A 36 ? 0.1064 0.0891 0.1314 0.0094  -0.0053 0.0019  34  CYS A CB  
254 S SG  . CYS A 36 ? 0.1131 0.0974 0.1352 0.0093  -0.0046 -0.0028 34  CYS A SG  
255 N N   . LYS A 37 ? 0.1077 0.0942 0.1541 0.0110  -0.0041 0.0052  35  LYS A N   
256 C CA  . LYS A 37 ? 0.1189 0.1054 0.1773 0.0121  -0.0034 0.0039  35  LYS A CA  
257 C C   . LYS A 37 ? 0.1230 0.1097 0.1807 0.0125  -0.0021 -0.0018 35  LYS A C   
258 O O   . LYS A 37 ? 0.1413 0.1276 0.2092 0.0137  -0.0010 -0.0047 35  LYS A O   
259 C CB  . LYS A 37 ? 0.1500 0.1395 0.2164 0.0122  -0.0033 0.0102  35  LYS A CB  
260 C CG  . LYS A 37 ? 0.1771 0.1680 0.2489 0.0120  -0.0045 0.0157  35  LYS A CG  
261 C CD  . LYS A 37 ? 0.2178 0.2133 0.2999 0.0120  -0.0045 0.0225  35  LYS A CD  
262 C CE  . LYS A 37 ? 0.2631 0.2608 0.3540 0.0119  -0.0057 0.0280  35  LYS A CE  
263 N NZ  . LYS A 37 ? 0.2951 0.2990 0.3968 0.0117  -0.0058 0.0360  35  LYS A NZ  
264 N N   . SER A 38 ? 0.1254 0.1130 0.1723 0.0119  -0.0019 -0.0033 36  SER A N   
265 C CA  . SER A 38 ? 0.1288 0.1182 0.1741 0.0121  -0.0007 -0.0080 36  SER A CA  
266 C C   . SER A 38 ? 0.1258 0.1156 0.1600 0.0111  -0.0012 -0.0106 36  SER A C   
267 O O   . SER A 38 ? 0.1120 0.1017 0.1384 0.0102  -0.0021 -0.0074 36  SER A O   
268 C CB  . SER A 38 ? 0.1576 0.1494 0.2025 0.0122  0.0001  -0.0047 36  SER A CB  
269 O OG  . SER A 38 ? 0.2015 0.1956 0.2469 0.0129  0.0015  -0.0090 36  SER A OG  
270 N N   . ASP A 39 ? 0.1447 0.1358 0.1788 0.0111  -0.0007 -0.0166 37  ASP A N   
271 C CA  . ASP A 39 ? 0.1540 0.1471 0.1787 0.0099  -0.0015 -0.0182 37  ASP A CA  
272 C C   . ASP A 39 ? 0.1436 0.1393 0.1607 0.0093  -0.0014 -0.0159 37  ASP A C   
273 O O   . ASP A 39 ? 0.1492 0.1474 0.1675 0.0098  -0.0004 -0.0164 37  ASP A O   
274 C CB  . ASP A 39 ? 0.1680 0.1637 0.1934 0.0093  -0.0012 -0.0247 37  ASP A CB  
275 C CG  . ASP A 39 ? 0.2224 0.2204 0.2400 0.0078  -0.0024 -0.0248 37  ASP A CG  
276 O OD1 . ASP A 39 ? 0.1690 0.1639 0.1845 0.0074  -0.0035 -0.0211 37  ASP A OD1 
277 O OD2 . ASP A 39 ? 0.2889 0.2924 0.3028 0.0069  -0.0020 -0.0283 37  ASP A OD2 
278 N N   . ARG A 40 ? 0.1175 0.1124 0.1278 0.0083  -0.0025 -0.0130 38  ARG A N   
279 C CA  . ARG A 40 ? 0.1054 0.1022 0.1091 0.0075  -0.0028 -0.0102 38  ARG A CA  
280 C C   . ARG A 40 ? 0.0946 0.0901 0.0987 0.0076  -0.0027 -0.0064 38  ARG A C   
281 O O   . ARG A 40 ? 0.0996 0.0968 0.0994 0.0069  -0.0027 -0.0046 38  ARG A O   
282 C CB  . ARG A 40 ? 0.1070 0.1096 0.1076 0.0070  -0.0024 -0.0129 38  ARG A CB  
283 C CG  . ARG A 40 ? 0.1213 0.1272 0.1215 0.0064  -0.0026 -0.0168 38  ARG A CG  
284 C CD  . ARG A 40 ? 0.1166 0.1202 0.1147 0.0055  -0.0038 -0.0148 38  ARG A CD  
285 N NE  . ARG A 40 ? 0.1108 0.1149 0.1038 0.0047  -0.0044 -0.0104 38  ARG A NE  
286 C CZ  . ARG A 40 ? 0.1169 0.1199 0.1081 0.0039  -0.0052 -0.0081 38  ARG A CZ  
287 N NH1 . ARG A 40 ? 0.1337 0.1351 0.1267 0.0040  -0.0055 -0.0093 38  ARG A NH1 
288 N NH2 . ARG A 40 ? 0.1273 0.1308 0.1154 0.0033  -0.0055 -0.0043 38  ARG A NH2 
289 N N   . HIS A 41 ? 0.0857 0.0786 0.0949 0.0081  -0.0026 -0.0046 39  HIS A N   
290 C CA  . HIS A 41 ? 0.0923 0.0853 0.1015 0.0077  -0.0026 -0.0005 39  HIS A CA  
291 C C   . HIS A 41 ? 0.0942 0.0860 0.0964 0.0064  -0.0034 0.0020  39  HIS A C   
292 O O   . HIS A 41 ? 0.0955 0.0852 0.0953 0.0061  -0.0038 0.0017  39  HIS A O   
293 C CB  . HIS A 41 ? 0.1033 0.0952 0.1196 0.0083  -0.0026 0.0019  39  HIS A CB  
294 C CG  . HIS A 41 ? 0.0976 0.0916 0.1163 0.0079  -0.0024 0.0060  39  HIS A CG  
295 N ND1 . HIS A 41 ? 0.0937 0.0884 0.1079 0.0063  -0.0031 0.0097  39  HIS A ND1 
296 C CD2 . HIS A 41 ? 0.0965 0.0928 0.1222 0.0087  -0.0015 0.0067  39  HIS A CD2 
297 C CE1 . HIS A 41 ? 0.1021 0.0999 0.1197 0.0060  -0.0029 0.0129  39  HIS A CE1 
298 N NE2 . HIS A 41 ? 0.1015 0.1002 0.1266 0.0075  -0.0019 0.0117  39  HIS A NE2 
299 N N   . HIS A 42 ? 0.0881 0.0812 0.0879 0.0054  -0.0035 0.0045  40  HIS A N   
300 C CA  . HIS A 42 ? 0.0905 0.0821 0.0848 0.0038  -0.0040 0.0063  40  HIS A CA  
301 C C   . HIS A 42 ? 0.0783 0.0683 0.0735 0.0036  -0.0042 0.0076  40  HIS A C   
302 O O   . HIS A 42 ? 0.0840 0.0749 0.0841 0.0040  -0.0041 0.0091  40  HIS A O   
303 C CB  . HIS A 42 ? 0.0876 0.0814 0.0801 0.0025  -0.0042 0.0087  40  HIS A CB  
304 C CG  . HIS A 42 ? 0.0921 0.0844 0.0796 0.0006  -0.0046 0.0097  40  HIS A CG  
305 N ND1 . HIS A 42 ? 0.0903 0.0801 0.0745 0.0003  -0.0046 0.0083  40  HIS A ND1 
306 C CD2 . HIS A 42 ? 0.0927 0.0863 0.0788 -0.0012 -0.0049 0.0117  40  HIS A CD2 
307 C CE1 . HIS A 42 ? 0.0958 0.0847 0.0773 -0.0016 -0.0048 0.0090  40  HIS A CE1 
308 N NE2 . HIS A 42 ? 0.0997 0.0910 0.0814 -0.0026 -0.0050 0.0107  40  HIS A NE2 
309 N N   . CYS A 43 ? 0.0787 0.0661 0.0698 0.0030  -0.0042 0.0071  41  CYS A N   
310 C CA  . CYS A 43 ? 0.0879 0.0741 0.0789 0.0027  -0.0041 0.0080  41  CYS A CA  
311 C C   . CYS A 43 ? 0.0915 0.0764 0.0776 0.0012  -0.0038 0.0079  41  CYS A C   
312 O O   . CYS A 43 ? 0.0959 0.0800 0.0794 0.0005  -0.0039 0.0071  41  CYS A O   
313 C CB  . CYS A 43 ? 0.0895 0.0736 0.0824 0.0040  -0.0041 0.0067  41  CYS A CB  
314 S SG  . CYS A 43 ? 0.0878 0.0703 0.0778 0.0042  -0.0041 0.0048  41  CYS A SG  
315 N N   . GLU A 44 ? 0.0912 0.0765 0.0765 0.0004  -0.0035 0.0087  42  GLU A N   
316 C CA  . GLU A 44 ? 0.1019 0.0862 0.0832 -0.0012 -0.0029 0.0076  42  GLU A CA  
317 C C   . GLU A 44 ? 0.1097 0.0926 0.0909 -0.0008 -0.0020 0.0070  42  GLU A C   
318 O O   . GLU A 44 ? 0.1156 0.1007 0.0991 -0.0002 -0.0022 0.0085  42  GLU A O   
319 C CB  . GLU A 44 ? 0.1050 0.0931 0.0845 -0.0035 -0.0031 0.0087  42  GLU A CB  
320 C CG  . GLU A 44 ? 0.1085 0.0981 0.0881 -0.0039 -0.0038 0.0096  42  GLU A CG  
321 C CD  . GLU A 44 ? 0.1383 0.1328 0.1170 -0.0062 -0.0043 0.0116  42  GLU A CD  
322 O OE1 . GLU A 44 ? 0.1427 0.1404 0.1205 -0.0076 -0.0041 0.0123  42  GLU A OE1 
323 O OE2 . GLU A 44 ? 0.1228 0.1187 0.1016 -0.0068 -0.0049 0.0127  42  GLU A OE2 
324 N N   . TYR A 45 ? 0.1114 0.0911 0.0908 -0.0010 -0.0011 0.0051  43  TYR A N   
325 C CA  . TYR A 45 ? 0.1104 0.0885 0.0897 -0.0005 0.0001  0.0043  43  TYR A CA  
326 C C   . TYR A 45 ? 0.1129 0.0913 0.0894 -0.0025 0.0013  0.0020  43  TYR A C   
327 O O   . TYR A 45 ? 0.1203 0.0964 0.0958 -0.0036 0.0017  0.0003  43  TYR A O   
328 C CB  . TYR A 45 ? 0.1199 0.0942 0.1011 0.0009  0.0005  0.0040  43  TYR A CB  
329 C CG  . TYR A 45 ? 0.1352 0.1073 0.1168 0.0013  0.0021  0.0030  43  TYR A CG  
330 C CD1 . TYR A 45 ? 0.1485 0.1223 0.1302 0.0019  0.0028  0.0034  43  TYR A CD1 
331 C CD2 . TYR A 45 ? 0.1649 0.1335 0.1475 0.0012  0.0033  0.0020  43  TYR A CD2 
332 C CE1 . TYR A 45 ? 0.1670 0.1391 0.1492 0.0023  0.0046  0.0024  43  TYR A CE1 
333 C CE2 . TYR A 45 ? 0.1843 0.1509 0.1686 0.0018  0.0052  0.0011  43  TYR A CE2 
334 C CZ  . TYR A 45 ? 0.1865 0.1546 0.1702 0.0024  0.0058  0.0011  43  TYR A CZ  
335 O OH  . TYR A 45 ? 0.2229 0.1892 0.2084 0.0031  0.0081  0.0000  43  TYR A OH  
336 N N   . ASP A 46 ? 0.1221 0.1038 0.0975 -0.0032 0.0020  0.0018  44  ASP A N   
337 C CA  . ASP A 46 ? 0.1413 0.1245 0.1137 -0.0053 0.0036  -0.0012 44  ASP A CA  
338 C C   . ASP A 46 ? 0.1475 0.1276 0.1210 -0.0041 0.0056  -0.0033 44  ASP A C   
339 O O   . ASP A 46 ? 0.1534 0.1360 0.1276 -0.0031 0.0061  -0.0021 44  ASP A O   
340 C CB  . ASP A 46 ? 0.1766 0.1676 0.1474 -0.0069 0.0030  0.0003  44  ASP A CB  
341 C CG  . ASP A 46 ? 0.2279 0.2226 0.1949 -0.0097 0.0045  -0.0032 44  ASP A CG  
342 O OD1 . ASP A 46 ? 0.2194 0.2100 0.1858 -0.0100 0.0063  -0.0075 44  ASP A OD1 
343 O OD2 . ASP A 46 ? 0.2844 0.2871 0.2499 -0.0116 0.0040  -0.0015 44  ASP A OD2 
344 N N   . GLU A 47 ? 0.1527 0.1279 0.1274 -0.0041 0.0068  -0.0059 45  GLU A N   
345 C CA  . GLU A 47 ? 0.1754 0.1470 0.1525 -0.0028 0.0089  -0.0076 45  GLU A CA  
346 C C   . GLU A 47 ? 0.1904 0.1650 0.1656 -0.0038 0.0113  -0.0110 45  GLU A C   
347 O O   . GLU A 47 ? 0.2105 0.1844 0.1876 -0.0022 0.0129  -0.0110 45  GLU A O   
348 C CB  . GLU A 47 ? 0.2181 0.1842 0.1983 -0.0031 0.0097  -0.0090 45  GLU A CB  
349 C CG  . GLU A 47 ? 0.2924 0.2543 0.2774 -0.0014 0.0119  -0.0097 45  GLU A CG  
350 C CD  . GLU A 47 ? 0.3708 0.3281 0.3603 -0.0020 0.0125  -0.0104 45  GLU A CD  
351 O OE1 . GLU A 47 ? 0.3912 0.3479 0.3801 -0.0041 0.0131  -0.0139 45  GLU A OE1 
352 O OE2 . GLU A 47 ? 0.4080 0.3630 0.4021 -0.0005 0.0121  -0.0071 45  GLU A OE2 
353 N N   . HIS A 48 ? 0.1757 0.1541 0.1473 -0.0066 0.0115  -0.0138 46  HIS A N   
354 C CA  . HIS A 48 ? 0.1899 0.1729 0.1593 -0.0081 0.0138  -0.0179 46  HIS A CA  
355 C C   . HIS A 48 ? 0.1970 0.1865 0.1653 -0.0072 0.0134  -0.0147 46  HIS A C   
356 O O   . HIS A 48 ? 0.2063 0.1985 0.1742 -0.0070 0.0156  -0.0169 46  HIS A O   
357 C CB  . HIS A 48 ? 0.2101 0.1972 0.1754 -0.0118 0.0137  -0.0215 46  HIS A CB  
358 C CG  . HIS A 48 ? 0.2600 0.2410 0.2272 -0.0132 0.0148  -0.0261 46  HIS A CG  
359 N ND1 . HIS A 48 ? 0.2987 0.2815 0.2635 -0.0164 0.0137  -0.0280 46  HIS A ND1 
360 C CD2 . HIS A 48 ? 0.2807 0.2545 0.2531 -0.0117 0.0169  -0.0287 46  HIS A CD2 
361 C CE1 . HIS A 48 ? 0.3048 0.2810 0.2733 -0.0168 0.0151  -0.0319 46  HIS A CE1 
362 N NE2 . HIS A 48 ? 0.2986 0.2691 0.2721 -0.0140 0.0172  -0.0323 46  HIS A NE2 
363 N N   . HIS A 49 ? 0.1802 0.1727 0.1487 -0.0066 0.0107  -0.0094 47  HIS A N   
364 C CA  . HIS A 49 ? 0.1759 0.1752 0.1448 -0.0060 0.0101  -0.0055 47  HIS A CA  
365 C C   . HIS A 49 ? 0.1768 0.1732 0.1500 -0.0030 0.0086  -0.0008 47  HIS A C   
366 O O   . HIS A 49 ? 0.1710 0.1728 0.1458 -0.0024 0.0077  0.0032  47  HIS A O   
367 C CB  . HIS A 49 ? 0.1748 0.1830 0.1413 -0.0087 0.0086  -0.0034 47  HIS A CB  
368 C CG  . HIS A 49 ? 0.1745 0.1875 0.1364 -0.0119 0.0102  -0.0085 47  HIS A CG  
369 N ND1 . HIS A 49 ? 0.1885 0.2062 0.1485 -0.0126 0.0127  -0.0117 47  HIS A ND1 
370 C CD2 . HIS A 49 ? 0.1791 0.1915 0.1381 -0.0147 0.0100  -0.0117 47  HIS A CD2 
371 C CE1 . HIS A 49 ? 0.1915 0.2122 0.1476 -0.0159 0.0139  -0.0172 47  HIS A CE1 
372 N NE2 . HIS A 49 ? 0.1869 0.2042 0.1424 -0.0173 0.0122  -0.0172 47  HIS A NE2 
373 N N   . LYS A 50 ? 0.1781 0.1666 0.1535 -0.0013 0.0084  -0.0009 48  LYS A N   
374 C CA  . LYS A 50 ? 0.1863 0.1722 0.1656 0.0012  0.0070  0.0028  48  LYS A CA  
375 C C   . LYS A 50 ? 0.1972 0.1871 0.1783 0.0013  0.0046  0.0068  48  LYS A C   
376 O O   . LYS A 50 ? 0.2147 0.2063 0.1991 0.0026  0.0038  0.0100  48  LYS A O   
377 C CB  . LYS A 50 ? 0.2245 0.2105 0.2058 0.0029  0.0085  0.0035  48  LYS A CB  
378 C CG  . LYS A 50 ? 0.3057 0.2862 0.2875 0.0036  0.0109  0.0002  48  LYS A CG  
379 C CD  . LYS A 50 ? 0.3853 0.3684 0.3645 0.0022  0.0137  -0.0043 48  LYS A CD  
380 C CE  . LYS A 50 ? 0.4477 0.4251 0.4296 0.0031  0.0166  -0.0073 48  LYS A CE  
381 N NZ  . LYS A 50 ? 0.4816 0.4524 0.4662 0.0034  0.0159  -0.0073 48  LYS A NZ  
382 N N   . ARG A 51 ? 0.1773 0.1693 0.1569 -0.0005 0.0035  0.0067  49  ARG A N   
383 C CA  . ARG A 51 ? 0.1680 0.1635 0.1504 -0.0005 0.0015  0.0104  49  ARG A CA  
384 C C   . ARG A 51 ? 0.1309 0.1221 0.1144 0.0000  0.0004  0.0101  49  ARG A C   
385 O O   . ARG A 51 ? 0.1425 0.1302 0.1231 -0.0007 0.0009  0.0074  49  ARG A O   
386 C CB  . ARG A 51 ? 0.2157 0.2193 0.1965 -0.0030 0.0013  0.0119  49  ARG A CB  
387 C CG  . ARG A 51 ? 0.2852 0.2957 0.2652 -0.0037 0.0022  0.0128  49  ARG A CG  
388 C CD  . ARG A 51 ? 0.3392 0.3523 0.3251 -0.0018 0.0012  0.0176  49  ARG A CD  
389 N NE  . ARG A 51 ? 0.3874 0.4092 0.3727 -0.0028 0.0021  0.0193  49  ARG A NE  
390 C CZ  . ARG A 51 ? 0.4215 0.4476 0.4118 -0.0016 0.0013  0.0241  49  ARG A CZ  
391 N NH1 . ARG A 51 ? 0.4226 0.4445 0.4192 0.0006  -0.0002 0.0271  49  ARG A NH1 
392 N NH2 . ARG A 51 ? 0.4242 0.4595 0.4136 -0.0027 0.0021  0.0258  49  ARG A NH2 
393 N N   . VAL A 52 ? 0.1041 0.0955 0.0922 0.0013  -0.0010 0.0127  50  VAL A N   
394 C CA  . VAL A 52 ? 0.1022 0.0905 0.0917 0.0020  -0.0019 0.0121  50  VAL A CA  
395 C C   . VAL A 52 ? 0.1124 0.1045 0.1063 0.0019  -0.0031 0.0150  50  VAL A C   
396 O O   . VAL A 52 ? 0.1302 0.1260 0.1288 0.0022  -0.0035 0.0181  50  VAL A O   
397 C CB  . VAL A 52 ? 0.1103 0.0942 0.1022 0.0039  -0.0021 0.0114  50  VAL A CB  
398 C CG1 . VAL A 52 ? 0.1180 0.0996 0.1105 0.0044  -0.0029 0.0100  50  VAL A CG1 
399 C CG2 . VAL A 52 ? 0.1306 0.1113 0.1197 0.0042  -0.0008 0.0099  50  VAL A CG2 
400 N N   . ASP A 53 ? 0.0978 0.0896 0.0913 0.0014  -0.0035 0.0143  51  ASP A N   
401 C CA  . ASP A 53 ? 0.0890 0.0840 0.0876 0.0015  -0.0042 0.0170  51  ASP A CA  
402 C C   . ASP A 53 ? 0.0890 0.0806 0.0891 0.0026  -0.0044 0.0148  51  ASP A C   
403 O O   . ASP A 53 ? 0.1011 0.0911 0.0965 0.0020  -0.0041 0.0128  51  ASP A O   
404 C CB  . ASP A 53 ? 0.1026 0.1028 0.0990 -0.0008 -0.0043 0.0189  51  ASP A CB  
405 C CG  . ASP A 53 ? 0.1154 0.1200 0.1182 -0.0009 -0.0050 0.0228  51  ASP A CG  
406 O OD1 . ASP A 53 ? 0.1125 0.1151 0.1213 0.0009  -0.0052 0.0227  51  ASP A OD1 
407 O OD2 . ASP A 53 ? 0.1362 0.1472 0.1390 -0.0030 -0.0053 0.0261  51  ASP A OD2 
408 N N   . CYS A 54 ? 0.0848 0.0757 0.0912 0.0042  -0.0048 0.0149  52  CYS A N   
409 C CA  . CYS A 54 ? 0.0914 0.0800 0.0992 0.0054  -0.0047 0.0120  52  CYS A CA  
410 C C   . CYS A 54 ? 0.0919 0.0829 0.1053 0.0056  -0.0046 0.0131  52  CYS A C   
411 O O   . CYS A 54 ? 0.0992 0.0891 0.1154 0.0067  -0.0043 0.0104  52  CYS A O   
412 C CB  . CYS A 54 ? 0.0967 0.0826 0.1074 0.0066  -0.0049 0.0100  52  CYS A CB  
413 S SG  . CYS A 54 ? 0.0951 0.0782 0.0991 0.0064  -0.0047 0.0089  52  CYS A SG  
414 N N   . GLN A 55 ? 0.0865 0.0815 0.1013 0.0045  -0.0047 0.0170  53  GLN A N   
415 C CA  . GLN A 55 ? 0.0971 0.0950 0.1180 0.0047  -0.0045 0.0190  53  GLN A CA  
416 C C   . GLN A 55 ? 0.1102 0.1110 0.1259 0.0029  -0.0046 0.0209  53  GLN A C   
417 O O   . GLN A 55 ? 0.1362 0.1414 0.1569 0.0023  -0.0047 0.0247  53  GLN A O   
418 C CB  . GLN A 55 ? 0.0907 0.0920 0.1214 0.0051  -0.0049 0.0236  53  GLN A CB  
419 C CG  . GLN A 55 ? 0.1091 0.1074 0.1465 0.0069  -0.0049 0.0217  53  GLN A CG  
420 C CD  . GLN A 55 ? 0.1116 0.1133 0.1603 0.0073  -0.0054 0.0268  53  GLN A CD  
421 O OE1 . GLN A 55 ? 0.1179 0.1243 0.1731 0.0068  -0.0053 0.0314  53  GLN A OE1 
422 N NE2 . GLN A 55 ? 0.1163 0.1164 0.1686 0.0080  -0.0059 0.0268  53  GLN A NE2 
423 N N   . THR A 56 ? 0.1015 0.1005 0.1085 0.0018  -0.0047 0.0185  54  THR A N   
424 C CA  . THR A 56 ? 0.1052 0.1067 0.1074 -0.0004 -0.0049 0.0197  54  THR A CA  
425 C C   . THR A 56 ? 0.1114 0.1126 0.1139 0.0003  -0.0047 0.0187  54  THR A C   
426 O O   . THR A 56 ? 0.1103 0.1084 0.1098 0.0011  -0.0045 0.0154  54  THR A O   
427 C CB  . THR A 56 ? 0.1038 0.1028 0.0978 -0.0018 -0.0049 0.0173  54  THR A CB  
428 O OG1 . THR A 56 ? 0.1050 0.0992 0.0973 -0.0003 -0.0046 0.0138  54  THR A OG1 
429 C CG2 . THR A 56 ? 0.1201 0.1206 0.1131 -0.0027 -0.0049 0.0181  54  THR A CG2 
430 N N   . PRO A 57 ? 0.1201 0.1253 0.1266 -0.0002 -0.0047 0.0220  55  PRO A N   
431 C CA  . PRO A 57 ? 0.1450 0.1505 0.1515 0.0004  -0.0043 0.0211  55  PRO A CA  
432 C C   . PRO A 57 ? 0.1744 0.1790 0.1727 -0.0013 -0.0049 0.0199  55  PRO A C   
433 O O   . PRO A 57 ? 0.1742 0.1790 0.1677 -0.0035 -0.0055 0.0205  55  PRO A O   
434 C CB  . PRO A 57 ? 0.1584 0.1688 0.1714 0.0000  -0.0042 0.0259  55  PRO A CB  
435 C CG  . PRO A 57 ? 0.1595 0.1734 0.1732 -0.0019 -0.0049 0.0298  55  PRO A CG  
436 C CD  . PRO A 57 ? 0.1258 0.1364 0.1372 -0.0014 -0.0051 0.0272  55  PRO A CD  
437 N N   . VAL A 58 ? 0.1947 0.1988 0.1922 -0.0003 -0.0045 0.0182  56  VAL A N   
438 C CA  . VAL A 58 ? 0.2422 0.2463 0.2339 -0.0018 -0.0052 0.0179  56  VAL A CA  
439 C C   . VAL A 58 ? 0.2778 0.2857 0.2692 -0.0039 -0.0058 0.0218  56  VAL A C   
440 O O   . VAL A 58 ? 0.3012 0.3090 0.2879 -0.0058 -0.0066 0.0219  56  VAL A O   
441 C CB  . VAL A 58 ? 0.2598 0.2643 0.2520 0.0000  -0.0047 0.0158  56  VAL A CB  
442 C CG1 . VAL A 58 ? 0.2643 0.2663 0.2562 0.0015  -0.0043 0.0122  56  VAL A CG1 
443 C CG2 . VAL A 58 ? 0.2720 0.2799 0.2700 0.0015  -0.0036 0.0169  56  VAL A CG2 
444 O OXT . VAL A 58 ? 0.3413 0.3526 0.3378 -0.0037 -0.0056 0.0248  56  VAL A OXT 
445 C C   . ACT B .  ? 0.1405 0.1270 0.1134 -0.0085 -0.0042 0.0067  101 ACT A C   
446 O O   . ACT B .  ? 0.1548 0.1447 0.1260 -0.0106 -0.0045 0.0074  101 ACT A O   
447 O OXT . ACT B .  ? 0.1220 0.1085 0.0970 -0.0064 -0.0044 0.0079  101 ACT A OXT 
448 C CH3 . ACT B .  ? 0.1553 0.1373 0.1278 -0.0086 -0.0030 0.0040  101 ACT A CH3 
449 C C   . ACT C .  ? 0.1690 0.1318 0.1663 0.0067  0.0056  0.0102  102 ACT A C   
450 O O   . ACT C .  ? 0.1823 0.1450 0.1806 0.0058  0.0052  0.0104  102 ACT A O   
451 O OXT . ACT C .  ? 0.1595 0.1225 0.1592 0.0076  0.0056  0.0124  102 ACT A OXT 
452 C CH3 . ACT C .  ? 0.1771 0.1406 0.1707 0.0064  0.0058  0.0075  102 ACT A CH3 
453 C C   . ACT D .  ? 0.1724 0.1725 0.2246 0.0118  0.0014  0.0090  103 ACT A C   
454 O O   . ACT D .  ? 0.1701 0.1723 0.2154 0.0109  0.0012  0.0103  103 ACT A O   
455 O OXT . ACT D .  ? 0.1757 0.1750 0.2294 0.0112  0.0002  0.0120  103 ACT A OXT 
456 C CH3 . ACT D .  ? 0.1814 0.1805 0.2420 0.0137  0.0032  0.0032  103 ACT A CH3 
457 C C   . ACT E .  ? 0.1860 0.1475 0.2025 0.0062  0.0078  0.0198  104 ACT A C   
458 O O   . ACT E .  ? 0.1965 0.1619 0.2146 0.0053  0.0062  0.0231  104 ACT A O   
459 O OXT . ACT E .  ? 0.1704 0.1313 0.1809 0.0063  0.0075  0.0163  104 ACT A OXT 
460 C CH3 . ACT E .  ? 0.1999 0.1577 0.2235 0.0072  0.0108  0.0206  104 ACT A CH3 
464 C C   . ACT F .  ? 0.3235 0.3324 0.3555 0.0067  -0.0006 0.0201  105 ACT A C   
465 O O   . ACT F .  ? 0.3207 0.3311 0.3627 0.0074  0.0000  0.0232  105 ACT A O   
466 O OXT . ACT F .  ? 0.3183 0.3239 0.3447 0.0065  -0.0012 0.0169  105 ACT A OXT 
467 C CH3 . ACT F .  ? 0.3278 0.3392 0.3552 0.0060  -0.0005 0.0210  105 ACT A CH3 
# 
